data_1A1K
# 
_entry.id   1A1K 
# 
_audit_conform.dict_name       mmcif_pdbx.dic 
_audit_conform.dict_version    5.375 
_audit_conform.dict_location   http://mmcif.pdb.org/dictionaries/ascii/mmcif_pdbx.dic 
# 
loop_
_database_2.database_id 
_database_2.database_code 
_database_2.pdbx_database_accession 
_database_2.pdbx_DOI 
PDB   1A1K         pdb_00001a1k 10.2210/pdb1a1k/pdb 
RCSB  PDT058       ?            ?                   
WWPDB D_1000170278 ?            ?                   
# 
_pdbx_database_status.status_code                     REL 
_pdbx_database_status.entry_id                        1A1K 
_pdbx_database_status.recvd_initial_deposition_date   1997-12-10 
_pdbx_database_status.deposit_site                    BNL 
_pdbx_database_status.process_site                    NDB 
_pdbx_database_status.SG_entry                        . 
_pdbx_database_status.pdb_format_compatible           Y 
_pdbx_database_status.status_code_mr                  ? 
_pdbx_database_status.status_code_sf                  ? 
_pdbx_database_status.status_code_cs                  ? 
_pdbx_database_status.status_code_nmr_data            ? 
_pdbx_database_status.methods_development_category    ? 
# 
loop_
_audit_author.name 
_audit_author.pdbx_ordinal 
'Elrod-Erickson, M.' 1 
'Benson, T.E.'       2 
'Pabo, C.O.'         3 
# 
loop_
_citation.id 
_citation.title 
_citation.journal_abbrev 
_citation.journal_volume 
_citation.page_first 
_citation.page_last 
_citation.year 
_citation.journal_id_ASTM 
_citation.country 
_citation.journal_id_ISSN 
_citation.journal_id_CSD 
_citation.book_publisher 
_citation.pdbx_database_id_PubMed 
_citation.pdbx_database_id_DOI 
primary 'High-resolution structures of variant Zif268-DNA complexes: implications for understanding zinc finger-DNA recognition.' 
Structure 6   451  464 1998 STRUE6 UK 0969-2126 2005 ? 9562555 '10.1016/S0969-2126(98)00047-1' 
1       'Zif268 Protein-DNA Complex Refined at 1.6 A: A Model System for Understanding Zinc Finger-DNA Interactions'              
Structure 4   1171 ?   1996 STRUE6 UK 0969-2126 2005 ? ?       ?                               
2       'Zinc Finger Phage: Affinity Selection of Fingers with New DNA-Binding Specificities'                                     
Science   263 671  ?   1994 SCIEAS US 0036-8075 0038 ? ?       ?                               
3       'Zinc Finger-DNA Recognition: Crystal Structure of a Zif268-DNA Complex at 2.1 A'                                         
Science   252 809  ?   1991 SCIEAS US 0036-8075 0038 ? ?       ?                               
# 
loop_
_citation_author.citation_id 
_citation_author.name 
_citation_author.ordinal 
_citation_author.identifier_ORCID 
primary 'Elrod-Erickson, M.' 1  ? 
primary 'Benson, T.E.'       2  ? 
primary 'Pabo, C.O.'         3  ? 
1       'Elrod-Erickson, M.' 4  ? 
1       'Rould, M.A.'        5  ? 
1       'Nekludova, L.'      6  ? 
1       'Pabo, C.O.'         7  ? 
2       'Rebar, E.J.'        8  ? 
2       'Pabo, C.O.'         9  ? 
3       'Pavletich, N.P.'    10 ? 
3       'Pabo, C.O.'         11 ? 
# 
_cell.entry_id           1A1K 
_cell.length_a           42.700 
_cell.length_b           55.500 
_cell.length_c           130.400 
_cell.angle_alpha        90.00 
_cell.angle_beta         90.00 
_cell.angle_gamma        90.00 
_cell.Z_PDB              8 
_cell.pdbx_unique_axis   ? 
# 
_symmetry.entry_id                         1A1K 
_symmetry.space_group_name_H-M             'C 2 2 21' 
_symmetry.pdbx_full_space_group_name_H-M   ? 
_symmetry.cell_setting                     ? 
_symmetry.Int_Tables_number                20 
# 
loop_
_entity.id 
_entity.type 
_entity.src_method 
_entity.pdbx_description 
_entity.formula_weight 
_entity.pdbx_number_of_molecules 
_entity.pdbx_ec 
_entity.pdbx_mutation 
_entity.pdbx_fragment 
_entity.details 
1 polymer     syn 
;DNA (5'-D(*AP*GP*CP*GP*TP*GP*GP*GP*AP*CP*C)-3')
;
3399.223  1   ? ? ?             ? 
2 polymer     syn 
;DNA (5'-D(*TP*GP*GP*TP*CP*CP*CP*AP*CP*GP*C)-3')
;
3310.161  1   ? ? ?             ? 
3 polymer     man 'RADR ZIF268 VARIANT'                             10795.463 1   ? ? 'ZINC FINGER' ? 
4 non-polymer syn 'ZINC ION'                                        65.409    3   ? ? ?             ? 
5 water       nat water                                             18.015    121 ? ? ?             ? 
# 
loop_
_entity_poly.entity_id 
_entity_poly.type 
_entity_poly.nstd_linkage 
_entity_poly.nstd_monomer 
_entity_poly.pdbx_seq_one_letter_code 
_entity_poly.pdbx_seq_one_letter_code_can 
_entity_poly.pdbx_strand_id 
_entity_poly.pdbx_target_identifier 
1 polydeoxyribonucleotide no no '(DA)(DG)(DC)(DG)(DT)(DG)(DG)(DG)(DA)(DC)(DC)'                                                
AGCGTGGGACC                                                                                   B ? 
2 polydeoxyribonucleotide no no '(DT)(DG)(DG)(DT)(DC)(DC)(DC)(DA)(DC)(DG)(DC)'                                                
TGGTCCCACGC                                                                                   C ? 
3 'polypeptide(L)'        no no 
;MERPYACPVESCDRRFSRSADLTRHIRIHTGQKPFQCRICMRNFSRSDHLTTHIRTHTGEKPFACDICGRKFARSDERKR
HTKIHLRQKD
;
;MERPYACPVESCDRRFSRSADLTRHIRIHTGQKPFQCRICMRNFSRSDHLTTHIRTHTGEKPFACDICGRKFARSDERKR
HTKIHLRQKD
;
A ? 
# 
loop_
_entity_poly_seq.entity_id 
_entity_poly_seq.num 
_entity_poly_seq.mon_id 
_entity_poly_seq.hetero 
1 1  DA  n 
1 2  DG  n 
1 3  DC  n 
1 4  DG  n 
1 5  DT  n 
1 6  DG  n 
1 7  DG  n 
1 8  DG  n 
1 9  DA  n 
1 10 DC  n 
1 11 DC  n 
2 1  DT  n 
2 2  DG  n 
2 3  DG  n 
2 4  DT  n 
2 5  DC  n 
2 6  DC  n 
2 7  DC  n 
2 8  DA  n 
2 9  DC  n 
2 10 DG  n 
2 11 DC  n 
3 1  MET n 
3 2  GLU n 
3 3  ARG n 
3 4  PRO n 
3 5  TYR n 
3 6  ALA n 
3 7  CYS n 
3 8  PRO n 
3 9  VAL n 
3 10 GLU n 
3 11 SER n 
3 12 CYS n 
3 13 ASP n 
3 14 ARG n 
3 15 ARG n 
3 16 PHE n 
3 17 SER n 
3 18 ARG n 
3 19 SER n 
3 20 ALA n 
3 21 ASP n 
3 22 LEU n 
3 23 THR n 
3 24 ARG n 
3 25 HIS n 
3 26 ILE n 
3 27 ARG n 
3 28 ILE n 
3 29 HIS n 
3 30 THR n 
3 31 GLY n 
3 32 GLN n 
3 33 LYS n 
3 34 PRO n 
3 35 PHE n 
3 36 GLN n 
3 37 CYS n 
3 38 ARG n 
3 39 ILE n 
3 40 CYS n 
3 41 MET n 
3 42 ARG n 
3 43 ASN n 
3 44 PHE n 
3 45 SER n 
3 46 ARG n 
3 47 SER n 
3 48 ASP n 
3 49 HIS n 
3 50 LEU n 
3 51 THR n 
3 52 THR n 
3 53 HIS n 
3 54 ILE n 
3 55 ARG n 
3 56 THR n 
3 57 HIS n 
3 58 THR n 
3 59 GLY n 
3 60 GLU n 
3 61 LYS n 
3 62 PRO n 
3 63 PHE n 
3 64 ALA n 
3 65 CYS n 
3 66 ASP n 
3 67 ILE n 
3 68 CYS n 
3 69 GLY n 
3 70 ARG n 
3 71 LYS n 
3 72 PHE n 
3 73 ALA n 
3 74 ARG n 
3 75 SER n 
3 76 ASP n 
3 77 GLU n 
3 78 ARG n 
3 79 LYS n 
3 80 ARG n 
3 81 HIS n 
3 82 THR n 
3 83 LYS n 
3 84 ILE n 
3 85 HIS n 
3 86 LEU n 
3 87 ARG n 
3 88 GLN n 
3 89 LYS n 
3 90 ASP n 
# 
_entity_src_gen.entity_id                          3 
_entity_src_gen.pdbx_src_id                        1 
_entity_src_gen.pdbx_alt_source_flag               sample 
_entity_src_gen.pdbx_seq_type                      ? 
_entity_src_gen.pdbx_beg_seq_num                   ? 
_entity_src_gen.pdbx_end_seq_num                   ? 
_entity_src_gen.gene_src_common_name               'house mouse' 
_entity_src_gen.gene_src_genus                     Mus 
_entity_src_gen.pdbx_gene_src_gene                 ? 
_entity_src_gen.gene_src_species                   ? 
_entity_src_gen.gene_src_strain                    ? 
_entity_src_gen.gene_src_tissue                    ? 
_entity_src_gen.gene_src_tissue_fraction           ? 
_entity_src_gen.gene_src_details                   ? 
_entity_src_gen.pdbx_gene_src_fragment             ? 
_entity_src_gen.pdbx_gene_src_scientific_name      'Mus musculus' 
_entity_src_gen.pdbx_gene_src_ncbi_taxonomy_id     10090 
_entity_src_gen.pdbx_gene_src_variant              ? 
_entity_src_gen.pdbx_gene_src_cell_line            ? 
_entity_src_gen.pdbx_gene_src_atcc                 ? 
_entity_src_gen.pdbx_gene_src_organ                ? 
_entity_src_gen.pdbx_gene_src_organelle            ? 
_entity_src_gen.pdbx_gene_src_cell                 ? 
_entity_src_gen.pdbx_gene_src_cellular_location    ? 
_entity_src_gen.host_org_common_name               ? 
_entity_src_gen.pdbx_host_org_scientific_name      'Escherichia coli BL21(DE3)' 
_entity_src_gen.pdbx_host_org_ncbi_taxonomy_id     469008 
_entity_src_gen.host_org_genus                     Escherichia 
_entity_src_gen.pdbx_host_org_gene                 ? 
_entity_src_gen.pdbx_host_org_organ                ? 
_entity_src_gen.host_org_species                   'Escherichia coli' 
_entity_src_gen.pdbx_host_org_tissue               ? 
_entity_src_gen.pdbx_host_org_tissue_fraction      ? 
_entity_src_gen.pdbx_host_org_strain               'BL21 (DE3)' 
_entity_src_gen.pdbx_host_org_variant              ? 
_entity_src_gen.pdbx_host_org_cell_line            ? 
_entity_src_gen.pdbx_host_org_atcc                 ? 
_entity_src_gen.pdbx_host_org_culture_collection   ? 
_entity_src_gen.pdbx_host_org_cell                 ? 
_entity_src_gen.pdbx_host_org_organelle            ? 
_entity_src_gen.pdbx_host_org_cellular_location    ? 
_entity_src_gen.pdbx_host_org_vector_type          ? 
_entity_src_gen.pdbx_host_org_vector               ? 
_entity_src_gen.host_org_details                   ? 
_entity_src_gen.expression_system_id               ? 
_entity_src_gen.plasmid_name                       PRADR 
_entity_src_gen.plasmid_details                    ? 
_entity_src_gen.pdbx_description                   ? 
# 
loop_
_struct_ref.id 
_struct_ref.db_name 
_struct_ref.db_code 
_struct_ref.entity_id 
_struct_ref.pdbx_seq_one_letter_code 
_struct_ref.pdbx_align_begin 
_struct_ref.pdbx_db_accession 
_struct_ref.pdbx_db_isoform 
1 UNP EGR1_MOUSE 3 ? ? P08046 ? 
2 PDB 1A1K       1 ? ? 1A1K   ? 
3 PDB 1A1K       2 ? ? 1A1K   ? 
# 
loop_
_struct_ref_seq.align_id 
_struct_ref_seq.ref_id 
_struct_ref_seq.pdbx_PDB_id_code 
_struct_ref_seq.pdbx_strand_id 
_struct_ref_seq.seq_align_beg 
_struct_ref_seq.pdbx_seq_align_beg_ins_code 
_struct_ref_seq.seq_align_end 
_struct_ref_seq.pdbx_seq_align_end_ins_code 
_struct_ref_seq.pdbx_db_accession 
_struct_ref_seq.db_align_beg 
_struct_ref_seq.pdbx_db_align_beg_ins_code 
_struct_ref_seq.db_align_end 
_struct_ref_seq.pdbx_db_align_end_ins_code 
_struct_ref_seq.pdbx_auth_seq_align_beg 
_struct_ref_seq.pdbx_auth_seq_align_end 
1 1 1A1K A 2 ? 90 ? P08046 308 ? 396 ? 102 190 
2 2 1A1K B 1 ? 11 ? 1A1K   1   ? 11  ? 1   11  
3 3 1A1K C 1 ? 11 ? 1A1K   51  ? 61  ? 51  61  
# 
loop_
_struct_ref_seq_dif.align_id 
_struct_ref_seq_dif.pdbx_pdb_id_code 
_struct_ref_seq_dif.mon_id 
_struct_ref_seq_dif.pdbx_pdb_strand_id 
_struct_ref_seq_dif.seq_num 
_struct_ref_seq_dif.pdbx_pdb_ins_code 
_struct_ref_seq_dif.pdbx_seq_db_name 
_struct_ref_seq_dif.pdbx_seq_db_accession_code 
_struct_ref_seq_dif.db_mon_id 
_struct_ref_seq_dif.pdbx_seq_db_seq_num 
_struct_ref_seq_dif.details 
_struct_ref_seq_dif.pdbx_auth_seq_num 
_struct_ref_seq_dif.pdbx_ordinal 
1 1A1K ALA A 20 ? UNP P08046 ASP 326 variant 120 1 
1 1A1K ASP A 21 ? UNP P08046 GLU 327 variant 121 2 
# 
loop_
_chem_comp.id 
_chem_comp.type 
_chem_comp.mon_nstd_flag 
_chem_comp.name 
_chem_comp.pdbx_synonyms 
_chem_comp.formula 
_chem_comp.formula_weight 
ALA 'L-peptide linking' y ALANINE                              ? 'C3 H7 N O2'      89.093  
ARG 'L-peptide linking' y ARGININE                             ? 'C6 H15 N4 O2 1'  175.209 
ASN 'L-peptide linking' y ASPARAGINE                           ? 'C4 H8 N2 O3'     132.118 
ASP 'L-peptide linking' y 'ASPARTIC ACID'                      ? 'C4 H7 N O4'      133.103 
CYS 'L-peptide linking' y CYSTEINE                             ? 'C3 H7 N O2 S'    121.158 
DA  'DNA linking'       y "2'-DEOXYADENOSINE-5'-MONOPHOSPHATE" ? 'C10 H14 N5 O6 P' 331.222 
DC  'DNA linking'       y "2'-DEOXYCYTIDINE-5'-MONOPHOSPHATE"  ? 'C9 H14 N3 O7 P'  307.197 
DG  'DNA linking'       y "2'-DEOXYGUANOSINE-5'-MONOPHOSPHATE" ? 'C10 H14 N5 O7 P' 347.221 
DT  'DNA linking'       y "THYMIDINE-5'-MONOPHOSPHATE"         ? 'C10 H15 N2 O8 P' 322.208 
GLN 'L-peptide linking' y GLUTAMINE                            ? 'C5 H10 N2 O3'    146.144 
GLU 'L-peptide linking' y 'GLUTAMIC ACID'                      ? 'C5 H9 N O4'      147.129 
GLY 'peptide linking'   y GLYCINE                              ? 'C2 H5 N O2'      75.067  
HIS 'L-peptide linking' y HISTIDINE                            ? 'C6 H10 N3 O2 1'  156.162 
HOH non-polymer         . WATER                                ? 'H2 O'            18.015  
ILE 'L-peptide linking' y ISOLEUCINE                           ? 'C6 H13 N O2'     131.173 
LEU 'L-peptide linking' y LEUCINE                              ? 'C6 H13 N O2'     131.173 
LYS 'L-peptide linking' y LYSINE                               ? 'C6 H15 N2 O2 1'  147.195 
MET 'L-peptide linking' y METHIONINE                           ? 'C5 H11 N O2 S'   149.211 
PHE 'L-peptide linking' y PHENYLALANINE                        ? 'C9 H11 N O2'     165.189 
PRO 'L-peptide linking' y PROLINE                              ? 'C5 H9 N O2'      115.130 
SER 'L-peptide linking' y SERINE                               ? 'C3 H7 N O3'      105.093 
THR 'L-peptide linking' y THREONINE                            ? 'C4 H9 N O3'      119.119 
TYR 'L-peptide linking' y TYROSINE                             ? 'C9 H11 N O3'     181.189 
VAL 'L-peptide linking' y VALINE                               ? 'C5 H11 N O2'     117.146 
ZN  non-polymer         . 'ZINC ION'                           ? 'Zn 2'            65.409  
# 
_exptl.entry_id          1A1K 
_exptl.method            'X-RAY DIFFRACTION' 
_exptl.crystals_number   1 
# 
_exptl_crystal.id                    1 
_exptl_crystal.density_meas          ? 
_exptl_crystal.density_Matthews      2.21 
_exptl_crystal.density_percent_sol   44.26 
_exptl_crystal.description           ? 
# 
_exptl_crystal_grow.crystal_id      1 
_exptl_crystal_grow.method          ? 
_exptl_crystal_grow.temp            ? 
_exptl_crystal_grow.temp_details    ? 
_exptl_crystal_grow.pH              6.2 
_exptl_crystal_grow.pdbx_details    '25% PEG 1450, 25 MM MES PH 6.2' 
_exptl_crystal_grow.pdbx_pH_range   ? 
# 
loop_
_exptl_crystal_grow_comp.crystal_id 
_exptl_crystal_grow_comp.id 
_exptl_crystal_grow_comp.sol_id 
_exptl_crystal_grow_comp.name 
_exptl_crystal_grow_comp.volume 
_exptl_crystal_grow_comp.conc 
_exptl_crystal_grow_comp.details 
1 1 1 WATER      ? ? ? 
1 2 1 NACL       ? ? ? 
1 3 1 MES        ? ? ? 
1 4 1 'PEG 3350' ? ? ? 
1 5 2 WATER      ? ? ? 
1 6 2 NACL       ? ? ? 
1 7 2 MES        ? ? ? 
1 8 2 'PEG 3350' ? ? ? 
# 
_diffrn.id                     1 
_diffrn.ambient_temp           130.00 
_diffrn.ambient_temp_details   ? 
_diffrn.crystal_id             1 
# 
_diffrn_detector.diffrn_id              1 
_diffrn_detector.detector               'IMAGE PLATE' 
_diffrn_detector.type                   'RIGAKU RAXIS IIC' 
_diffrn_detector.pdbx_collection_date   1997-06 
_diffrn_detector.details                'YALE MIRRORS' 
# 
_diffrn_radiation.diffrn_id                        1 
_diffrn_radiation.wavelength_id                    1 
_diffrn_radiation.pdbx_monochromatic_or_laue_m_l   M 
_diffrn_radiation.monochromator                    'YALE MIRRORS' 
_diffrn_radiation.pdbx_diffrn_protocol             ? 
_diffrn_radiation.pdbx_scattering_type             x-ray 
# 
_diffrn_radiation_wavelength.id           1 
_diffrn_radiation_wavelength.wavelength   . 
_diffrn_radiation_wavelength.wt           1.0 
# 
_diffrn_source.diffrn_id                   1 
_diffrn_source.source                      'ROTATING ANODE' 
_diffrn_source.type                        'RIGAKU RU200' 
_diffrn_source.pdbx_synchrotron_site       ? 
_diffrn_source.pdbx_synchrotron_beamline   ? 
_diffrn_source.pdbx_wavelength             ? 
_diffrn_source.pdbx_wavelength_list        ? 
# 
_reflns.entry_id                     1A1K 
_reflns.observed_criterion_sigma_I   -2.000 
_reflns.observed_criterion_sigma_F   ? 
_reflns.d_resolution_low             20.000 
_reflns.d_resolution_high            1.900 
_reflns.number_obs                   23142 
_reflns.number_all                   ? 
_reflns.percent_possible_obs         79.900 
_reflns.pdbx_Rmerge_I_obs            ? 
_reflns.pdbx_Rsym_value              0.0340000 
_reflns.pdbx_netI_over_sigmaI        24.7000 
_reflns.B_iso_Wilson_estimate        ? 
_reflns.pdbx_redundancy              2.300 
_reflns.pdbx_diffrn_id               1 
_reflns.pdbx_ordinal                 1 
# 
_reflns_shell.d_res_high             1.900 
_reflns_shell.d_res_low              1.970 
_reflns_shell.percent_possible_all   63.80 
_reflns_shell.Rmerge_I_obs           ? 
_reflns_shell.pdbx_Rsym_value        0.2580000 
_reflns_shell.meanI_over_sigI_obs    3.100 
_reflns_shell.pdbx_redundancy        1.900 
_reflns_shell.pdbx_diffrn_id         ? 
_reflns_shell.pdbx_ordinal           1 
# 
_refine.entry_id                                 1A1K 
_refine.ls_number_reflns_obs                     9890 
_refine.ls_number_reflns_all                     ? 
_refine.pdbx_ls_sigma_I                          ? 
_refine.pdbx_ls_sigma_F                          0.000 
_refine.pdbx_data_cutoff_high_absF               100000.000 
_refine.pdbx_data_cutoff_low_absF                0.0000 
_refine.pdbx_data_cutoff_high_rms_absF           ? 
_refine.ls_d_res_low                             20.000 
_refine.ls_d_res_high                            1.900 
_refine.ls_percent_reflns_obs                    78.500 
_refine.ls_R_factor_obs                          0.2100000 
_refine.ls_R_factor_all                          ? 
_refine.ls_R_factor_R_work                       0.2100000 
_refine.ls_R_factor_R_free                       0.2590000 
_refine.ls_R_factor_R_free_error                 0.008 
_refine.ls_R_factor_R_free_error_details         ? 
_refine.ls_percent_reflns_R_free                 10.900 
_refine.ls_number_reflns_R_free                  1079 
_refine.ls_number_parameters                     ? 
_refine.ls_number_restraints                     ? 
_refine.occupancy_min                            ? 
_refine.occupancy_max                            ? 
_refine.B_iso_mean                               31.90 
_refine.aniso_B[1][1]                            0.7290 
_refine.aniso_B[2][2]                            9.6540 
_refine.aniso_B[3][3]                            4.5260 
_refine.aniso_B[1][2]                            0.0000 
_refine.aniso_B[1][3]                            0.0000 
_refine.aniso_B[2][3]                            0.0000 
_refine.solvent_model_details                    ? 
_refine.solvent_model_param_ksol                 ? 
_refine.solvent_model_param_bsol                 ? 
_refine.pdbx_ls_cross_valid_method               THROUGHOUT 
_refine.details                                  ? 
_refine.pdbx_starting_model                      'PDB ENTRY 1AAY, WITHOUT WATERS AND WITHOUT SIDE CHAINS FOR RESIDUES 18 - 24' 
_refine.pdbx_method_to_determine_struct          'ISOMORPHOUS MOLECULAR REPLACEMENT' 
_refine.pdbx_isotropic_thermal_model             'RESTRAINED INDIVIDUAL' 
_refine.pdbx_stereochemistry_target_values       ? 
_refine.pdbx_stereochem_target_val_spec_case     ? 
_refine.pdbx_R_Free_selection_details            BASED 
_refine.pdbx_overall_ESU_R                       ? 
_refine.pdbx_overall_ESU_R_Free                  ? 
_refine.overall_SU_ML                            ? 
_refine.overall_SU_B                             ? 
_refine.pdbx_refine_id                           'X-RAY DIFFRACTION' 
_refine.pdbx_diffrn_id                           1 
_refine.pdbx_TLS_residual_ADP_flag               ? 
_refine.correlation_coeff_Fo_to_Fc               ? 
_refine.correlation_coeff_Fo_to_Fc_free          ? 
_refine.pdbx_solvent_vdw_probe_radii             ? 
_refine.pdbx_solvent_ion_probe_radii             ? 
_refine.pdbx_solvent_shrinkage_radii             ? 
_refine.pdbx_overall_phase_error                 ? 
_refine.overall_SU_R_Cruickshank_DPI             ? 
_refine.pdbx_overall_SU_R_free_Cruickshank_DPI   ? 
_refine.pdbx_overall_SU_R_Blow_DPI               ? 
_refine.pdbx_overall_SU_R_free_Blow_DPI          ? 
# 
_refine_hist.pdbx_refine_id                   'X-RAY DIFFRACTION' 
_refine_hist.cycle_id                         LAST 
_refine_hist.pdbx_number_atoms_protein        708 
_refine_hist.pdbx_number_atoms_nucleic_acid   445 
_refine_hist.pdbx_number_atoms_ligand         3 
_refine_hist.number_atoms_solvent             121 
_refine_hist.number_atoms_total               1277 
_refine_hist.d_res_high                       1.900 
_refine_hist.d_res_low                        20.000 
# 
loop_
_refine_ls_restr.type 
_refine_ls_restr.dev_ideal 
_refine_ls_restr.dev_ideal_target 
_refine_ls_restr.weight 
_refine_ls_restr.number 
_refine_ls_restr.pdbx_refine_id 
_refine_ls_restr.pdbx_restraint_function 
x_bond_d                0.006 ?     ? ? 'X-RAY DIFFRACTION' ? 
x_bond_d_na             ?     ?     ? ? 'X-RAY DIFFRACTION' ? 
x_bond_d_prot           ?     ?     ? ? 'X-RAY DIFFRACTION' ? 
x_angle_d               ?     ?     ? ? 'X-RAY DIFFRACTION' ? 
x_angle_d_na            ?     ?     ? ? 'X-RAY DIFFRACTION' ? 
x_angle_d_prot          ?     ?     ? ? 'X-RAY DIFFRACTION' ? 
x_angle_deg             1.14  ?     ? ? 'X-RAY DIFFRACTION' ? 
x_angle_deg_na          ?     ?     ? ? 'X-RAY DIFFRACTION' ? 
x_angle_deg_prot        ?     ?     ? ? 'X-RAY DIFFRACTION' ? 
x_dihedral_angle_d      19.8  ?     ? ? 'X-RAY DIFFRACTION' ? 
x_dihedral_angle_d_na   ?     ?     ? ? 'X-RAY DIFFRACTION' ? 
x_dihedral_angle_d_prot ?     ?     ? ? 'X-RAY DIFFRACTION' ? 
x_improper_angle_d      1.40  ?     ? ? 'X-RAY DIFFRACTION' ? 
x_improper_angle_d_na   ?     ?     ? ? 'X-RAY DIFFRACTION' ? 
x_improper_angle_d_prot ?     ?     ? ? 'X-RAY DIFFRACTION' ? 
x_mcbond_it             0.820 1.500 ? ? 'X-RAY DIFFRACTION' ? 
x_mcangle_it            1.449 2.000 ? ? 'X-RAY DIFFRACTION' ? 
x_scbond_it             1.395 2.000 ? ? 'X-RAY DIFFRACTION' ? 
x_scangle_it            2.385 2.500 ? ? 'X-RAY DIFFRACTION' ? 
# 
_refine_ls_shell.pdbx_total_number_of_bins_used   8 
_refine_ls_shell.d_res_high                       1.90 
_refine_ls_shell.d_res_low                        1.99 
_refine_ls_shell.number_reflns_R_work             773 
_refine_ls_shell.R_factor_R_work                  0.3300000 
_refine_ls_shell.percent_reflns_obs               58.20 
_refine_ls_shell.R_factor_R_free                  0.3230000 
_refine_ls_shell.R_factor_R_free_error            0.03 
_refine_ls_shell.percent_reflns_R_free            13.30 
_refine_ls_shell.number_reflns_R_free             119 
_refine_ls_shell.pdbx_refine_id                   'X-RAY DIFFRACTION' 
_refine_ls_shell.number_reflns_all                ? 
_refine_ls_shell.R_factor_all                     ? 
# 
loop_
_pdbx_xplor_file.serial_no 
_pdbx_xplor_file.param_file 
_pdbx_xplor_file.topol_file 
_pdbx_xplor_file.pdbx_refine_id 
1 PARHCSDX.PRO TOPHCSDX.PRO 'X-RAY DIFFRACTION' 
2 PARNDBX.DNA  TOPNDBX.DNA  'X-RAY DIFFRACTION' 
# 
_struct.entry_id                  1A1K 
_struct.title                     'RADR (ZIF268 VARIANT) ZINC FINGER-DNA COMPLEX (GACC SITE)' 
_struct.pdbx_model_details        ? 
_struct.pdbx_CASP_flag            ? 
_struct.pdbx_model_type_details   ? 
# 
_struct_keywords.entry_id        1A1K 
_struct_keywords.pdbx_keywords   TRANSCRIPTION/DNA 
_struct_keywords.text            'COMPLEX (ZINC FINGER-DNA), ZINC FINGER, DNA-BINDING PROTEIN, TRANSCRIPTION-DNA COMPLEX' 
# 
loop_
_struct_asym.id 
_struct_asym.pdbx_blank_PDB_chainid_flag 
_struct_asym.pdbx_modified 
_struct_asym.entity_id 
_struct_asym.details 
A N N 1 ? 
B N N 2 ? 
C N N 3 ? 
D N N 4 ? 
E N N 4 ? 
F N N 4 ? 
G N N 5 ? 
H N N 5 ? 
I N N 5 ? 
# 
loop_
_struct_biol.id 
1 
0 
# 
loop_
_struct_conf.conf_type_id 
_struct_conf.id 
_struct_conf.pdbx_PDB_helix_id 
_struct_conf.beg_label_comp_id 
_struct_conf.beg_label_asym_id 
_struct_conf.beg_label_seq_id 
_struct_conf.pdbx_beg_PDB_ins_code 
_struct_conf.end_label_comp_id 
_struct_conf.end_label_asym_id 
_struct_conf.end_label_seq_id 
_struct_conf.pdbx_end_PDB_ins_code 
_struct_conf.beg_auth_comp_id 
_struct_conf.beg_auth_asym_id 
_struct_conf.beg_auth_seq_id 
_struct_conf.end_auth_comp_id 
_struct_conf.end_auth_asym_id 
_struct_conf.end_auth_seq_id 
_struct_conf.pdbx_PDB_helix_class 
_struct_conf.details 
_struct_conf.pdbx_PDB_helix_length 
HELX_P HELX_P1 1 SER C 19 ? THR C 30 ? SER A 119 THR A 130 1 ? 12 
HELX_P HELX_P2 2 SER C 47 ? THR C 58 ? SER A 147 THR A 158 1 ? 12 
HELX_P HELX_P3 3 SER C 75 ? HIS C 85 ? SER A 175 HIS A 185 1 ? 11 
# 
_struct_conf_type.id          HELX_P 
_struct_conf_type.criteria    ? 
_struct_conf_type.reference   ? 
# 
loop_
_struct_conn.id 
_struct_conn.conn_type_id 
_struct_conn.pdbx_leaving_atom_flag 
_struct_conn.pdbx_PDB_id 
_struct_conn.ptnr1_label_asym_id 
_struct_conn.ptnr1_label_comp_id 
_struct_conn.ptnr1_label_seq_id 
_struct_conn.ptnr1_label_atom_id 
_struct_conn.pdbx_ptnr1_label_alt_id 
_struct_conn.pdbx_ptnr1_PDB_ins_code 
_struct_conn.pdbx_ptnr1_standard_comp_id 
_struct_conn.ptnr1_symmetry 
_struct_conn.ptnr2_label_asym_id 
_struct_conn.ptnr2_label_comp_id 
_struct_conn.ptnr2_label_seq_id 
_struct_conn.ptnr2_label_atom_id 
_struct_conn.pdbx_ptnr2_label_alt_id 
_struct_conn.pdbx_ptnr2_PDB_ins_code 
_struct_conn.ptnr1_auth_asym_id 
_struct_conn.ptnr1_auth_comp_id 
_struct_conn.ptnr1_auth_seq_id 
_struct_conn.ptnr2_auth_asym_id 
_struct_conn.ptnr2_auth_comp_id 
_struct_conn.ptnr2_auth_seq_id 
_struct_conn.ptnr2_symmetry 
_struct_conn.pdbx_ptnr3_label_atom_id 
_struct_conn.pdbx_ptnr3_label_seq_id 
_struct_conn.pdbx_ptnr3_label_comp_id 
_struct_conn.pdbx_ptnr3_label_asym_id 
_struct_conn.pdbx_ptnr3_label_alt_id 
_struct_conn.pdbx_ptnr3_PDB_ins_code 
_struct_conn.details 
_struct_conn.pdbx_dist_value 
_struct_conn.pdbx_value_order 
_struct_conn.pdbx_role 
metalc1  metalc ? ? C CYS 7  SG  ? ? ? 1_555 D ZN .  ZN ? ? A CYS 107 A ZN 201 1_555 ? ? ? ? ? ? ?            2.304 ? ? 
metalc2  metalc ? ? C CYS 12 SG  ? ? ? 1_555 D ZN .  ZN ? ? A CYS 112 A ZN 201 1_555 ? ? ? ? ? ? ?            2.307 ? ? 
metalc3  metalc ? ? C HIS 25 NE2 ? ? ? 1_555 D ZN .  ZN ? ? A HIS 125 A ZN 201 1_555 ? ? ? ? ? ? ?            2.100 ? ? 
metalc4  metalc ? ? C HIS 29 NE2 ? ? ? 1_555 D ZN .  ZN ? ? A HIS 129 A ZN 201 1_555 ? ? ? ? ? ? ?            1.896 ? ? 
metalc5  metalc ? ? C CYS 37 SG  ? ? ? 1_555 E ZN .  ZN ? ? A CYS 137 A ZN 202 1_555 ? ? ? ? ? ? ?            2.058 ? ? 
metalc6  metalc ? ? C CYS 40 SG  ? ? ? 1_555 E ZN .  ZN ? ? A CYS 140 A ZN 202 1_555 ? ? ? ? ? ? ?            2.189 ? ? 
metalc7  metalc ? ? C HIS 53 NE2 ? ? ? 1_555 E ZN .  ZN ? ? A HIS 153 A ZN 202 1_555 ? ? ? ? ? ? ?            2.021 ? ? 
metalc8  metalc ? ? C HIS 57 NE2 ? ? ? 1_555 E ZN .  ZN ? ? A HIS 157 A ZN 202 1_555 ? ? ? ? ? ? ?            2.108 ? ? 
metalc9  metalc ? ? C CYS 65 SG  ? ? ? 1_555 F ZN .  ZN ? ? A CYS 165 A ZN 203 1_555 ? ? ? ? ? ? ?            2.164 ? ? 
metalc10 metalc ? ? C CYS 68 SG  ? ? ? 1_555 F ZN .  ZN ? ? A CYS 168 A ZN 203 1_555 ? ? ? ? ? ? ?            2.281 ? ? 
metalc11 metalc ? ? C HIS 81 NE2 ? ? ? 1_555 F ZN .  ZN ? ? A HIS 181 A ZN 203 1_555 ? ? ? ? ? ? ?            2.171 ? ? 
metalc12 metalc ? ? C HIS 85 NE2 ? ? ? 1_555 F ZN .  ZN ? ? A HIS 185 A ZN 203 1_555 ? ? ? ? ? ? ?            1.913 ? ? 
hydrog1  hydrog ? ? A DG  2  N1  ? ? ? 1_555 B DC 11 N3 ? ? B DG  2   C DC 61  1_555 ? ? ? ? ? ? WATSON-CRICK ?     ? ? 
hydrog2  hydrog ? ? A DG  2  N2  ? ? ? 1_555 B DC 11 O2 ? ? B DG  2   C DC 61  1_555 ? ? ? ? ? ? WATSON-CRICK ?     ? ? 
hydrog3  hydrog ? ? A DG  2  O6  ? ? ? 1_555 B DC 11 N4 ? ? B DG  2   C DC 61  1_555 ? ? ? ? ? ? WATSON-CRICK ?     ? ? 
hydrog4  hydrog ? ? A DC  3  N3  ? ? ? 1_555 B DG 10 N1 ? ? B DC  3   C DG 60  1_555 ? ? ? ? ? ? WATSON-CRICK ?     ? ? 
hydrog5  hydrog ? ? A DC  3  N4  ? ? ? 1_555 B DG 10 O6 ? ? B DC  3   C DG 60  1_555 ? ? ? ? ? ? WATSON-CRICK ?     ? ? 
hydrog6  hydrog ? ? A DC  3  O2  ? ? ? 1_555 B DG 10 N2 ? ? B DC  3   C DG 60  1_555 ? ? ? ? ? ? WATSON-CRICK ?     ? ? 
hydrog7  hydrog ? ? A DG  4  N1  ? ? ? 1_555 B DC 9  N3 ? ? B DG  4   C DC 59  1_555 ? ? ? ? ? ? WATSON-CRICK ?     ? ? 
hydrog8  hydrog ? ? A DG  4  N2  ? ? ? 1_555 B DC 9  O2 ? ? B DG  4   C DC 59  1_555 ? ? ? ? ? ? WATSON-CRICK ?     ? ? 
hydrog9  hydrog ? ? A DG  4  O6  ? ? ? 1_555 B DC 9  N4 ? ? B DG  4   C DC 59  1_555 ? ? ? ? ? ? WATSON-CRICK ?     ? ? 
hydrog10 hydrog ? ? A DT  5  N3  ? ? ? 1_555 B DA 8  N1 ? ? B DT  5   C DA 58  1_555 ? ? ? ? ? ? WATSON-CRICK ?     ? ? 
hydrog11 hydrog ? ? A DT  5  O4  ? ? ? 1_555 B DA 8  N6 ? ? B DT  5   C DA 58  1_555 ? ? ? ? ? ? WATSON-CRICK ?     ? ? 
hydrog12 hydrog ? ? A DG  6  N1  ? ? ? 1_555 B DC 7  N3 ? ? B DG  6   C DC 57  1_555 ? ? ? ? ? ? WATSON-CRICK ?     ? ? 
hydrog13 hydrog ? ? A DG  6  N2  ? ? ? 1_555 B DC 7  O2 ? ? B DG  6   C DC 57  1_555 ? ? ? ? ? ? WATSON-CRICK ?     ? ? 
hydrog14 hydrog ? ? A DG  6  O6  ? ? ? 1_555 B DC 7  N4 ? ? B DG  6   C DC 57  1_555 ? ? ? ? ? ? WATSON-CRICK ?     ? ? 
hydrog15 hydrog ? ? A DG  7  N1  ? ? ? 1_555 B DC 6  N3 ? ? B DG  7   C DC 56  1_555 ? ? ? ? ? ? WATSON-CRICK ?     ? ? 
hydrog16 hydrog ? ? A DG  7  N2  ? ? ? 1_555 B DC 6  O2 ? ? B DG  7   C DC 56  1_555 ? ? ? ? ? ? WATSON-CRICK ?     ? ? 
hydrog17 hydrog ? ? A DG  7  O6  ? ? ? 1_555 B DC 6  N4 ? ? B DG  7   C DC 56  1_555 ? ? ? ? ? ? WATSON-CRICK ?     ? ? 
hydrog18 hydrog ? ? A DG  8  N1  ? ? ? 1_555 B DC 5  N3 ? ? B DG  8   C DC 55  1_555 ? ? ? ? ? ? WATSON-CRICK ?     ? ? 
hydrog19 hydrog ? ? A DG  8  N2  ? ? ? 1_555 B DC 5  O2 ? ? B DG  8   C DC 55  1_555 ? ? ? ? ? ? WATSON-CRICK ?     ? ? 
hydrog20 hydrog ? ? A DG  8  O6  ? ? ? 1_555 B DC 5  N4 ? ? B DG  8   C DC 55  1_555 ? ? ? ? ? ? WATSON-CRICK ?     ? ? 
hydrog21 hydrog ? ? A DA  9  N1  ? ? ? 1_555 B DT 4  N3 ? ? B DA  9   C DT 54  1_555 ? ? ? ? ? ? WATSON-CRICK ?     ? ? 
hydrog22 hydrog ? ? A DA  9  N6  ? ? ? 1_555 B DT 4  O4 ? ? B DA  9   C DT 54  1_555 ? ? ? ? ? ? WATSON-CRICK ?     ? ? 
hydrog23 hydrog ? ? A DC  10 N3  ? ? ? 1_555 B DG 3  N1 ? ? B DC  10  C DG 53  1_555 ? ? ? ? ? ? WATSON-CRICK ?     ? ? 
hydrog24 hydrog ? ? A DC  10 N4  ? ? ? 1_555 B DG 3  O6 ? ? B DC  10  C DG 53  1_555 ? ? ? ? ? ? WATSON-CRICK ?     ? ? 
hydrog25 hydrog ? ? A DC  10 O2  ? ? ? 1_555 B DG 3  N2 ? ? B DC  10  C DG 53  1_555 ? ? ? ? ? ? WATSON-CRICK ?     ? ? 
hydrog26 hydrog ? ? A DC  11 N3  ? ? ? 1_555 B DG 2  N1 ? ? B DC  11  C DG 52  1_555 ? ? ? ? ? ? WATSON-CRICK ?     ? ? 
hydrog27 hydrog ? ? A DC  11 N4  ? ? ? 1_555 B DG 2  O6 ? ? B DC  11  C DG 52  1_555 ? ? ? ? ? ? WATSON-CRICK ?     ? ? 
hydrog28 hydrog ? ? A DC  11 O2  ? ? ? 1_555 B DG 2  N2 ? ? B DC  11  C DG 52  1_555 ? ? ? ? ? ? WATSON-CRICK ?     ? ? 
# 
loop_
_struct_conn_type.id 
_struct_conn_type.criteria 
_struct_conn_type.reference 
metalc ? ? 
hydrog ? ? 
# 
loop_
_struct_sheet.id 
_struct_sheet.type 
_struct_sheet.number_strands 
_struct_sheet.details 
A ? 2 ? 
B ? 2 ? 
C ? 2 ? 
# 
loop_
_struct_sheet_order.sheet_id 
_struct_sheet_order.range_id_1 
_struct_sheet_order.range_id_2 
_struct_sheet_order.offset 
_struct_sheet_order.sense 
A 1 2 ? anti-parallel 
B 1 2 ? anti-parallel 
C 1 2 ? anti-parallel 
# 
loop_
_struct_sheet_range.sheet_id 
_struct_sheet_range.id 
_struct_sheet_range.beg_label_comp_id 
_struct_sheet_range.beg_label_asym_id 
_struct_sheet_range.beg_label_seq_id 
_struct_sheet_range.pdbx_beg_PDB_ins_code 
_struct_sheet_range.end_label_comp_id 
_struct_sheet_range.end_label_asym_id 
_struct_sheet_range.end_label_seq_id 
_struct_sheet_range.pdbx_end_PDB_ins_code 
_struct_sheet_range.beg_auth_comp_id 
_struct_sheet_range.beg_auth_asym_id 
_struct_sheet_range.beg_auth_seq_id 
_struct_sheet_range.end_auth_comp_id 
_struct_sheet_range.end_auth_asym_id 
_struct_sheet_range.end_auth_seq_id 
A 1 TYR C 5  ? ALA C 6  ? TYR A 105 ALA A 106 
A 2 ARG C 15 ? PHE C 16 ? ARG A 115 PHE A 116 
B 1 PHE C 35 ? GLN C 36 ? PHE A 135 GLN A 136 
B 2 ASN C 43 ? PHE C 44 ? ASN A 143 PHE A 144 
C 1 PHE C 63 ? ALA C 64 ? PHE A 163 ALA A 164 
C 2 LYS C 71 ? PHE C 72 ? LYS A 171 PHE A 172 
# 
loop_
_pdbx_struct_sheet_hbond.sheet_id 
_pdbx_struct_sheet_hbond.range_id_1 
_pdbx_struct_sheet_hbond.range_id_2 
_pdbx_struct_sheet_hbond.range_1_label_atom_id 
_pdbx_struct_sheet_hbond.range_1_label_comp_id 
_pdbx_struct_sheet_hbond.range_1_label_asym_id 
_pdbx_struct_sheet_hbond.range_1_label_seq_id 
_pdbx_struct_sheet_hbond.range_1_PDB_ins_code 
_pdbx_struct_sheet_hbond.range_1_auth_atom_id 
_pdbx_struct_sheet_hbond.range_1_auth_comp_id 
_pdbx_struct_sheet_hbond.range_1_auth_asym_id 
_pdbx_struct_sheet_hbond.range_1_auth_seq_id 
_pdbx_struct_sheet_hbond.range_2_label_atom_id 
_pdbx_struct_sheet_hbond.range_2_label_comp_id 
_pdbx_struct_sheet_hbond.range_2_label_asym_id 
_pdbx_struct_sheet_hbond.range_2_label_seq_id 
_pdbx_struct_sheet_hbond.range_2_PDB_ins_code 
_pdbx_struct_sheet_hbond.range_2_auth_atom_id 
_pdbx_struct_sheet_hbond.range_2_auth_comp_id 
_pdbx_struct_sheet_hbond.range_2_auth_asym_id 
_pdbx_struct_sheet_hbond.range_2_auth_seq_id 
A 1 2 O TYR C 5  ? O TYR A 105 N PHE C 16 ? N PHE A 116 
B 1 2 O PHE C 35 ? O PHE A 135 N PHE C 44 ? N PHE A 144 
C 1 2 N PHE C 63 ? N PHE A 163 O PHE C 72 ? O PHE A 172 
# 
loop_
_struct_site.id 
_struct_site.pdbx_evidence_code 
_struct_site.pdbx_auth_asym_id 
_struct_site.pdbx_auth_comp_id 
_struct_site.pdbx_auth_seq_id 
_struct_site.pdbx_auth_ins_code 
_struct_site.pdbx_num_residues 
_struct_site.details 
AC1 Software A ZN 201 ? 4 'BINDING SITE FOR RESIDUE ZN A 201' 
AC2 Software A ZN 202 ? 4 'BINDING SITE FOR RESIDUE ZN A 202' 
AC3 Software A ZN 203 ? 4 'BINDING SITE FOR RESIDUE ZN A 203' 
# 
loop_
_struct_site_gen.id 
_struct_site_gen.site_id 
_struct_site_gen.pdbx_num_res 
_struct_site_gen.label_comp_id 
_struct_site_gen.label_asym_id 
_struct_site_gen.label_seq_id 
_struct_site_gen.pdbx_auth_ins_code 
_struct_site_gen.auth_comp_id 
_struct_site_gen.auth_asym_id 
_struct_site_gen.auth_seq_id 
_struct_site_gen.label_atom_id 
_struct_site_gen.label_alt_id 
_struct_site_gen.symmetry 
_struct_site_gen.details 
1  AC1 4 CYS C 7  ? CYS A 107 . ? 1_555 ? 
2  AC1 4 CYS C 12 ? CYS A 112 . ? 1_555 ? 
3  AC1 4 HIS C 25 ? HIS A 125 . ? 1_555 ? 
4  AC1 4 HIS C 29 ? HIS A 129 . ? 1_555 ? 
5  AC2 4 CYS C 37 ? CYS A 137 . ? 1_555 ? 
6  AC2 4 CYS C 40 ? CYS A 140 . ? 1_555 ? 
7  AC2 4 HIS C 53 ? HIS A 153 . ? 1_555 ? 
8  AC2 4 HIS C 57 ? HIS A 157 . ? 1_555 ? 
9  AC3 4 CYS C 65 ? CYS A 165 . ? 1_555 ? 
10 AC3 4 CYS C 68 ? CYS A 168 . ? 1_555 ? 
11 AC3 4 HIS C 81 ? HIS A 181 . ? 1_555 ? 
12 AC3 4 HIS C 85 ? HIS A 185 . ? 1_555 ? 
# 
_atom_sites.entry_id                    1A1K 
_atom_sites.fract_transf_matrix[1][1]   -0.01816598 
_atom_sites.fract_transf_matrix[1][2]   0.01009477 
_atom_sites.fract_transf_matrix[1][3]   0.01079547 
_atom_sites.fract_transf_matrix[2][1]   0.00447620 
_atom_sites.fract_transf_matrix[2][2]   0.01585575 
_atom_sites.fract_transf_matrix[2][3]   -0.00729431 
_atom_sites.fract_transf_matrix[3][1]   -0.00444922 
_atom_sites.fract_transf_matrix[3][2]   -0.00153004 
_atom_sites.fract_transf_matrix[3][3]   -0.00605615 
_atom_sites.fract_transf_vector[1]      0.105666 
_atom_sites.fract_transf_vector[2]      0.178243 
_atom_sites.fract_transf_vector[3]      0.368193 
# 
loop_
_atom_type.symbol 
C  
N  
O  
P  
S  
ZN 
# 
loop_
_atom_site.group_PDB 
_atom_site.id 
_atom_site.type_symbol 
_atom_site.label_atom_id 
_atom_site.label_alt_id 
_atom_site.label_comp_id 
_atom_site.label_asym_id 
_atom_site.label_entity_id 
_atom_site.label_seq_id 
_atom_site.pdbx_PDB_ins_code 
_atom_site.Cartn_x 
_atom_site.Cartn_y 
_atom_site.Cartn_z 
_atom_site.occupancy 
_atom_site.B_iso_or_equiv 
_atom_site.pdbx_formal_charge 
_atom_site.auth_seq_id 
_atom_site.auth_comp_id 
_atom_site.auth_asym_id 
_atom_site.auth_atom_id 
_atom_site.pdbx_PDB_model_num 
ATOM   1    O  "O5'" . DA  A 1 1  ? 2.254   17.109  3.754   1.00 27.55 ? 1   DA  B "O5'" 1 
ATOM   2    C  "C5'" . DA  A 1 1  ? 1.844   18.211  4.558   1.00 26.55 ? 1   DA  B "C5'" 1 
ATOM   3    C  "C4'" . DA  A 1 1  ? 0.422   18.013  5.024   1.00 26.33 ? 1   DA  B "C4'" 1 
ATOM   4    O  "O4'" . DA  A 1 1  ? -0.481  18.150  3.901   1.00 25.60 ? 1   DA  B "O4'" 1 
ATOM   5    C  "C3'" . DA  A 1 1  ? 0.139   16.637  5.624   1.00 26.81 ? 1   DA  B "C3'" 1 
ATOM   6    O  "O3'" . DA  A 1 1  ? -0.791  16.763  6.699   1.00 29.48 ? 1   DA  B "O3'" 1 
ATOM   7    C  "C2'" . DA  A 1 1  ? -0.502  15.882  4.478   1.00 25.77 ? 1   DA  B "C2'" 1 
ATOM   8    C  "C1'" . DA  A 1 1  ? -1.269  16.981  3.762   1.00 23.46 ? 1   DA  B "C1'" 1 
ATOM   9    N  N9    . DA  A 1 1  ? -1.434  16.736  2.336   1.00 20.97 ? 1   DA  B N9    1 
ATOM   10   C  C8    . DA  A 1 1  ? -2.593  16.477  1.647   1.00 19.69 ? 1   DA  B C8    1 
ATOM   11   N  N7    . DA  A 1 1  ? -2.415  16.321  0.359   1.00 18.98 ? 1   DA  B N7    1 
ATOM   12   C  C5    . DA  A 1 1  ? -1.047  16.480  0.186   1.00 19.46 ? 1   DA  B C5    1 
ATOM   13   C  C6    . DA  A 1 1  ? -0.226  16.417  -0.943  1.00 19.56 ? 1   DA  B C6    1 
ATOM   14   N  N6    . DA  A 1 1  ? -0.677  16.164  -2.177  1.00 21.29 ? 1   DA  B N6    1 
ATOM   15   N  N1    . DA  A 1 1  ? 1.102   16.617  -0.765  1.00 20.95 ? 1   DA  B N1    1 
ATOM   16   C  C2    . DA  A 1 1  ? 1.556   16.852  0.470   1.00 19.37 ? 1   DA  B C2    1 
ATOM   17   N  N3    . DA  A 1 1  ? 0.880   16.929  1.610   1.00 19.89 ? 1   DA  B N3    1 
ATOM   18   C  C4    . DA  A 1 1  ? -0.432  16.733  1.398   1.00 19.96 ? 1   DA  B C4    1 
ATOM   19   P  P     . DG  A 1 2  ? -1.104  15.497  7.631   1.00 32.18 ? 2   DG  B P     1 
ATOM   20   O  OP1   . DG  A 1 2  ? -1.887  15.948  8.816   1.00 31.80 ? 2   DG  B OP1   1 
ATOM   21   O  OP2   . DG  A 1 2  ? 0.179   14.763  7.819   1.00 31.51 ? 2   DG  B OP2   1 
ATOM   22   O  "O5'" . DG  A 1 2  ? -2.083  14.616  6.744   1.00 29.96 ? 2   DG  B "O5'" 1 
ATOM   23   C  "C5'" . DG  A 1 2  ? -3.456  14.965  6.644   1.00 26.96 ? 2   DG  B "C5'" 1 
ATOM   24   C  "C4'" . DG  A 1 2  ? -4.236  13.834  6.025   1.00 25.90 ? 2   DG  B "C4'" 1 
ATOM   25   O  "O4'" . DG  A 1 2  ? -4.040  13.795  4.599   1.00 25.21 ? 2   DG  B "O4'" 1 
ATOM   26   C  "C3'" . DG  A 1 2  ? -3.880  12.441  6.535   1.00 25.56 ? 2   DG  B "C3'" 1 
ATOM   27   O  "O3'" . DG  A 1 2  ? -5.093  11.701  6.613   1.00 27.79 ? 2   DG  B "O3'" 1 
ATOM   28   C  "C2'" . DG  A 1 2  ? -2.999  11.884  5.433   1.00 24.47 ? 2   DG  B "C2'" 1 
ATOM   29   C  "C1'" . DG  A 1 2  ? -3.672  12.482  4.218   1.00 22.85 ? 2   DG  B "C1'" 1 
ATOM   30   N  N9    . DG  A 1 2  ? -2.854  12.598  3.025   1.00 20.14 ? 2   DG  B N9    1 
ATOM   31   C  C8    . DG  A 1 2  ? -1.512  12.856  2.960   1.00 18.88 ? 2   DG  B C8    1 
ATOM   32   N  N7    . DG  A 1 2  ? -1.077  12.970  1.738   1.00 18.83 ? 2   DG  B N7    1 
ATOM   33   C  C5    . DG  A 1 2  ? -2.196  12.755  0.951   1.00 18.22 ? 2   DG  B C5    1 
ATOM   34   C  C6    . DG  A 1 2  ? -2.344  12.755  -0.458  1.00 18.78 ? 2   DG  B C6    1 
ATOM   35   O  O6    . DG  A 1 2  ? -1.484  12.951  -1.322  1.00 20.66 ? 2   DG  B O6    1 
ATOM   36   N  N1    . DG  A 1 2  ? -3.654  12.492  -0.836  1.00 18.42 ? 2   DG  B N1    1 
ATOM   37   C  C2    . DG  A 1 2  ? -4.683  12.250  0.030   1.00 18.02 ? 2   DG  B C2    1 
ATOM   38   N  N2    . DG  A 1 2  ? -5.860  11.995  -0.529  1.00 18.06 ? 2   DG  B N2    1 
ATOM   39   N  N3    . DG  A 1 2  ? -4.562  12.254  1.347   1.00 18.41 ? 2   DG  B N3    1 
ATOM   40   C  C4    . DG  A 1 2  ? -3.297  12.509  1.732   1.00 18.59 ? 2   DG  B C4    1 
ATOM   41   P  P     . DC  A 1 3  ? -5.111  10.274  7.332   1.00 28.71 ? 3   DC  B P     1 
ATOM   42   O  OP1   . DC  A 1 3  ? -6.438  10.129  7.981   1.00 28.75 ? 3   DC  B OP1   1 
ATOM   43   O  OP2   . DC  A 1 3  ? -3.864  10.107  8.128   1.00 29.21 ? 3   DC  B OP2   1 
ATOM   44   O  "O5'" . DC  A 1 3  ? -5.055  9.278   6.100   1.00 26.76 ? 3   DC  B "O5'" 1 
ATOM   45   C  "C5'" . DC  A 1 3  ? -6.067  9.338   5.095   1.00 23.17 ? 3   DC  B "C5'" 1 
ATOM   46   C  "C4'" . DC  A 1 3  ? -5.672  8.489   3.914   1.00 20.79 ? 3   DC  B "C4'" 1 
ATOM   47   O  "O4'" . DC  A 1 3  ? -4.775  9.191   3.016   1.00 20.27 ? 3   DC  B "O4'" 1 
ATOM   48   C  "C3'" . DC  A 1 3  ? -4.977  7.168   4.266   1.00 19.81 ? 3   DC  B "C3'" 1 
ATOM   49   O  "O3'" . DC  A 1 3  ? -5.489  6.170   3.399   1.00 20.01 ? 3   DC  B "O3'" 1 
ATOM   50   C  "C2'" . DC  A 1 3  ? -3.544  7.419   3.838   1.00 18.84 ? 3   DC  B "C2'" 1 
ATOM   51   C  "C1'" . DC  A 1 3  ? -3.843  8.223   2.596   1.00 18.39 ? 3   DC  B "C1'" 1 
ATOM   52   N  N1    . DC  A 1 3  ? -2.739  8.877   1.886   1.00 16.26 ? 3   DC  B N1    1 
ATOM   53   C  C2    . DC  A 1 3  ? -2.911  9.177   0.526   1.00 16.37 ? 3   DC  B C2    1 
ATOM   54   O  O2    . DC  A 1 3  ? -4.026  9.009   0.007   1.00 16.19 ? 3   DC  B O2    1 
ATOM   55   N  N3    . DC  A 1 3  ? -1.865  9.641   -0.186  1.00 15.54 ? 3   DC  B N3    1 
ATOM   56   C  C4    . DC  A 1 3  ? -0.689  9.827   0.410   1.00 15.13 ? 3   DC  B C4    1 
ATOM   57   N  N4    . DC  A 1 3  ? 0.325   10.237  -0.346  1.00 15.62 ? 3   DC  B N4    1 
ATOM   58   C  C5    . DC  A 1 3  ? -0.500  9.592   1.804   1.00 14.66 ? 3   DC  B C5    1 
ATOM   59   C  C6    . DC  A 1 3  ? -1.546  9.130   2.501   1.00 15.27 ? 3   DC  B C6    1 
ATOM   60   P  P     . DG  A 1 4  ? -5.894  4.737   3.976   1.00 21.25 ? 4   DG  B P     1 
ATOM   61   O  OP1   . DG  A 1 4  ? -6.826  4.921   5.097   1.00 21.89 ? 4   DG  B OP1   1 
ATOM   62   O  OP2   . DG  A 1 4  ? -4.667  3.931   4.172   1.00 22.14 ? 4   DG  B OP2   1 
ATOM   63   O  "O5'" . DG  A 1 4  ? -6.677  4.098   2.746   1.00 21.88 ? 4   DG  B "O5'" 1 
ATOM   64   C  "C5'" . DG  A 1 4  ? -7.758  4.812   2.113   1.00 21.56 ? 4   DG  B "C5'" 1 
ATOM   65   C  "C4'" . DG  A 1 4  ? -7.730  4.598   0.618   1.00 19.58 ? 4   DG  B "C4'" 1 
ATOM   66   O  "O4'" . DG  A 1 4  ? -6.725  5.432   -0.008  1.00 18.76 ? 4   DG  B "O4'" 1 
ATOM   67   C  "C3'" . DG  A 1 4  ? -7.427  3.164   0.200   1.00 19.60 ? 4   DG  B "C3'" 1 
ATOM   68   O  "O3'" . DG  A 1 4  ? -8.319  2.761   -0.828  1.00 20.35 ? 4   DG  B "O3'" 1 
ATOM   69   C  "C2'" . DG  A 1 4  ? -5.998  3.231   -0.311  1.00 19.11 ? 4   DG  B "C2'" 1 
ATOM   70   C  "C1'" . DG  A 1 4  ? -5.882  4.650   -0.834  1.00 17.72 ? 4   DG  B "C1'" 1 
ATOM   71   N  N9    . DG  A 1 4  ? -4.534  5.195   -0.722  1.00 17.22 ? 4   DG  B N9    1 
ATOM   72   C  C8    . DG  A 1 4  ? -3.868  5.484   0.440   1.00 14.94 ? 4   DG  B C8    1 
ATOM   73   N  N7    . DG  A 1 4  ? -2.680  5.972   0.239   1.00 15.21 ? 4   DG  B N7    1 
ATOM   74   C  C5    . DG  A 1 4  ? -2.545  6.006   -1.144  1.00 15.54 ? 4   DG  B C5    1 
ATOM   75   C  C6    . DG  A 1 4  ? -1.457  6.439   -1.960  1.00 15.12 ? 4   DG  B C6    1 
ATOM   76   O  O6    . DG  A 1 4  ? -0.364  6.889   -1.613  1.00 15.59 ? 4   DG  B O6    1 
ATOM   77   N  N1    . DG  A 1 4  ? -1.742  6.303   -3.312  1.00 15.84 ? 4   DG  B N1    1 
ATOM   78   C  C2    . DG  A 1 4  ? -2.915  5.816   -3.820  1.00 15.25 ? 4   DG  B C2    1 
ATOM   79   N  N2    . DG  A 1 4  ? -2.996  5.784   -5.154  1.00 15.88 ? 4   DG  B N2    1 
ATOM   80   N  N3    . DG  A 1 4  ? -3.930  5.399   -3.076  1.00 15.29 ? 4   DG  B N3    1 
ATOM   81   C  C4    . DG  A 1 4  ? -3.679  5.525   -1.754  1.00 15.80 ? 4   DG  B C4    1 
ATOM   82   P  P     . DT  A 1 5  ? -8.503  1.211   -1.146  1.00 20.88 ? 5   DT  B P     1 
ATOM   83   O  OP1   . DT  A 1 5  ? -9.758  1.079   -1.907  1.00 21.36 ? 5   DT  B OP1   1 
ATOM   84   O  OP2   . DT  A 1 5  ? -8.315  0.429   0.093   1.00 22.02 ? 5   DT  B OP2   1 
ATOM   85   O  "O5'" . DT  A 1 5  ? -7.264  0.903   -2.087  1.00 21.62 ? 5   DT  B "O5'" 1 
ATOM   86   C  "C5'" . DT  A 1 5  ? -7.084  1.610   -3.325  1.00 23.17 ? 5   DT  B "C5'" 1 
ATOM   87   C  "C4'" . DT  A 1 5  ? -5.818  1.145   -4.008  1.00 23.33 ? 5   DT  B "C4'" 1 
ATOM   88   O  "O4'" . DT  A 1 5  ? -4.680  1.973   -3.659  1.00 23.21 ? 5   DT  B "O4'" 1 
ATOM   89   C  "C3'" . DT  A 1 5  ? -5.420  -0.294  -3.659  1.00 24.37 ? 5   DT  B "C3'" 1 
ATOM   90   O  "O3'" . DT  A 1 5  ? -4.955  -0.963  -4.833  1.00 24.99 ? 5   DT  B "O3'" 1 
ATOM   91   C  "C2'" . DT  A 1 5  ? -4.258  -0.102  -2.699  1.00 23.49 ? 5   DT  B "C2'" 1 
ATOM   92   C  "C1'" . DT  A 1 5  ? -3.607  1.106   -3.336  1.00 22.09 ? 5   DT  B "C1'" 1 
ATOM   93   N  N1    . DT  A 1 5  ? -2.627  1.840   -2.519  1.00 19.53 ? 5   DT  B N1    1 
ATOM   94   C  C2    . DT  A 1 5  ? -1.593  2.446   -3.183  1.00 19.02 ? 5   DT  B C2    1 
ATOM   95   O  O2    . DT  A 1 5  ? -1.490  2.454   -4.395  1.00 20.42 ? 5   DT  B O2    1 
ATOM   96   N  N3    . DT  A 1 5  ? -0.676  3.048   -2.376  1.00 18.19 ? 5   DT  B N3    1 
ATOM   97   C  C4    . DT  A 1 5  ? -0.692  3.119   -1.002  1.00 17.49 ? 5   DT  B C4    1 
ATOM   98   O  O4    . DT  A 1 5  ? 0.228   3.681   -0.413  1.00 18.76 ? 5   DT  B O4    1 
ATOM   99   C  C5    . DT  A 1 5  ? -1.826  2.497   -0.370  1.00 17.08 ? 5   DT  B C5    1 
ATOM   100  C  C7    . DT  A 1 5  ? -1.954  2.559   1.118   1.00 15.86 ? 5   DT  B C7    1 
ATOM   101  C  C6    . DT  A 1 5  ? -2.727  1.892   -1.151  1.00 17.85 ? 5   DT  B C6    1 
ATOM   102  P  P     . DG  A 1 6  ? -5.169  -2.544  -4.990  1.00 24.88 ? 6   DG  B P     1 
ATOM   103  O  OP1   . DG  A 1 6  ? -6.611  -2.801  -5.189  1.00 25.52 ? 6   DG  B OP1   1 
ATOM   104  O  OP2   . DG  A 1 6  ? -4.435  -3.259  -3.912  1.00 24.13 ? 6   DG  B OP2   1 
ATOM   105  O  "O5'" . DG  A 1 6  ? -4.457  -2.848  -6.370  1.00 25.88 ? 6   DG  B "O5'" 1 
ATOM   106  C  "C5'" . DG  A 1 6  ? -4.567  -1.927  -7.459  1.00 26.18 ? 6   DG  B "C5'" 1 
ATOM   107  C  "C4'" . DG  A 1 6  ? -3.237  -1.803  -8.158  1.00 26.32 ? 6   DG  B "C4'" 1 
ATOM   108  O  "O4'" . DG  A 1 6  ? -2.327  -0.959  -7.412  1.00 26.72 ? 6   DG  B "O4'" 1 
ATOM   109  C  "C3'" . DG  A 1 6  ? -2.520  -3.137  -8.337  1.00 27.31 ? 6   DG  B "C3'" 1 
ATOM   110  O  "O3'" . DG  A 1 6  ? -1.911  -3.159  -9.617  1.00 28.88 ? 6   DG  B "O3'" 1 
ATOM   111  C  "C2'" . DG  A 1 6  ? -1.476  -3.133  -7.233  1.00 26.00 ? 6   DG  B "C2'" 1 
ATOM   112  C  "C1'" . DG  A 1 6  ? -1.122  -1.661  -7.133  1.00 24.88 ? 6   DG  B "C1'" 1 
ATOM   113  N  N9    . DG  A 1 6  ? -0.655  -1.238  -5.815  1.00 22.64 ? 6   DG  B N9    1 
ATOM   114  C  C8    . DG  A 1 6  ? -1.296  -1.420  -4.616  1.00 21.95 ? 6   DG  B C8    1 
ATOM   115  N  N7    . DG  A 1 6  ? -0.643  -0.918  -3.607  1.00 20.66 ? 6   DG  B N7    1 
ATOM   116  C  C5    . DG  A 1 6  ? 0.499   -0.373  -4.174  1.00 20.30 ? 6   DG  B C5    1 
ATOM   117  C  C6    . DG  A 1 6  ? 1.583   0.307   -3.571  1.00 19.49 ? 6   DG  B C6    1 
ATOM   118  O  O6    . DG  A 1 6  ? 1.749   0.587   -2.378  1.00 19.11 ? 6   DG  B O6    1 
ATOM   119  N  N1    . DG  A 1 6  ? 2.537   0.678   -4.509  1.00 18.85 ? 6   DG  B N1    1 
ATOM   120  C  C2    . DG  A 1 6  ? 2.455   0.429   -5.854  1.00 19.07 ? 6   DG  B C2    1 
ATOM   121  N  N2    . DG  A 1 6  ? 3.478   0.859   -6.601  1.00 18.98 ? 6   DG  B N2    1 
ATOM   122  N  N3    . DG  A 1 6  ? 1.447   -0.197  -6.427  1.00 20.27 ? 6   DG  B N3    1 
ATOM   123  C  C4    . DG  A 1 6  ? 0.511   -0.568  -5.533  1.00 20.87 ? 6   DG  B C4    1 
ATOM   124  P  P     . DG  A 1 7  ? -1.310  -4.526  -10.179 1.00 31.04 ? 7   DG  B P     1 
ATOM   125  O  OP1   . DG  A 1 7  ? -1.750  -4.629  -11.589 1.00 32.06 ? 7   DG  B OP1   1 
ATOM   126  O  OP2   . DG  A 1 7  ? -1.639  -5.614  -9.217  1.00 31.64 ? 7   DG  B OP2   1 
ATOM   127  O  "O5'" . DG  A 1 7  ? 0.259   -4.263  -10.145 1.00 31.00 ? 7   DG  B "O5'" 1 
ATOM   128  C  "C5'" . DG  A 1 7  ? 0.811   -3.123  -10.817 1.00 30.84 ? 7   DG  B "C5'" 1 
ATOM   129  C  "C4'" . DG  A 1 7  ? 2.307   -3.071  -10.629 1.00 31.04 ? 7   DG  B "C4'" 1 
ATOM   130  O  "O4'" . DG  A 1 7  ? 2.648   -2.592  -9.314  1.00 30.18 ? 7   DG  B "O4'" 1 
ATOM   131  C  "C3'" . DG  A 1 7  ? 3.039   -4.397  -10.798 1.00 32.84 ? 7   DG  B "C3'" 1 
ATOM   132  O  "O3'" . DG  A 1 7  ? 4.242   -4.142  -11.524 1.00 36.07 ? 7   DG  B "O3'" 1 
ATOM   133  C  "C2'" . DG  A 1 7  ? 3.323   -4.827  -9.364  1.00 30.54 ? 7   DG  B "C2'" 1 
ATOM   134  C  "C1'" . DG  A 1 7  ? 3.543   -3.493  -8.686  1.00 27.93 ? 7   DG  B "C1'" 1 
ATOM   135  N  N9    . DG  A 1 7  ? 3.286   -3.424  -7.253  1.00 25.82 ? 7   DG  B N9    1 
ATOM   136  C  C8    . DG  A 1 7  ? 2.182   -3.878  -6.572  1.00 24.80 ? 7   DG  B C8    1 
ATOM   137  N  N7    . DG  A 1 7  ? 2.206   -3.576  -5.301  1.00 23.98 ? 7   DG  B N7    1 
ATOM   138  C  C5    . DG  A 1 7  ? 3.408   -2.906  -5.131  1.00 22.58 ? 7   DG  B C5    1 
ATOM   139  C  C6    . DG  A 1 7  ? 3.983   -2.337  -3.971  1.00 21.22 ? 7   DG  B C6    1 
ATOM   140  O  O6    . DG  A 1 7  ? 3.534   -2.313  -2.824  1.00 21.29 ? 7   DG  B O6    1 
ATOM   141  N  N1    . DG  A 1 7  ? 5.218   -1.756  -4.244  1.00 20.65 ? 7   DG  B N1    1 
ATOM   142  C  C2    . DG  A 1 7  ? 5.828   -1.742  -5.474  1.00 21.37 ? 7   DG  B C2    1 
ATOM   143  N  N2    . DG  A 1 7  ? 7.030   -1.162  -5.537  1.00 21.27 ? 7   DG  B N2    1 
ATOM   144  N  N3    . DG  A 1 7  ? 5.300   -2.267  -6.566  1.00 22.58 ? 7   DG  B N3    1 
ATOM   145  C  C4    . DG  A 1 7  ? 4.096   -2.825  -6.322  1.00 23.81 ? 7   DG  B C4    1 
ATOM   146  P  P     . DG  A 1 8  ? 5.099   -5.358  -12.107 1.00 38.49 ? 8   DG  B P     1 
ATOM   147  O  OP1   . DG  A 1 8  ? 5.191   -5.168  -13.579 1.00 40.21 ? 8   DG  B OP1   1 
ATOM   148  O  OP2   . DG  A 1 8  ? 4.585   -6.641  -11.551 1.00 39.02 ? 8   DG  B OP2   1 
ATOM   149  O  "O5'" . DG  A 1 8  ? 6.521   -5.100  -11.461 1.00 38.34 ? 8   DG  B "O5'" 1 
ATOM   150  C  "C5'" . DG  A 1 8  ? 6.595   -4.582  -10.142 1.00 38.45 ? 8   DG  B "C5'" 1 
ATOM   151  C  "C4'" . DG  A 1 8  ? 8.028   -4.501  -9.691  1.00 38.31 ? 8   DG  B "C4'" 1 
ATOM   152  O  "O4'" . DG  A 1 8  ? 7.990   -4.115  -8.304  1.00 37.44 ? 8   DG  B "O4'" 1 
ATOM   153  C  "C3'" . DG  A 1 8  ? 8.760   -5.839  -9.726  1.00 38.94 ? 8   DG  B "C3'" 1 
ATOM   154  O  "O3'" . DG  A 1 8  ? 10.163  -5.594  -9.898  1.00 41.34 ? 8   DG  B "O3'" 1 
ATOM   155  C  "C2'" . DG  A 1 8  ? 8.424   -6.447  -8.377  1.00 36.89 ? 8   DG  B "C2'" 1 
ATOM   156  C  "C1'" . DG  A 1 8  ? 8.298   -5.226  -7.477  1.00 34.97 ? 8   DG  B "C1'" 1 
ATOM   157  N  N9    . DG  A 1 8  ? 7.233   -5.338  -6.492  1.00 31.58 ? 8   DG  B N9    1 
ATOM   158  C  C8    . DG  A 1 8  ? 5.980   -5.876  -6.669  1.00 29.22 ? 8   DG  B C8    1 
ATOM   159  N  N7    . DG  A 1 8  ? 5.265   -5.865  -5.579  1.00 27.88 ? 8   DG  B N7    1 
ATOM   160  C  C5    . DG  A 1 8  ? 6.093   -5.280  -4.631  1.00 27.96 ? 8   DG  B C5    1 
ATOM   161  C  C6    . DG  A 1 8  ? 5.883   -5.022  -3.256  1.00 26.92 ? 8   DG  B C6    1 
ATOM   162  O  O6    . DG  A 1 8  ? 4.890   -5.266  -2.575  1.00 28.01 ? 8   DG  B O6    1 
ATOM   163  N  N1    . DG  A 1 8  ? 6.992   -4.421  -2.668  1.00 25.96 ? 8   DG  B N1    1 
ATOM   164  C  C2    . DG  A 1 8  ? 8.158   -4.116  -3.318  1.00 25.86 ? 8   DG  B C2    1 
ATOM   165  N  N2    . DG  A 1 8  ? 9.120   -3.559  -2.575  1.00 25.28 ? 8   DG  B N2    1 
ATOM   166  N  N3    . DG  A 1 8  ? 8.368   -4.348  -4.601  1.00 27.12 ? 8   DG  B N3    1 
ATOM   167  C  C4    . DG  A 1 8  ? 7.304   -4.933  -5.188  1.00 28.86 ? 8   DG  B C4    1 
ATOM   168  P  P     . DA  A 1 9  ? 11.210  -6.816  -9.878  1.00 42.94 ? 9   DA  B P     1 
ATOM   169  O  OP1   . DA  A 1 9  ? 12.203  -6.572  -10.955 1.00 42.88 ? 9   DA  B OP1   1 
ATOM   170  O  OP2   . DA  A 1 9  ? 10.457  -8.111  -9.834  1.00 43.51 ? 9   DA  B OP2   1 
ATOM   171  O  "O5'" . DA  A 1 9  ? 11.931  -6.628  -8.476  1.00 40.72 ? 9   DA  B "O5'" 1 
ATOM   172  C  "C5'" . DA  A 1 9  ? 11.152  -6.327  -7.323  1.00 38.97 ? 9   DA  B "C5'" 1 
ATOM   173  C  "C4'" . DA  A 1 9  ? 12.036  -6.243  -6.110  1.00 36.77 ? 9   DA  B "C4'" 1 
ATOM   174  O  "O4'" . DA  A 1 9  ? 11.176  -6.051  -4.971  1.00 35.57 ? 9   DA  B "O4'" 1 
ATOM   175  C  "C3'" . DA  A 1 9  ? 12.806  -7.528  -5.841  1.00 36.16 ? 9   DA  B "C3'" 1 
ATOM   176  O  "O3'" . DA  A 1 9  ? 14.064  -7.213  -5.249  1.00 37.46 ? 9   DA  B "O3'" 1 
ATOM   177  C  "C2'" . DA  A 1 9  ? 11.900  -8.299  -4.902  1.00 35.04 ? 9   DA  B "C2'" 1 
ATOM   178  C  "C1'" . DA  A 1 9  ? 11.138  -7.213  -4.161  1.00 33.97 ? 9   DA  B "C1'" 1 
ATOM   179  N  N9    . DA  A 1 9  ? 9.733   -7.558  -3.972  1.00 31.70 ? 9   DA  B N9    1 
ATOM   180  C  C8    . DA  A 1 9  ? 8.869   -8.077  -4.905  1.00 30.36 ? 9   DA  B C8    1 
ATOM   181  N  N7    . DA  A 1 9  ? 7.669   -8.303  -4.439  1.00 30.27 ? 9   DA  B N7    1 
ATOM   182  C  C5    . DA  A 1 9  ? 7.746   -7.900  -3.111  1.00 29.70 ? 9   DA  B C5    1 
ATOM   183  C  C6    . DA  A 1 9  ? 6.805   -7.880  -2.079  1.00 29.23 ? 9   DA  B C6    1 
ATOM   184  N  N6    . DA  A 1 9  ? 5.545   -8.291  -2.224  1.00 29.85 ? 9   DA  B N6    1 
ATOM   185  N  N1    . DA  A 1 9  ? 7.204   -7.411  -0.873  1.00 29.06 ? 9   DA  B N1    1 
ATOM   186  C  C2    . DA  A 1 9  ? 8.468   -6.993  -0.732  1.00 27.68 ? 9   DA  B C2    1 
ATOM   187  N  N3    . DA  A 1 9  ? 9.442   -6.962  -1.631  1.00 28.89 ? 9   DA  B N3    1 
ATOM   188  C  C4    . DA  A 1 9  ? 9.013   -7.436  -2.813  1.00 29.70 ? 9   DA  B C4    1 
ATOM   189  P  P     . DC  A 1 10 ? 15.107  -8.385  -4.914  1.00 36.89 ? 10  DC  B P     1 
ATOM   190  O  OP1   . DC  A 1 10 ? 16.470  -7.842  -5.128  1.00 37.12 ? 10  DC  B OP1   1 
ATOM   191  O  OP2   . DC  A 1 10 ? 14.684  -9.629  -5.622  1.00 37.20 ? 10  DC  B OP2   1 
ATOM   192  O  "O5'" . DC  A 1 10 ? 14.883  -8.597  -3.358  1.00 35.97 ? 10  DC  B "O5'" 1 
ATOM   193  C  "C5'" . DC  A 1 10 ? 14.913  -7.478  -2.464  1.00 33.60 ? 10  DC  B "C5'" 1 
ATOM   194  C  "C4'" . DC  A 1 10 ? 14.527  -7.928  -1.078  1.00 32.40 ? 10  DC  B "C4'" 1 
ATOM   195  O  "O4'" . DC  A 1 10 ? 13.090  -8.118  -0.999  1.00 31.93 ? 10  DC  B "O4'" 1 
ATOM   196  C  "C3'" . DC  A 1 10 ? 15.160  -9.266  -0.682  1.00 31.96 ? 10  DC  B "C3'" 1 
ATOM   197  O  "O3'" . DC  A 1 10 ? 15.660  -9.190  0.653   1.00 31.33 ? 10  DC  B "O3'" 1 
ATOM   198  C  "C2'" . DC  A 1 10 ? 14.013  -10.256 -0.791  1.00 30.14 ? 10  DC  B "C2'" 1 
ATOM   199  C  "C1'" . DC  A 1 10 ? 12.823  -9.385  -0.425  1.00 29.62 ? 10  DC  B "C1'" 1 
ATOM   200  N  N1    . DC  A 1 10 ? 11.532  -9.858  -0.937  1.00 26.47 ? 10  DC  B N1    1 
ATOM   201  C  C2    . DC  A 1 10 ? 10.467  -10.004 -0.041  1.00 25.28 ? 10  DC  B C2    1 
ATOM   202  O  O2    . DC  A 1 10 ? 10.629  -9.703  1.149   1.00 24.14 ? 10  DC  B O2    1 
ATOM   203  N  N3    . DC  A 1 10 ? 9.287   -10.469 -0.497  1.00 24.88 ? 10  DC  B N3    1 
ATOM   204  C  C4    . DC  A 1 10 ? 9.144   -10.774 -1.790  1.00 23.72 ? 10  DC  B C4    1 
ATOM   205  N  N4    . DC  A 1 10 ? 7.964   -11.236 -2.192  1.00 21.77 ? 10  DC  B N4    1 
ATOM   206  C  C5    . DC  A 1 10 ? 10.205  -10.617 -2.722  1.00 24.03 ? 10  DC  B C5    1 
ATOM   207  C  C6    . DC  A 1 10 ? 11.371  -10.156 -2.257  1.00 25.87 ? 10  DC  B C6    1 
ATOM   208  P  P     . DC  A 1 11 ? 16.452  -10.437 1.280   1.00 31.73 ? 11  DC  B P     1 
ATOM   209  O  OP1   . DC  A 1 11 ? 17.495  -9.900  2.209   1.00 30.62 ? 11  DC  B OP1   1 
ATOM   210  O  OP2   . DC  A 1 11 ? 16.851  -11.358 0.176   1.00 29.64 ? 11  DC  B OP2   1 
ATOM   211  O  "O5'" . DC  A 1 11 ? 15.333  -11.131 2.171   1.00 30.42 ? 11  DC  B "O5'" 1 
ATOM   212  C  "C5'" . DC  A 1 11 ? 14.772  -10.425 3.288   1.00 28.65 ? 11  DC  B "C5'" 1 
ATOM   213  C  "C4'" . DC  A 1 11 ? 13.840  -11.324 4.061   1.00 26.93 ? 11  DC  B "C4'" 1 
ATOM   214  O  "O4'" . DC  A 1 11 ? 12.635  -11.528 3.288   1.00 26.24 ? 11  DC  B "O4'" 1 
ATOM   215  C  "C3'" . DC  A 1 11 ? 14.402  -12.717 4.367   1.00 26.17 ? 11  DC  B "C3'" 1 
ATOM   216  O  "O3'" . DC  A 1 11 ? 14.075  -13.166 5.676   1.00 25.53 ? 11  DC  B "O3'" 1 
ATOM   217  C  "C2'" . DC  A 1 11 ? 13.656  -13.615 3.398   1.00 26.10 ? 11  DC  B "C2'" 1 
ATOM   218  C  "C1'" . DC  A 1 11 ? 12.322  -12.906 3.291   1.00 24.68 ? 11  DC  B "C1'" 1 
ATOM   219  N  N1    . DC  A 1 11 ? 11.557  -13.204 2.073   1.00 23.90 ? 11  DC  B N1    1 
ATOM   220  C  C2    . DC  A 1 11 ? 10.170  -13.373 2.172   1.00 22.08 ? 11  DC  B C2    1 
ATOM   221  O  O2    . DC  A 1 11 ? 9.619   -13.280 3.289   1.00 21.90 ? 11  DC  B O2    1 
ATOM   222  N  N3    . DC  A 1 11 ? 9.463   -13.640 1.058   1.00 21.27 ? 11  DC  B N3    1 
ATOM   223  C  C4    . DC  A 1 11 ? 10.080  -13.753 -0.115  1.00 20.65 ? 11  DC  B C4    1 
ATOM   224  N  N4    . DC  A 1 11 ? 9.330   -14.024 -1.181  1.00 20.13 ? 11  DC  B N4    1 
ATOM   225  C  C5    . DC  A 1 11 ? 11.488  -13.597 -0.247  1.00 21.71 ? 11  DC  B C5    1 
ATOM   226  C  C6    . DC  A 1 11 ? 12.184  -13.322 0.862   1.00 23.20 ? 11  DC  B C6    1 
ATOM   227  O  "O5'" . DT  B 2 1  ? -1.630  -19.933 -2.005  1.00 42.69 ? 51  DT  C "O5'" 1 
ATOM   228  C  "C5'" . DT  B 2 1  ? -0.258  -20.098 -1.640  1.00 40.94 ? 51  DT  C "C5'" 1 
ATOM   229  C  "C4'" . DT  B 2 1  ? -0.102  -20.120 -0.138  1.00 40.19 ? 51  DT  C "C4'" 1 
ATOM   230  O  "O4'" . DT  B 2 1  ? 1.300   -20.156 0.197   1.00 38.69 ? 51  DT  C "O4'" 1 
ATOM   231  C  "C3'" . DT  B 2 1  ? -0.658  -18.888 0.566   1.00 40.60 ? 51  DT  C "C3'" 1 
ATOM   232  O  "O3'" . DT  B 2 1  ? -1.138  -19.256 1.860   1.00 42.77 ? 51  DT  C "O3'" 1 
ATOM   233  C  "C2'" . DT  B 2 1  ? 0.543   -17.964 0.662   1.00 39.02 ? 51  DT  C "C2'" 1 
ATOM   234  C  "C1'" . DT  B 2 1  ? 1.717   -18.925 0.779   1.00 36.29 ? 51  DT  C "C1'" 1 
ATOM   235  N  N1    . DT  B 2 1  ? 2.893   -18.476 0.029   1.00 32.93 ? 51  DT  C N1    1 
ATOM   236  C  C2    . DT  B 2 1  ? 4.060   -18.224 0.705   1.00 30.54 ? 51  DT  C C2    1 
ATOM   237  O  O2    . DT  B 2 1  ? 4.164   -18.300 1.918   1.00 30.31 ? 51  DT  C O2    1 
ATOM   238  N  N3    . DT  B 2 1  ? 5.109   -17.868 -0.095  1.00 28.47 ? 51  DT  C N3    1 
ATOM   239  C  C4    . DT  B 2 1  ? 5.105   -17.725 -1.462  1.00 28.97 ? 51  DT  C C4    1 
ATOM   240  O  O4    . DT  B 2 1  ? 6.141   -17.412 -2.041  1.00 29.20 ? 51  DT  C O4    1 
ATOM   241  C  C5    . DT  B 2 1  ? 3.841   -17.970 -2.104  1.00 28.54 ? 51  DT  C C5    1 
ATOM   242  C  C7    . DT  B 2 1  ? 3.733   -17.812 -3.585  1.00 28.73 ? 51  DT  C C7    1 
ATOM   243  C  C6    . DT  B 2 1  ? 2.812   -18.332 -1.339  1.00 30.40 ? 51  DT  C C6    1 
ATOM   244  P  P     . DG  B 2 2  ? -2.066  -18.237 2.687   1.00 44.42 ? 52  DG  C P     1 
ATOM   245  O  OP1   . DG  B 2 2  ? -2.505  -18.954 3.926   1.00 43.67 ? 52  DG  C OP1   1 
ATOM   246  O  OP2   . DG  B 2 2  ? -3.082  -17.686 1.742   1.00 42.90 ? 52  DG  C OP2   1 
ATOM   247  O  "O5'" . DG  B 2 2  ? -1.064  -17.060 3.097   1.00 41.91 ? 52  DG  C "O5'" 1 
ATOM   248  C  "C5'" . DG  B 2 2  ? -0.199  -17.184 4.243   1.00 37.54 ? 52  DG  C "C5'" 1 
ATOM   249  C  "C4'" . DG  B 2 2  ? 0.606   -15.919 4.418   1.00 35.03 ? 52  DG  C "C4'" 1 
ATOM   250  O  "O4'" . DG  B 2 2  ? 1.813   -15.910 3.614   1.00 33.52 ? 52  DG  C "O4'" 1 
ATOM   251  C  "C3'" . DG  B 2 2  ? -0.160  -14.660 4.017   1.00 34.08 ? 52  DG  C "C3'" 1 
ATOM   252  O  "O3'" . DG  B 2 2  ? 0.353   -13.581 4.773   1.00 35.79 ? 52  DG  C "O3'" 1 
ATOM   253  C  "C2'" . DG  B 2 2  ? 0.358   -14.412 2.619   1.00 32.97 ? 52  DG  C "C2'" 1 
ATOM   254  C  "C1'" . DG  B 2 2  ? 1.811   -14.679 2.922   1.00 30.71 ? 52  DG  C "C1'" 1 
ATOM   255  N  N9    . DG  B 2 2  ? 2.712   -14.763 1.785   1.00 27.09 ? 52  DG  C N9    1 
ATOM   256  C  C8    . DG  B 2 2  ? 2.392   -15.020 0.475   1.00 25.32 ? 52  DG  C C8    1 
ATOM   257  N  N7    . DG  B 2 2  ? 3.414   -14.903 -0.327  1.00 24.28 ? 52  DG  C N7    1 
ATOM   258  C  C5    . DG  B 2 2  ? 4.474   -14.579 0.511   1.00 23.30 ? 52  DG  C C5    1 
ATOM   259  C  C6    . DG  B 2 2  ? 5.836   -14.314 0.216   1.00 21.88 ? 52  DG  C C6    1 
ATOM   260  O  O6    . DG  B 2 2  ? 6.398   -14.311 -0.878  1.00 21.16 ? 52  DG  C O6    1 
ATOM   261  N  N1    . DG  B 2 2  ? 6.561   -14.022 1.365   1.00 20.90 ? 52  DG  C N1    1 
ATOM   262  C  C2    . DG  B 2 2  ? 6.041   -13.996 2.636   1.00 21.62 ? 52  DG  C C2    1 
ATOM   263  N  N2    . DG  B 2 2  ? 6.899   -13.689 3.625   1.00 22.28 ? 52  DG  C N2    1 
ATOM   264  N  N3    . DG  B 2 2  ? 4.778   -14.248 2.922   1.00 22.72 ? 52  DG  C N3    1 
ATOM   265  C  C4    . DG  B 2 2  ? 4.057   -14.522 1.820   1.00 24.28 ? 52  DG  C C4    1 
ATOM   266  P  P     . DG  B 2 3  ? -0.374  -13.125 6.112   1.00 35.46 ? 53  DG  C P     1 
ATOM   267  O  OP1   . DG  B 2 3  ? -0.688  -14.339 6.902   1.00 36.33 ? 53  DG  C OP1   1 
ATOM   268  O  OP2   . DG  B 2 3  ? -1.453  -12.194 5.731   1.00 34.64 ? 53  DG  C OP2   1 
ATOM   269  O  "O5'" . DG  B 2 3  ? 0.794   -12.336 6.843   1.00 35.34 ? 53  DG  C "O5'" 1 
ATOM   270  C  "C5'" . DG  B 2 3  ? 2.018   -13.016 7.191   1.00 32.50 ? 53  DG  C "C5'" 1 
ATOM   271  C  "C4'" . DG  B 2 3  ? 3.198   -12.087 7.039   1.00 30.56 ? 53  DG  C "C4'" 1 
ATOM   272  O  "O4'" . DG  B 2 3  ? 3.814   -12.207 5.734   1.00 29.26 ? 53  DG  C "O4'" 1 
ATOM   273  C  "C3'" . DG  B 2 3  ? 2.878   -10.606 7.229   1.00 30.09 ? 53  DG  C "C3'" 1 
ATOM   274  O  "O3'" . DG  B 2 3  ? 3.844   -10.015 8.102   1.00 31.50 ? 53  DG  C "O3'" 1 
ATOM   275  C  "C2'" . DG  B 2 3  ? 2.996   -10.041 5.823   1.00 28.27 ? 53  DG  C "C2'" 1 
ATOM   276  C  "C1'" . DG  B 2 3  ? 4.089   -10.915 5.250   1.00 26.95 ? 53  DG  C "C1'" 1 
ATOM   277  N  N9    . DG  B 2 3  ? 4.149   -10.981 3.799   1.00 25.46 ? 53  DG  C N9    1 
ATOM   278  C  C8    . DG  B 2 3  ? 3.123   -11.255 2.928   1.00 25.02 ? 53  DG  C C8    1 
ATOM   279  N  N7    . DG  B 2 3  ? 3.492   -11.227 1.680   1.00 24.35 ? 53  DG  C N7    1 
ATOM   280  C  C5    . DG  B 2 3  ? 4.845   -10.919 1.731   1.00 24.09 ? 53  DG  C C5    1 
ATOM   281  C  C6    . DG  B 2 3  ? 5.786   -10.751 0.692   1.00 23.39 ? 53  DG  C C6    1 
ATOM   282  O  O6    . DG  B 2 3  ? 5.605   -10.836 -0.522  1.00 24.45 ? 53  DG  C O6    1 
ATOM   283  N  N1    . DG  B 2 3  ? 7.049   -10.451 1.185   1.00 23.32 ? 53  DG  C N1    1 
ATOM   284  C  C2    . DG  B 2 3  ? 7.365   -10.319 2.512   1.00 23.89 ? 53  DG  C C2    1 
ATOM   285  N  N2    . DG  B 2 3  ? 8.645   -10.018 2.794   1.00 24.54 ? 53  DG  C N2    1 
ATOM   286  N  N3    . DG  B 2 3  ? 6.494   -10.471 3.492   1.00 24.23 ? 53  DG  C N3    1 
ATOM   287  C  C4    . DG  B 2 3  ? 5.262   -10.767 3.030   1.00 23.98 ? 53  DG  C C4    1 
ATOM   288  P  P     . DT  B 2 4  ? 3.541   -8.591  8.787   1.00 32.22 ? 54  DT  C P     1 
ATOM   289  O  OP1   . DT  B 2 4  ? 3.850   -8.693  10.241  1.00 31.63 ? 54  DT  C OP1   1 
ATOM   290  O  OP2   . DT  B 2 4  ? 2.197   -8.125  8.349   1.00 32.73 ? 54  DT  C OP2   1 
ATOM   291  O  "O5'" . DT  B 2 4  ? 4.605   -7.645  8.090   1.00 31.33 ? 54  DT  C "O5'" 1 
ATOM   292  C  "C5'" . DT  B 2 4  ? 5.935   -8.111  7.881   1.00 30.44 ? 54  DT  C "C5'" 1 
ATOM   293  C  "C4'" . DT  B 2 4  ? 6.648   -7.210  6.909   1.00 29.30 ? 54  DT  C "C4'" 1 
ATOM   294  O  "O4'" . DT  B 2 4  ? 6.438   -7.648  5.546   1.00 27.87 ? 54  DT  C "O4'" 1 
ATOM   295  C  "C3'" . DT  B 2 4  ? 6.208   -5.749  6.974   1.00 29.75 ? 54  DT  C "C3'" 1 
ATOM   296  O  "O3'" . DT  B 2 4  ? 7.373   -4.930  7.003   1.00 32.46 ? 54  DT  C "O3'" 1 
ATOM   297  C  "C2'" . DT  B 2 4  ? 5.459   -5.555  5.664   1.00 28.27 ? 54  DT  C "C2'" 1 
ATOM   298  C  "C1'" . DT  B 2 4  ? 6.219   -6.506  4.757   1.00 25.99 ? 54  DT  C "C1'" 1 
ATOM   299  N  N1    . DT  B 2 4  ? 5.557   -6.929  3.512   1.00 23.06 ? 54  DT  C N1    1 
ATOM   300  C  C2    . DT  B 2 4  ? 6.327   -6.982  2.379   1.00 21.59 ? 54  DT  C C2    1 
ATOM   301  O  O2    . DT  B 2 4  ? 7.519   -6.755  2.372   1.00 21.63 ? 54  DT  C O2    1 
ATOM   302  N  N3    . DT  B 2 4  ? 5.655   -7.318  1.242   1.00 20.93 ? 54  DT  C N3    1 
ATOM   303  C  C4    . DT  B 2 4  ? 4.328   -7.606  1.115   1.00 21.73 ? 54  DT  C C4    1 
ATOM   304  O  O4    . DT  B 2 4  ? 3.875   -7.854  0.002   1.00 22.74 ? 54  DT  C O4    1 
ATOM   305  C  C5    . DT  B 2 4  ? 3.568   -7.571  2.354   1.00 22.20 ? 54  DT  C C5    1 
ATOM   306  C  C7    . DT  B 2 4  ? 2.110   -7.907  2.328   1.00 22.85 ? 54  DT  C C7    1 
ATOM   307  C  C6    . DT  B 2 4  ? 4.216   -7.238  3.478   1.00 22.65 ? 54  DT  C C6    1 
ATOM   308  P  P     . DC  B 2 5  ? 7.456   -3.690  8.021   1.00 33.29 ? 55  DC  C P     1 
ATOM   309  O  OP1   . DC  B 2 5  ? 8.500   -3.977  9.033   1.00 34.26 ? 55  DC  C OP1   1 
ATOM   310  O  OP2   . DC  B 2 5  ? 6.066   -3.352  8.457   1.00 33.79 ? 55  DC  C OP2   1 
ATOM   311  O  "O5'" . DC  B 2 5  ? 7.995   -2.534  7.083   1.00 33.10 ? 55  DC  C "O5'" 1 
ATOM   312  C  "C5'" . DC  B 2 5  ? 7.822   -2.662  5.674   1.00 33.56 ? 55  DC  C "C5'" 1 
ATOM   313  C  "C4'" . DC  B 2 5  ? 9.124   -2.412  4.964   1.00 32.24 ? 55  DC  C "C4'" 1 
ATOM   314  O  "O4'" . DC  B 2 5  ? 9.247   -3.424  3.942   1.00 31.85 ? 55  DC  C "O4'" 1 
ATOM   315  C  "C3'" . DC  B 2 5  ? 9.124   -1.062  4.257   1.00 32.99 ? 55  DC  C "C3'" 1 
ATOM   316  O  "O3'" . DC  B 2 5  ? 10.276  -0.270  4.481   1.00 34.47 ? 55  DC  C "O3'" 1 
ATOM   317  C  "C2'" . DC  B 2 5  ? 8.981   -1.378  2.783   1.00 32.50 ? 55  DC  C "C2'" 1 
ATOM   318  C  "C1'" . DC  B 2 5  ? 9.155   -2.872  2.639   1.00 30.28 ? 55  DC  C "C1'" 1 
ATOM   319  N  N1    . DC  B 2 5  ? 7.920   -3.366  2.031   1.00 28.55 ? 55  DC  C N1    1 
ATOM   320  C  C2    . DC  B 2 5  ? 7.928   -3.689  0.686   1.00 27.64 ? 55  DC  C C2    1 
ATOM   321  O  O2    . DC  B 2 5  ? 9.006   -3.658  0.074   1.00 28.99 ? 55  DC  C O2    1 
ATOM   322  N  N3    . DC  B 2 5  ? 6.769   -4.036  0.083   1.00 26.88 ? 55  DC  C N3    1 
ATOM   323  C  C4    . DC  B 2 5  ? 5.640   -4.086  0.788   1.00 26.46 ? 55  DC  C C4    1 
ATOM   324  N  N4    . DC  B 2 5  ? 4.518   -4.400  0.142   1.00 26.46 ? 55  DC  C N4    1 
ATOM   325  C  C5    . DC  B 2 5  ? 5.612   -3.808  2.185   1.00 26.48 ? 55  DC  C C5    1 
ATOM   326  C  C6    . DC  B 2 5  ? 6.766   -3.457  2.762   1.00 27.23 ? 55  DC  C C6    1 
ATOM   327  P  P     . DC  B 2 6  ? 10.239  1.269   4.042   1.00 34.97 ? 56  DC  C P     1 
ATOM   328  O  OP1   . DC  B 2 6  ? 11.293  1.997   4.802   1.00 35.75 ? 56  DC  C OP1   1 
ATOM   329  O  OP2   . DC  B 2 6  ? 8.821   1.696   4.166   1.00 34.47 ? 56  DC  C OP2   1 
ATOM   330  O  "O5'" . DC  B 2 6  ? 10.590  1.225   2.483   1.00 33.51 ? 56  DC  C "O5'" 1 
ATOM   331  C  "C5'" . DC  B 2 6  ? 11.754  0.522   2.003   1.00 30.68 ? 56  DC  C "C5'" 1 
ATOM   332  C  "C4'" . DC  B 2 6  ? 11.768  0.494   0.491   1.00 29.51 ? 56  DC  C "C4'" 1 
ATOM   333  O  "O4'" . DC  B 2 6  ? 10.648  -0.290  0.015   1.00 29.20 ? 56  DC  C "O4'" 1 
ATOM   334  C  "C3'" . DC  B 2 6  ? 11.656  1.856   -0.200  1.00 28.90 ? 56  DC  C "C3'" 1 
ATOM   335  O  "O3'" . DC  B 2 6  ? 12.499  1.882   -1.367  1.00 28.49 ? 56  DC  C "O3'" 1 
ATOM   336  C  "C2'" . DC  B 2 6  ? 10.189  1.926   -0.590  1.00 28.20 ? 56  DC  C "C2'" 1 
ATOM   337  C  "C1'" . DC  B 2 6  ? 9.870   0.474   -0.901  1.00 27.37 ? 56  DC  C "C1'" 1 
ATOM   338  N  N1    . DC  B 2 6  ? 8.453   0.101   -0.719  1.00 25.16 ? 56  DC  C N1    1 
ATOM   339  C  C2    . DC  B 2 6  ? 7.715   -0.349  -1.829  1.00 23.70 ? 56  DC  C C2    1 
ATOM   340  O  O2    . DC  B 2 6  ? 8.266   -0.411  -2.937  1.00 22.22 ? 56  DC  C O2    1 
ATOM   341  N  N3    . DC  B 2 6  ? 6.416   -0.703  -1.662  1.00 23.13 ? 56  DC  C N3    1 
ATOM   342  C  C4    . DC  B 2 6  ? 5.854   -0.631  -0.451  1.00 22.46 ? 56  DC  C C4    1 
ATOM   343  N  N4    . DC  B 2 6  ? 4.584   -1.011  -0.331  1.00 20.57 ? 56  DC  C N4    1 
ATOM   344  C  C5    . DC  B 2 6  ? 6.578   -0.170  0.692   1.00 23.15 ? 56  DC  C C5    1 
ATOM   345  C  C6    . DC  B 2 6  ? 7.861   0.182   0.515   1.00 24.85 ? 56  DC  C C6    1 
ATOM   346  P  P     . DC  B 2 7  ? 13.014  3.290   -1.968  1.00 28.68 ? 57  DC  C P     1 
ATOM   347  O  OP1   . DC  B 2 7  ? 14.309  3.067   -2.657  1.00 28.25 ? 57  DC  C OP1   1 
ATOM   348  O  OP2   . DC  B 2 7  ? 12.895  4.362   -0.936  1.00 27.33 ? 57  DC  C OP2   1 
ATOM   349  O  "O5'" . DC  B 2 7  ? 11.960  3.615   -3.102  1.00 29.46 ? 57  DC  C "O5'" 1 
ATOM   350  C  "C5'" . DC  B 2 7  ? 10.704  2.958   -3.107  1.00 30.20 ? 57  DC  C "C5'" 1 
ATOM   351  C  "C4'" . DC  B 2 7  ? 10.214  2.806   -4.520  1.00 28.48 ? 57  DC  C "C4'" 1 
ATOM   352  O  "O4'" . DC  B 2 7  ? 8.980   2.070   -4.436  1.00 27.86 ? 57  DC  C "O4'" 1 
ATOM   353  C  "C3'" . DC  B 2 7  ? 9.880   4.138   -5.183  1.00 28.69 ? 57  DC  C "C3'" 1 
ATOM   354  O  "O3'" . DC  B 2 7  ? 10.194  4.083   -6.579  1.00 30.41 ? 57  DC  C "O3'" 1 
ATOM   355  C  "C2'" . DC  B 2 7  ? 8.396   4.307   -4.900  1.00 26.98 ? 57  DC  C "C2'" 1 
ATOM   356  C  "C1'" . DC  B 2 7  ? 7.881   2.878   -4.794  1.00 25.54 ? 57  DC  C "C1'" 1 
ATOM   357  N  N1    . DC  B 2 7  ? 6.853   2.672   -3.773  1.00 23.35 ? 57  DC  C N1    1 
ATOM   358  C  C2    . DC  B 2 7  ? 5.639   2.112   -4.150  1.00 22.86 ? 57  DC  C C2    1 
ATOM   359  O  O2    . DC  B 2 7  ? 5.465   1.794   -5.340  1.00 22.09 ? 57  DC  C O2    1 
ATOM   360  N  N3    . DC  B 2 7  ? 4.683   1.931   -3.221  1.00 21.30 ? 57  DC  C N3    1 
ATOM   361  C  C4    . DC  B 2 7  ? 4.903   2.291   -1.959  1.00 20.92 ? 57  DC  C C4    1 
ATOM   362  N  N4    . DC  B 2 7  ? 3.909   2.115   -1.087  1.00 21.70 ? 57  DC  C N4    1 
ATOM   363  C  C5    . DC  B 2 7  ? 6.138   2.853   -1.539  1.00 19.99 ? 57  DC  C C5    1 
ATOM   364  C  C6    . DC  B 2 7  ? 7.077   3.024   -2.472  1.00 22.60 ? 57  DC  C C6    1 
ATOM   365  P  P     . DA  B 2 8  ? 10.190  5.433   -7.460  1.00 32.43 ? 58  DA  C P     1 
ATOM   366  O  OP1   . DA  B 2 8  ? 11.189  5.344   -8.560  1.00 34.34 ? 58  DA  C OP1   1 
ATOM   367  O  OP2   . DA  B 2 8  ? 10.196  6.610   -6.549  1.00 33.22 ? 58  DA  C OP2   1 
ATOM   368  O  "O5'" . DA  B 2 8  ? 8.785   5.379   -8.185  1.00 32.39 ? 58  DA  C "O5'" 1 
ATOM   369  C  "C5'" . DA  B 2 8  ? 7.715   4.662   -7.605  1.00 32.01 ? 58  DA  C "C5'" 1 
ATOM   370  C  "C4'" . DA  B 2 8  ? 6.521   4.737   -8.511  1.00 30.67 ? 58  DA  C "C4'" 1 
ATOM   371  O  "O4'" . DA  B 2 8  ? 5.399   4.323   -7.717  1.00 29.13 ? 58  DA  C "O4'" 1 
ATOM   372  C  "C3'" . DA  B 2 8  ? 6.233   6.171   -8.949  1.00 31.83 ? 58  DA  C "C3'" 1 
ATOM   373  O  "O3'" . DA  B 2 8  ? 5.636   6.170   -10.255 1.00 34.28 ? 58  DA  C "O3'" 1 
ATOM   374  C  "C2'" . DA  B 2 8  ? 5.309   6.683   -7.863  1.00 29.69 ? 58  DA  C "C2'" 1 
ATOM   375  C  "C1'" . DA  B 2 8  ? 4.576   5.429   -7.408  1.00 27.41 ? 58  DA  C "C1'" 1 
ATOM   376  N  N9    . DA  B 2 8  ? 4.337   5.405   -5.973  1.00 23.08 ? 58  DA  C N9    1 
ATOM   377  C  C8    . DA  B 2 8  ? 5.110   5.944   -4.984  1.00 20.58 ? 58  DA  C C8    1 
ATOM   378  N  N7    . DA  B 2 8  ? 4.599   5.811   -3.787  1.00 20.70 ? 58  DA  C N7    1 
ATOM   379  C  C5    . DA  B 2 8  ? 3.414   5.125   -4.004  1.00 19.79 ? 58  DA  C C5    1 
ATOM   380  C  C6    . DA  B 2 8  ? 2.407   4.689   -3.142  1.00 18.96 ? 58  DA  C C6    1 
ATOM   381  N  N6    . DA  B 2 8  ? 2.407   4.911   -1.823  1.00 18.28 ? 58  DA  C N6    1 
ATOM   382  N  N1    . DA  B 2 8  ? 1.370   4.016   -3.685  1.00 19.01 ? 58  DA  C N1    1 
ATOM   383  C  C2    . DA  B 2 8  ? 1.350   3.819   -5.008  1.00 17.84 ? 58  DA  C C2    1 
ATOM   384  N  N3    . DA  B 2 8  ? 2.231   4.191   -5.920  1.00 19.95 ? 58  DA  C N3    1 
ATOM   385  C  C4    . DA  B 2 8  ? 3.252   4.850   -5.345  1.00 21.18 ? 58  DA  C C4    1 
ATOM   386  P  P     . DC  B 2 9  ? 5.312   7.563   -11.001 1.00 36.15 ? 59  DC  C P     1 
ATOM   387  O  OP1   . DC  B 2 9  ? 5.919   7.501   -12.361 1.00 34.92 ? 59  DC  C OP1   1 
ATOM   388  O  OP2   . DC  B 2 9  ? 5.613   8.718   -10.093 1.00 35.25 ? 59  DC  C OP2   1 
ATOM   389  O  "O5'" . DC  B 2 9  ? 3.736   7.515   -11.160 1.00 35.73 ? 59  DC  C "O5'" 1 
ATOM   390  C  "C5'" . DC  B 2 9  ? 3.044   6.261   -11.142 1.00 35.92 ? 59  DC  C "C5'" 1 
ATOM   391  C  "C4'" . DC  B 2 9  ? 1.653   6.456   -10.597 1.00 35.08 ? 59  DC  C "C4'" 1 
ATOM   392  O  "O4'" . DC  B 2 9  ? 1.593   6.311   -9.155  1.00 33.77 ? 59  DC  C "O4'" 1 
ATOM   393  C  "C3'" . DC  B 2 9  ? 1.072   7.829   -10.915 1.00 35.73 ? 59  DC  C "C3'" 1 
ATOM   394  O  "O3'" . DC  B 2 9  ? -0.215  7.637   -11.477 1.00 39.08 ? 59  DC  C "O3'" 1 
ATOM   395  C  "C2'" . DC  B 2 9  ? 0.990   8.511   -9.555  1.00 33.68 ? 59  DC  C "C2'" 1 
ATOM   396  C  "C1'" . DC  B 2 9  ? 0.753   7.324   -8.646  1.00 31.78 ? 59  DC  C "C1'" 1 
ATOM   397  N  N1    . DC  B 2 9  ? 1.056   7.502   -7.212  1.00 29.16 ? 59  DC  C N1    1 
ATOM   398  C  C2    . DC  B 2 9  ? 0.157   6.980   -6.267  1.00 26.96 ? 59  DC  C C2    1 
ATOM   399  O  O2    . DC  B 2 9  ? -0.858  6.391   -6.665  1.00 26.96 ? 59  DC  C O2    1 
ATOM   400  N  N3    . DC  B 2 9  ? 0.416   7.132   -4.949  1.00 24.96 ? 59  DC  C N3    1 
ATOM   401  C  C4    . DC  B 2 9  ? 1.521   7.773   -4.557  1.00 24.84 ? 59  DC  C C4    1 
ATOM   402  N  N4    . DC  B 2 9  ? 1.739   7.895   -3.242  1.00 23.92 ? 59  DC  C N4    1 
ATOM   403  C  C5    . DC  B 2 9  ? 2.452   8.317   -5.492  1.00 25.56 ? 59  DC  C C5    1 
ATOM   404  C  C6    . DC  B 2 9  ? 2.184   8.158   -6.799  1.00 27.70 ? 59  DC  C C6    1 
ATOM   405  P  P     . DG  B 2 10 ? -0.987  8.867   -12.158 1.00 41.38 ? 60  DG  C P     1 
ATOM   406  O  OP1   . DG  B 2 10 ? -1.355  8.438   -13.535 1.00 41.58 ? 60  DG  C OP1   1 
ATOM   407  O  OP2   . DG  B 2 10 ? -0.234  10.139  -11.953 1.00 41.22 ? 60  DG  C OP2   1 
ATOM   408  O  "O5'" . DG  B 2 10 ? -2.300  8.949   -11.267 1.00 39.84 ? 60  DG  C "O5'" 1 
ATOM   409  C  "C5'" . DG  B 2 10 ? -2.920  7.748   -10.766 1.00 38.02 ? 60  DG  C "C5'" 1 
ATOM   410  C  "C4'" . DG  B 2 10 ? -3.952  8.104   -9.727  1.00 37.08 ? 60  DG  C "C4'" 1 
ATOM   411  O  "O4'" . DG  B 2 10 ? -3.363  8.113   -8.404  1.00 35.26 ? 60  DG  C "O4'" 1 
ATOM   412  C  "C3'" . DG  B 2 10 ? -4.539  9.498   -9.953  1.00 37.72 ? 60  DG  C "C3'" 1 
ATOM   413  O  "O3'" . DG  B 2 10 ? -5.956  9.474   -9.839  1.00 41.10 ? 60  DG  C "O3'" 1 
ATOM   414  C  "C2'" . DG  B 2 10 ? -3.930  10.337  -8.844  1.00 35.44 ? 60  DG  C "C2'" 1 
ATOM   415  C  "C1'" . DG  B 2 10 ? -3.722  9.315   -7.742  1.00 32.46 ? 60  DG  C "C1'" 1 
ATOM   416  N  N9    . DG  B 2 10 ? -2.645  9.662   -6.826  1.00 27.41 ? 60  DG  C N9    1 
ATOM   417  C  C8    . DG  B 2 10 ? -1.403  10.141  -7.157  1.00 26.35 ? 60  DG  C C8    1 
ATOM   418  N  N7    . DG  B 2 10 ? -0.661  10.397  -6.117  1.00 25.74 ? 60  DG  C N7    1 
ATOM   419  C  C5    . DG  B 2 10 ? -1.459  10.053  -5.033  1.00 23.44 ? 60  DG  C C5    1 
ATOM   420  C  C6    . DG  B 2 10 ? -1.192  10.110  -3.638  1.00 21.55 ? 60  DG  C C6    1 
ATOM   421  O  O6    . DG  B 2 10 ? -0.164  10.487  -3.070  1.00 19.57 ? 60  DG  C O6    1 
ATOM   422  N  N1    . DG  B 2 10 ? -2.283  9.668   -2.887  1.00 20.81 ? 60  DG  C N1    1 
ATOM   423  C  C2    . DG  B 2 10 ? -3.477  9.222   -3.419  1.00 21.42 ? 60  DG  C C2    1 
ATOM   424  N  N2    . DG  B 2 10 ? -4.423  8.844   -2.542  1.00 20.28 ? 60  DG  C N2    1 
ATOM   425  N  N3    . DG  B 2 10 ? -3.729  9.160   -4.718  1.00 22.63 ? 60  DG  C N3    1 
ATOM   426  C  C4    . DG  B 2 10 ? -2.685  9.589   -5.458  1.00 24.37 ? 60  DG  C C4    1 
ATOM   427  P  P     . DC  B 2 11 ? -6.815  10.713  -10.392 1.00 42.92 ? 61  DC  C P     1 
ATOM   428  O  OP1   . DC  B 2 11 ? -7.829  10.161  -11.341 1.00 41.86 ? 61  DC  C OP1   1 
ATOM   429  O  OP2   . DC  B 2 11 ? -5.879  11.791  -10.840 1.00 41.49 ? 61  DC  C OP2   1 
ATOM   430  O  "O5'" . DC  B 2 11 ? -7.560  11.233  -9.086  1.00 40.91 ? 61  DC  C "O5'" 1 
ATOM   431  C  "C5'" . DC  B 2 11 ? -8.313  10.323  -8.264  1.00 38.06 ? 61  DC  C "C5'" 1 
ATOM   432  C  "C4'" . DC  B 2 11 ? -8.564  10.940  -6.911  1.00 35.18 ? 61  DC  C "C4'" 1 
ATOM   433  O  "O4'" . DC  B 2 11 ? -7.333  10.934  -6.141  1.00 33.15 ? 61  DC  C "O4'" 1 
ATOM   434  C  "C3'" . DC  B 2 11 ? -9.010  12.403  -7.003  1.00 34.49 ? 61  DC  C "C3'" 1 
ATOM   435  O  "O3'" . DC  B 2 11 ? -9.992  12.709  -6.019  1.00 34.91 ? 61  DC  C "O3'" 1 
ATOM   436  C  "C2'" . DC  B 2 11 ? -7.743  13.172  -6.672  1.00 33.31 ? 61  DC  C "C2'" 1 
ATOM   437  C  "C1'" . DC  B 2 11 ? -7.128  12.243  -5.643  1.00 31.88 ? 61  DC  C "C1'" 1 
ATOM   438  N  N1    . DC  B 2 11 ? -5.693  12.427  -5.332  1.00 28.08 ? 61  DC  C N1    1 
ATOM   439  C  C2    . DC  B 2 11 ? -5.303  12.323  -4.006  1.00 25.44 ? 61  DC  C C2    1 
ATOM   440  O  O2    . DC  B 2 11 ? -6.141  11.969  -3.168  1.00 25.73 ? 61  DC  C O2    1 
ATOM   441  N  N3    . DC  B 2 11 ? -4.030  12.595  -3.662  1.00 24.67 ? 61  DC  C N3    1 
ATOM   442  C  C4    . DC  B 2 11 ? -3.152  12.939  -4.593  1.00 23.46 ? 61  DC  C C4    1 
ATOM   443  N  N4    . DC  B 2 11 ? -1.916  13.236  -4.190  1.00 21.82 ? 61  DC  C N4    1 
ATOM   444  C  C5    . DC  B 2 11 ? -3.503  12.997  -5.974  1.00 24.08 ? 61  DC  C C5    1 
ATOM   445  C  C6    . DC  B 2 11 ? -4.777  12.735  -6.297  1.00 25.74 ? 61  DC  C C6    1 
ATOM   446  N  N     . ARG C 3 3  ? 7.648   -12.099 -17.657 1.00 67.86 ? 103 ARG A N     1 
ATOM   447  C  CA    . ARG C 3 3  ? 6.667   -11.757 -18.673 1.00 67.38 ? 103 ARG A CA    1 
ATOM   448  C  C     . ARG C 3 3  ? 5.725   -12.857 -19.179 1.00 66.78 ? 103 ARG A C     1 
ATOM   449  O  O     . ARG C 3 3  ? 4.717   -12.557 -19.832 1.00 66.45 ? 103 ARG A O     1 
ATOM   450  C  CB    . ARG C 3 3  ? 7.342   -11.018 -19.825 1.00 67.93 ? 103 ARG A CB    1 
ATOM   451  C  CG    . ARG C 3 3  ? 7.262   -9.527  -19.621 1.00 68.45 ? 103 ARG A CG    1 
ATOM   452  C  CD    . ARG C 3 3  ? 5.804   -9.169  -19.406 1.00 69.47 ? 103 ARG A CD    1 
ATOM   453  N  NE    . ARG C 3 3  ? 5.589   -8.211  -18.326 1.00 70.80 ? 103 ARG A NE    1 
ATOM   454  C  CZ    . ARG C 3 3  ? 5.660   -6.894  -18.479 1.00 71.40 ? 103 ARG A CZ    1 
ATOM   455  N  NH1   . ARG C 3 3  ? 5.949   -6.392  -19.673 1.00 72.09 ? 103 ARG A NH1   1 
ATOM   456  N  NH2   . ARG C 3 3  ? 5.406   -6.081  -17.460 1.00 71.27 ? 103 ARG A NH2   1 
ATOM   457  N  N     . PRO C 3 4  ? 6.036   -14.139 -18.908 1.00 66.22 ? 104 PRO A N     1 
ATOM   458  C  CA    . PRO C 3 4  ? 5.197   -15.264 -19.342 1.00 65.94 ? 104 PRO A CA    1 
ATOM   459  C  C     . PRO C 3 4  ? 3.786   -15.342 -18.721 1.00 65.27 ? 104 PRO A C     1 
ATOM   460  O  O     . PRO C 3 4  ? 2.885   -15.976 -19.286 1.00 65.35 ? 104 PRO A O     1 
ATOM   461  C  CB    . PRO C 3 4  ? 6.034   -16.496 -18.951 1.00 66.17 ? 104 PRO A CB    1 
ATOM   462  C  CG    . PRO C 3 4  ? 6.981   -15.978 -17.887 1.00 66.01 ? 104 PRO A CG    1 
ATOM   463  C  CD    . PRO C 3 4  ? 7.349   -14.646 -18.449 1.00 66.07 ? 104 PRO A CD    1 
ATOM   464  N  N     . TYR C 3 5  ? 3.604   -14.699 -17.568 1.00 64.13 ? 105 TYR A N     1 
ATOM   465  C  CA    . TYR C 3 5  ? 2.328   -14.725 -16.846 1.00 62.95 ? 105 TYR A CA    1 
ATOM   466  C  C     . TYR C 3 5  ? 1.312   -13.642 -17.226 1.00 62.41 ? 105 TYR A C     1 
ATOM   467  O  O     . TYR C 3 5  ? 1.352   -12.522 -16.708 1.00 62.36 ? 105 TYR A O     1 
ATOM   468  C  CB    . TYR C 3 5  ? 2.590   -14.698 -15.335 1.00 62.09 ? 105 TYR A CB    1 
ATOM   469  C  CG    . TYR C 3 5  ? 3.600   -15.731 -14.895 1.00 61.10 ? 105 TYR A CG    1 
ATOM   470  C  CD1   . TYR C 3 5  ? 3.253   -17.077 -14.812 1.00 60.60 ? 105 TYR A CD1   1 
ATOM   471  C  CD2   . TYR C 3 5  ? 4.913   -15.367 -14.591 1.00 60.36 ? 105 TYR A CD2   1 
ATOM   472  C  CE1   . TYR C 3 5  ? 4.189   -18.042 -14.436 1.00 60.38 ? 105 TYR A CE1   1 
ATOM   473  C  CE2   . TYR C 3 5  ? 5.857   -16.323 -14.213 1.00 60.21 ? 105 TYR A CE2   1 
ATOM   474  C  CZ    . TYR C 3 5  ? 5.487   -17.659 -14.137 1.00 59.94 ? 105 TYR A CZ    1 
ATOM   475  O  OH    . TYR C 3 5  ? 6.409   -18.610 -13.759 1.00 59.23 ? 105 TYR A OH    1 
ATOM   476  N  N     . ALA C 3 6  ? 0.399   -13.994 -18.128 1.00 61.42 ? 106 ALA A N     1 
ATOM   477  C  CA    . ALA C 3 6  ? -0.643  -13.073 -18.564 1.00 60.01 ? 106 ALA A CA    1 
ATOM   478  C  C     . ALA C 3 6  ? -1.869  -13.260 -17.684 1.00 58.84 ? 106 ALA A C     1 
ATOM   479  O  O     . ALA C 3 6  ? -2.118  -14.354 -17.160 1.00 58.21 ? 106 ALA A O     1 
ATOM   480  C  CB    . ALA C 3 6  ? -1.008  -13.323 -20.026 1.00 60.26 ? 106 ALA A CB    1 
ATOM   481  N  N     . CYS C 3 7  ? -2.611  -12.176 -17.502 1.00 57.25 ? 107 CYS A N     1 
ATOM   482  C  CA    . CYS C 3 7  ? -3.820  -12.219 -16.706 1.00 56.14 ? 107 CYS A CA    1 
ATOM   483  C  C     . CYS C 3 7  ? -4.897  -12.923 -17.536 1.00 56.55 ? 107 CYS A C     1 
ATOM   484  O  O     . CYS C 3 7  ? -5.193  -12.507 -18.663 1.00 56.86 ? 107 CYS A O     1 
ATOM   485  C  CB    . CYS C 3 7  ? -4.261  -10.805 -16.355 1.00 54.85 ? 107 CYS A CB    1 
ATOM   486  S  SG    . CYS C 3 7  ? -5.687  -10.770 -15.283 1.00 50.74 ? 107 CYS A SG    1 
ATOM   487  N  N     . PRO C 3 8  ? -5.485  -14.007 -16.991 1.00 56.46 ? 108 PRO A N     1 
ATOM   488  C  CA    . PRO C 3 8  ? -6.529  -14.813 -17.637 1.00 56.36 ? 108 PRO A CA    1 
ATOM   489  C  C     . PRO C 3 8  ? -7.853  -14.098 -17.894 1.00 56.74 ? 108 PRO A C     1 
ATOM   490  O  O     . PRO C 3 8  ? -8.574  -14.454 -18.828 1.00 56.47 ? 108 PRO A O     1 
ATOM   491  C  CB    . PRO C 3 8  ? -6.698  -15.992 -16.676 1.00 56.02 ? 108 PRO A CB    1 
ATOM   492  C  CG    . PRO C 3 8  ? -5.382  -16.063 -15.964 1.00 56.17 ? 108 PRO A CG    1 
ATOM   493  C  CD    . PRO C 3 8  ? -5.108  -14.610 -15.703 1.00 56.31 ? 108 PRO A CD    1 
ATOM   494  N  N     . VAL C 3 9  ? -8.202  -13.124 -17.057 1.00 57.20 ? 109 VAL A N     1 
ATOM   495  C  CA    . VAL C 3 9  ? -9.439  -12.362 -17.255 1.00 58.33 ? 109 VAL A CA    1 
ATOM   496  C  C     . VAL C 3 9  ? -9.396  -11.953 -18.722 1.00 59.49 ? 109 VAL A C     1 
ATOM   497  O  O     . VAL C 3 9  ? -8.366  -11.449 -19.184 1.00 59.24 ? 109 VAL A O     1 
ATOM   498  C  CB    . VAL C 3 9  ? -9.451  -11.067 -16.395 1.00 57.84 ? 109 VAL A CB    1 
ATOM   499  C  CG1   . VAL C 3 9  ? -10.523 -10.096 -16.888 1.00 57.23 ? 109 VAL A CG1   1 
ATOM   500  C  CG2   . VAL C 3 9  ? -9.679  -11.401 -14.932 1.00 57.32 ? 109 VAL A CG2   1 
ATOM   501  N  N     . GLU C 3 10 ? -10.467 -12.206 -19.473 1.00 61.30 ? 110 GLU A N     1 
ATOM   502  C  CA    . GLU C 3 10 ? -10.385 -11.821 -20.875 1.00 63.19 ? 110 GLU A CA    1 
ATOM   503  C  C     . GLU C 3 10 ? -10.240 -10.328 -21.134 1.00 63.43 ? 110 GLU A C     1 
ATOM   504  O  O     . GLU C 3 10 ? -9.228  -9.915  -21.707 1.00 63.42 ? 110 GLU A O     1 
ATOM   505  C  CB    . GLU C 3 10 ? -11.391 -12.549 -21.800 1.00 64.31 ? 110 GLU A CB    1 
ATOM   506  C  CG    . GLU C 3 10 ? -12.906 -12.324 -21.690 1.00 66.64 ? 110 GLU A CG    1 
ATOM   507  C  CD    . GLU C 3 10 ? -13.653 -13.033 -22.850 1.00 68.37 ? 110 GLU A CD    1 
ATOM   508  O  OE1   . GLU C 3 10 ? -13.076 -13.116 -23.957 1.00 69.22 ? 110 GLU A OE1   1 
ATOM   509  O  OE2   . GLU C 3 10 ? -14.791 -13.528 -22.670 1.00 68.97 ? 110 GLU A OE2   1 
ATOM   510  N  N     . SER C 3 11 ? -11.153 -9.507  -20.618 1.00 63.75 ? 111 SER A N     1 
ATOM   511  C  CA    . SER C 3 11 ? -11.063 -8.057  -20.813 1.00 64.07 ? 111 SER A CA    1 
ATOM   512  C  C     . SER C 3 11 ? -9.721  -7.436  -20.386 1.00 64.29 ? 111 SER A C     1 
ATOM   513  O  O     . SER C 3 11 ? -9.395  -6.318  -20.792 1.00 64.09 ? 111 SER A O     1 
ATOM   514  C  CB    . SER C 3 11 ? -12.237 -7.347  -20.125 1.00 64.21 ? 111 SER A CB    1 
ATOM   515  O  OG    . SER C 3 11 ? -12.465 -7.851  -18.818 1.00 65.31 ? 111 SER A OG    1 
ATOM   516  N  N     . CYS C 3 12 ? -8.943  -8.166  -19.581 1.00 64.72 ? 112 CYS A N     1 
ATOM   517  C  CA    . CYS C 3 12 ? -7.637  -7.679  -19.122 1.00 64.90 ? 112 CYS A CA    1 
ATOM   518  C  C     . CYS C 3 12 ? -6.440  -8.322  -19.823 1.00 65.24 ? 112 CYS A C     1 
ATOM   519  O  O     . CYS C 3 12 ? -6.310  -9.548  -19.861 1.00 65.09 ? 112 CYS A O     1 
ATOM   520  C  CB    . CYS C 3 12 ? -7.481  -7.852  -17.613 1.00 64.73 ? 112 CYS A CB    1 
ATOM   521  S  SG    . CYS C 3 12 ? -5.817  -7.429  -17.030 1.00 63.57 ? 112 CYS A SG    1 
ATOM   522  N  N     . ASP C 3 13 ? -5.519  -7.477  -20.284 1.00 65.95 ? 113 ASP A N     1 
ATOM   523  C  CA    . ASP C 3 13 ? -4.328  -7.929  -21.005 1.00 66.73 ? 113 ASP A CA    1 
ATOM   524  C  C     . ASP C 3 13 ? -2.978  -7.710  -20.300 1.00 66.69 ? 113 ASP A C     1 
ATOM   525  O  O     . ASP C 3 13 ? -1.922  -7.958  -20.889 1.00 66.63 ? 113 ASP A O     1 
ATOM   526  C  CB    . ASP C 3 13 ? -4.287  -7.267  -22.391 1.00 67.32 ? 113 ASP A CB    1 
ATOM   527  C  CG    . ASP C 3 13 ? -5.563  -7.490  -23.189 1.00 67.92 ? 113 ASP A CG    1 
ATOM   528  O  OD1   . ASP C 3 13 ? -5.867  -8.656  -23.535 1.00 67.88 ? 113 ASP A OD1   1 
ATOM   529  O  OD2   . ASP C 3 13 ? -6.263  -6.491  -23.471 1.00 68.61 ? 113 ASP A OD2   1 
ATOM   530  N  N     . ARG C 3 14 ? -3.007  -7.239  -19.056 1.00 66.59 ? 114 ARG A N     1 
ATOM   531  C  CA    . ARG C 3 14 ? -1.776  -6.998  -18.303 1.00 66.33 ? 114 ARG A CA    1 
ATOM   532  C  C     . ARG C 3 14 ? -0.959  -8.264  -18.103 1.00 65.83 ? 114 ARG A C     1 
ATOM   533  O  O     . ARG C 3 14 ? -1.502  -9.329  -17.801 1.00 65.26 ? 114 ARG A O     1 
ATOM   534  C  CB    . ARG C 3 14 ? -2.086  -6.354  -16.956 1.00 66.75 ? 114 ARG A CB    1 
ATOM   535  C  CG    . ARG C 3 14 ? -2.336  -4.867  -17.044 1.00 67.67 ? 114 ARG A CG    1 
ATOM   536  C  CD    . ARG C 3 14 ? -2.783  -4.327  -15.709 1.00 69.23 ? 114 ARG A CD    1 
ATOM   537  N  NE    . ARG C 3 14 ? -2.116  -3.070  -15.389 1.00 70.87 ? 114 ARG A NE    1 
ATOM   538  C  CZ    . ARG C 3 14 ? -0.838  -2.971  -15.027 1.00 71.59 ? 114 ARG A CZ    1 
ATOM   539  N  NH1   . ARG C 3 14 ? -0.076  -4.056  -14.940 1.00 71.66 ? 114 ARG A NH1   1 
ATOM   540  N  NH2   . ARG C 3 14 ? -0.324  -1.784  -14.733 1.00 72.27 ? 114 ARG A NH2   1 
ATOM   541  N  N     . ARG C 3 15 ? 0.352   -8.134  -18.279 1.00 65.46 ? 115 ARG A N     1 
ATOM   542  C  CA    . ARG C 3 15 ? 1.262   -9.262  -18.144 1.00 65.59 ? 115 ARG A CA    1 
ATOM   543  C  C     . ARG C 3 15 ? 2.192   -9.083  -16.956 1.00 65.29 ? 115 ARG A C     1 
ATOM   544  O  O     . ARG C 3 15 ? 2.512   -7.955  -16.574 1.00 65.16 ? 115 ARG A O     1 
ATOM   545  C  CB    . ARG C 3 15 ? 2.083   -9.416  -19.414 1.00 66.30 ? 115 ARG A CB    1 
ATOM   546  C  CG    . ARG C 3 15 ? 1.274   -9.249  -20.680 1.00 67.52 ? 115 ARG A CG    1 
ATOM   547  C  CD    . ARG C 3 15 ? 2.082   -9.675  -21.879 1.00 68.71 ? 115 ARG A CD    1 
ATOM   548  N  NE    . ARG C 3 15 ? 2.450   -11.089 -21.795 1.00 69.94 ? 115 ARG A NE    1 
ATOM   549  C  CZ    . ARG C 3 15 ? 1.630   -12.098 -22.080 1.00 70.49 ? 115 ARG A CZ    1 
ATOM   550  N  NH1   . ARG C 3 15 ? 0.382   -11.855 -22.471 1.00 70.90 ? 115 ARG A NH1   1 
ATOM   551  N  NH2   . ARG C 3 15 ? 2.056   -13.351 -21.980 1.00 70.34 ? 115 ARG A NH2   1 
ATOM   552  N  N     . PHE C 3 16 ? 2.654   -10.202 -16.401 1.00 65.08 ? 116 PHE A N     1 
ATOM   553  C  CA    . PHE C 3 16 ? 3.539   -10.190 -15.239 1.00 65.20 ? 116 PHE A CA    1 
ATOM   554  C  C     . PHE C 3 16 ? 4.720   -11.150 -15.339 1.00 65.09 ? 116 PHE A C     1 
ATOM   555  O  O     . PHE C 3 16 ? 4.583   -12.275 -15.818 1.00 65.33 ? 116 PHE A O     1 
ATOM   556  C  CB    . PHE C 3 16 ? 2.727   -10.479 -13.967 1.00 65.80 ? 116 PHE A CB    1 
ATOM   557  C  CG    . PHE C 3 16 ? 1.709   -9.418  -13.662 1.00 66.31 ? 116 PHE A CG    1 
ATOM   558  C  CD1   . PHE C 3 16 ? 0.431   -9.481  -14.213 1.00 66.36 ? 116 PHE A CD1   1 
ATOM   559  C  CD2   . PHE C 3 16 ? 2.052   -8.308  -12.893 1.00 66.51 ? 116 PHE A CD2   1 
ATOM   560  C  CE1   . PHE C 3 16 ? -0.484  -8.444  -14.018 1.00 66.28 ? 116 PHE A CE1   1 
ATOM   561  C  CE2   . PHE C 3 16 ? 1.141   -7.265  -12.692 1.00 66.38 ? 116 PHE A CE2   1 
ATOM   562  C  CZ    . PHE C 3 16 ? -0.127  -7.335  -13.255 1.00 65.89 ? 116 PHE A CZ    1 
ATOM   563  N  N     . SER C 3 17 ? 5.881   -10.702 -14.868 1.00 64.88 ? 117 SER A N     1 
ATOM   564  C  CA    . SER C 3 17 ? 7.096   -11.515 -14.897 1.00 64.39 ? 117 SER A CA    1 
ATOM   565  C  C     . SER C 3 17 ? 7.159   -12.556 -13.787 1.00 63.89 ? 117 SER A C     1 
ATOM   566  O  O     . SER C 3 17 ? 7.848   -13.572 -13.909 1.00 63.80 ? 117 SER A O     1 
ATOM   567  C  CB    . SER C 3 17 ? 8.335   -10.618 -14.847 1.00 64.59 ? 117 SER A CB    1 
ATOM   568  O  OG    . SER C 3 17 ? 8.524   -9.956  -16.089 1.00 65.04 ? 117 SER A OG    1 
ATOM   569  N  N     . ARG C 3 18 ? 6.415   -12.303 -12.716 1.00 63.29 ? 118 ARG A N     1 
ATOM   570  C  CA    . ARG C 3 18 ? 6.376   -13.192 -11.564 1.00 62.56 ? 118 ARG A CA    1 
ATOM   571  C  C     . ARG C 3 18 ? 4.961   -13.735 -11.364 1.00 61.28 ? 118 ARG A C     1 
ATOM   572  O  O     . ARG C 3 18 ? 4.002   -12.961 -11.262 1.00 61.21 ? 118 ARG A O     1 
ATOM   573  C  CB    . ARG C 3 18 ? 6.817   -12.417 -10.321 1.00 63.91 ? 118 ARG A CB    1 
ATOM   574  C  CG    . ARG C 3 18 ? 8.174   -11.712 -10.457 1.00 65.39 ? 118 ARG A CG    1 
ATOM   575  C  CD    . ARG C 3 18 ? 8.454   -10.844 -9.239  1.00 66.42 ? 118 ARG A CD    1 
ATOM   576  N  NE    . ARG C 3 18 ? 8.026   -11.531 -8.026  1.00 68.31 ? 118 ARG A NE    1 
ATOM   577  C  CZ    . ARG C 3 18 ? 8.830   -11.914 -7.038  1.00 69.38 ? 118 ARG A CZ    1 
ATOM   578  N  NH1   . ARG C 3 18 ? 10.136  -11.670 -7.092  1.00 69.77 ? 118 ARG A NH1   1 
ATOM   579  N  NH2   . ARG C 3 18 ? 8.328   -12.605 -6.020  1.00 69.45 ? 118 ARG A NH2   1 
ATOM   580  N  N     . SER C 3 19 ? 4.837   -15.059 -11.298 1.00 59.58 ? 119 SER A N     1 
ATOM   581  C  CA    . SER C 3 19 ? 3.537   -15.711 -11.117 1.00 58.27 ? 119 SER A CA    1 
ATOM   582  C  C     . SER C 3 19 ? 2.795   -15.199 -9.889  1.00 57.46 ? 119 SER A C     1 
ATOM   583  O  O     . SER C 3 19 ? 1.569   -15.079 -9.889  1.00 57.12 ? 119 SER A O     1 
ATOM   584  C  CB    . SER C 3 19 ? 3.710   -17.225 -10.997 1.00 58.01 ? 119 SER A CB    1 
ATOM   585  O  OG    . SER C 3 19 ? 4.351   -17.564 -9.782  1.00 58.43 ? 119 SER A OG    1 
ATOM   586  N  N     . ALA C 3 20 ? 3.548   -14.918 -8.835  1.00 56.60 ? 120 ALA A N     1 
ATOM   587  C  CA    . ALA C 3 20 ? 2.962   -14.425 -7.604  1.00 55.74 ? 120 ALA A CA    1 
ATOM   588  C  C     . ALA C 3 20 ? 2.464   -13.000 -7.768  1.00 55.32 ? 120 ALA A C     1 
ATOM   589  O  O     . ALA C 3 20 ? 1.514   -12.597 -7.099  1.00 55.36 ? 120 ALA A O     1 
ATOM   590  C  CB    . ALA C 3 20 ? 3.962   -14.508 -6.480  1.00 56.24 ? 120 ALA A CB    1 
ATOM   591  N  N     . ASP C 3 21 ? 3.103   -12.224 -8.642  1.00 54.78 ? 121 ASP A N     1 
ATOM   592  C  CA    . ASP C 3 21 ? 2.651   -10.855 -8.860  1.00 54.81 ? 121 ASP A CA    1 
ATOM   593  C  C     . ASP C 3 21 ? 1.310   -10.857 -9.595  1.00 54.07 ? 121 ASP A C     1 
ATOM   594  O  O     . ASP C 3 21 ? 0.576   -9.869  -9.577  1.00 54.46 ? 121 ASP A O     1 
ATOM   595  C  CB    . ASP C 3 21 ? 3.709   -10.013 -9.584  1.00 55.82 ? 121 ASP A CB    1 
ATOM   596  C  CG    . ASP C 3 21 ? 4.607   -9.226  -8.613  1.00 56.91 ? 121 ASP A CG    1 
ATOM   597  O  OD1   . ASP C 3 21 ? 4.445   -9.351  -7.373  1.00 57.08 ? 121 ASP A OD1   1 
ATOM   598  O  OD2   . ASP C 3 21 ? 5.475   -8.467  -9.097  1.00 57.81 ? 121 ASP A OD2   1 
ATOM   599  N  N     . LEU C 3 22 ? 0.979   -11.998 -10.196 1.00 52.81 ? 122 LEU A N     1 
ATOM   600  C  CA    . LEU C 3 22 ? -0.290  -12.165 -10.890 1.00 51.19 ? 122 LEU A CA    1 
ATOM   601  C  C     . LEU C 3 22 ? -1.345  -12.494 -9.837  1.00 50.04 ? 122 LEU A C     1 
ATOM   602  O  O     . LEU C 3 22 ? -2.449  -11.974 -9.891  1.00 50.32 ? 122 LEU A O     1 
ATOM   603  C  CB    . LEU C 3 22 ? -0.200  -13.290 -11.933 1.00 51.15 ? 122 LEU A CB    1 
ATOM   604  C  CG    . LEU C 3 22 ? -1.442  -13.588 -12.789 1.00 51.06 ? 122 LEU A CG    1 
ATOM   605  C  CD1   . LEU C 3 22 ? -1.887  -12.349 -13.556 1.00 51.27 ? 122 LEU A CD1   1 
ATOM   606  C  CD2   . LEU C 3 22 ? -1.152  -14.721 -13.756 1.00 50.61 ? 122 LEU A CD2   1 
ATOM   607  N  N     . THR C 3 23 ? -0.987  -13.341 -8.873  1.00 48.95 ? 123 THR A N     1 
ATOM   608  C  CA    . THR C 3 23 ? -1.893  -13.737 -7.790  1.00 48.22 ? 123 THR A CA    1 
ATOM   609  C  C     . THR C 3 23 ? -2.419  -12.529 -7.022  1.00 47.57 ? 123 THR A C     1 
ATOM   610  O  O     . THR C 3 23 ? -3.590  -12.484 -6.638  1.00 47.71 ? 123 THR A O     1 
ATOM   611  C  CB    . THR C 3 23 ? -1.189  -14.674 -6.785  1.00 48.97 ? 123 THR A CB    1 
ATOM   612  O  OG1   . THR C 3 23 ? -0.872  -15.919 -7.424  1.00 49.10 ? 123 THR A OG1   1 
ATOM   613  C  CG2   . THR C 3 23 ? -2.074  -14.928 -5.564  1.00 48.93 ? 123 THR A CG2   1 
ATOM   614  N  N     . ARG C 3 24 ? -1.527  -11.586 -6.736  1.00 46.60 ? 124 ARG A N     1 
ATOM   615  C  CA    . ARG C 3 24 ? -1.899  -10.364 -6.032  1.00 45.52 ? 124 ARG A CA    1 
ATOM   616  C  C     . ARG C 3 24 ? -2.799  -9.567  -6.961  1.00 44.69 ? 124 ARG A C     1 
ATOM   617  O  O     . ARG C 3 24 ? -3.847  -9.070  -6.557  1.00 44.14 ? 124 ARG A O     1 
ATOM   618  C  CB    . ARG C 3 24 ? -0.648  -9.541  -5.697  1.00 45.71 ? 124 ARG A CB    1 
ATOM   619  C  CG    . ARG C 3 24 ? -0.930  -8.068  -5.401  1.00 44.73 ? 124 ARG A CG    1 
ATOM   620  C  CD    . ARG C 3 24 ? 0.343   -7.274  -5.244  1.00 44.33 ? 124 ARG A CD    1 
ATOM   621  N  NE    . ARG C 3 24 ? 0.887   -7.348  -3.894  1.00 43.07 ? 124 ARG A NE    1 
ATOM   622  C  CZ    . ARG C 3 24 ? 2.133   -7.016  -3.578  1.00 42.94 ? 124 ARG A CZ    1 
ATOM   623  N  NH1   . ARG C 3 24 ? 2.966   -6.596  -4.523  1.00 43.14 ? 124 ARG A NH1   1 
ATOM   624  N  NH2   . ARG C 3 24 ? 2.536   -7.066  -2.314  1.00 42.29 ? 124 ARG A NH2   1 
ATOM   625  N  N     . HIS C 3 25 ? -2.366  -9.471  -8.213  1.00 44.24 ? 125 HIS A N     1 
ATOM   626  C  CA    . HIS C 3 25 ? -3.086  -8.751  -9.256  1.00 44.14 ? 125 HIS A CA    1 
ATOM   627  C  C     . HIS C 3 25 ? -4.506  -9.270  -9.472  1.00 43.87 ? 125 HIS A C     1 
ATOM   628  O  O     . HIS C 3 25 ? -5.409  -8.488  -9.754  1.00 44.68 ? 125 HIS A O     1 
ATOM   629  C  CB    . HIS C 3 25 ? -2.290  -8.822  -10.564 1.00 44.01 ? 125 HIS A CB    1 
ATOM   630  C  CG    . HIS C 3 25 ? -3.063  -8.404  -11.778 1.00 44.37 ? 125 HIS A CG    1 
ATOM   631  N  ND1   . HIS C 3 25 ? -3.170  -7.092  -12.183 1.00 44.36 ? 125 HIS A ND1   1 
ATOM   632  C  CD2   . HIS C 3 25 ? -3.741  -9.134  -12.697 1.00 45.14 ? 125 HIS A CD2   1 
ATOM   633  C  CE1   . HIS C 3 25 ? -3.876  -7.028  -13.297 1.00 44.99 ? 125 HIS A CE1   1 
ATOM   634  N  NE2   . HIS C 3 25 ? -4.235  -8.255  -13.630 1.00 45.63 ? 125 HIS A NE2   1 
ATOM   635  N  N     . ILE C 3 26 ? -4.701  -10.579 -9.326  1.00 42.75 ? 126 ILE A N     1 
ATOM   636  C  CA    . ILE C 3 26 ? -6.004  -11.188 -9.519  1.00 41.82 ? 126 ILE A CA    1 
ATOM   637  C  C     . ILE C 3 26 ? -7.044  -10.606 -8.569  1.00 41.06 ? 126 ILE A C     1 
ATOM   638  O  O     . ILE C 3 26 ? -8.225  -10.559 -8.898  1.00 41.20 ? 126 ILE A O     1 
ATOM   639  C  CB    . ILE C 3 26 ? -5.931  -12.719 -9.338  1.00 42.41 ? 126 ILE A CB    1 
ATOM   640  C  CG1   . ILE C 3 26 ? -6.998  -13.377 -10.192 1.00 42.60 ? 126 ILE A CG1   1 
ATOM   641  C  CG2   . ILE C 3 26 ? -6.142  -13.129 -7.872  1.00 43.10 ? 126 ILE A CG2   1 
ATOM   642  C  CD1   . ILE C 3 26 ? -6.611  -13.470 -11.625 1.00 42.41 ? 126 ILE A CD1   1 
ATOM   643  N  N     . ARG C 3 27 ? -6.601  -10.167 -7.392  1.00 40.36 ? 127 ARG A N     1 
ATOM   644  C  CA    . ARG C 3 27 ? -7.505  -9.588  -6.407  1.00 39.91 ? 127 ARG A CA    1 
ATOM   645  C  C     . ARG C 3 27 ? -8.156  -8.310  -6.893  1.00 38.44 ? 127 ARG A C     1 
ATOM   646  O  O     . ARG C 3 27 ? -9.190  -7.905  -6.368  1.00 38.00 ? 127 ARG A O     1 
ATOM   647  C  CB    . ARG C 3 27 ? -6.797  -9.326  -5.079  1.00 41.91 ? 127 ARG A CB    1 
ATOM   648  C  CG    . ARG C 3 27 ? -6.617  -10.561 -4.236  1.00 44.47 ? 127 ARG A CG    1 
ATOM   649  C  CD    . ARG C 3 27 ? -6.264  -10.195 -2.809  1.00 46.52 ? 127 ARG A CD    1 
ATOM   650  N  NE    . ARG C 3 27 ? -6.222  -11.384 -1.967  1.00 49.06 ? 127 ARG A NE    1 
ATOM   651  C  CZ    . ARG C 3 27 ? -5.238  -11.670 -1.121  1.00 50.62 ? 127 ARG A CZ    1 
ATOM   652  N  NH1   . ARG C 3 27 ? -4.204  -10.846 -0.998  1.00 51.16 ? 127 ARG A NH1   1 
ATOM   653  N  NH2   . ARG C 3 27 ? -5.291  -12.787 -0.399  1.00 51.49 ? 127 ARG A NH2   1 
ATOM   654  N  N     . ILE C 3 28 ? -7.550  -7.655  -7.876  1.00 36.96 ? 128 ILE A N     1 
ATOM   655  C  CA    . ILE C 3 28 ? -8.153  -6.439  -8.391  1.00 37.23 ? 128 ILE A CA    1 
ATOM   656  C  C     . ILE C 3 28 ? -9.431  -6.832  -9.141  1.00 36.72 ? 128 ILE A C     1 
ATOM   657  O  O     . ILE C 3 28 ? -10.452 -6.147  -9.045  1.00 36.83 ? 128 ILE A O     1 
ATOM   658  C  CB    . ILE C 3 28 ? -7.197  -5.610  -9.316  1.00 37.72 ? 128 ILE A CB    1 
ATOM   659  C  CG1   . ILE C 3 28 ? -7.110  -6.212  -10.721 1.00 38.26 ? 128 ILE A CG1   1 
ATOM   660  C  CG2   . ILE C 3 28 ? -5.811  -5.509  -8.695  1.00 37.20 ? 128 ILE A CG2   1 
ATOM   661  C  CD1   . ILE C 3 28 ? -6.352  -5.349  -11.713 1.00 39.21 ? 128 ILE A CD1   1 
ATOM   662  N  N     . HIS C 3 29 ? -9.388  -7.983  -9.812  1.00 36.03 ? 129 HIS A N     1 
ATOM   663  C  CA    . HIS C 3 29 ? -10.528 -8.483  -10.574 1.00 35.76 ? 129 HIS A CA    1 
ATOM   664  C  C     . HIS C 3 29 ? -11.561 -9.200  -9.710  1.00 35.32 ? 129 HIS A C     1 
ATOM   665  O  O     . HIS C 3 29 ? -12.755 -9.152  -10.010 1.00 36.05 ? 129 HIS A O     1 
ATOM   666  C  CB    . HIS C 3 29 ? -10.064 -9.420  -11.686 1.00 36.05 ? 129 HIS A CB    1 
ATOM   667  C  CG    . HIS C 3 29 ? -9.057  -8.811  -12.614 1.00 37.74 ? 129 HIS A CG    1 
ATOM   668  N  ND1   . HIS C 3 29 ? -9.342  -7.730  -13.421 1.00 37.52 ? 129 HIS A ND1   1 
ATOM   669  C  CD2   . HIS C 3 29 ? -7.771  -9.144  -12.871 1.00 38.49 ? 129 HIS A CD2   1 
ATOM   670  C  CE1   . HIS C 3 29 ? -8.275  -7.425  -14.136 1.00 38.01 ? 129 HIS A CE1   1 
ATOM   671  N  NE2   . HIS C 3 29 ? -7.307  -8.266  -13.822 1.00 38.64 ? 129 HIS A NE2   1 
ATOM   672  N  N     . THR C 3 30 ? -11.112 -9.868  -8.648  1.00 34.38 ? 130 THR A N     1 
ATOM   673  C  CA    . THR C 3 30 ? -12.029 -10.589 -7.767  1.00 33.64 ? 130 THR A CA    1 
ATOM   674  C  C     . THR C 3 30 ? -12.637 -9.702  -6.682  1.00 34.25 ? 130 THR A C     1 
ATOM   675  O  O     . THR C 3 30 ? -13.627 -10.071 -6.046  1.00 33.86 ? 130 THR A O     1 
ATOM   676  C  CB    . THR C 3 30 ? -11.360 -11.817 -7.105  1.00 32.53 ? 130 THR A CB    1 
ATOM   677  O  OG1   . THR C 3 30 ? -10.388 -11.388 -6.146  1.00 32.05 ? 130 THR A OG1   1 
ATOM   678  C  CG2   . THR C 3 30 ? -10.680 -12.679 -8.147  1.00 32.00 ? 130 THR A CG2   1 
ATOM   679  N  N     . GLY C 3 31 ? -12.035 -8.532  -6.479  1.00 35.07 ? 131 GLY A N     1 
ATOM   680  C  CA    . GLY C 3 31 ? -12.507 -7.600  -5.470  1.00 35.56 ? 131 GLY A CA    1 
ATOM   681  C  C     . GLY C 3 31 ? -12.329 -8.084  -4.039  1.00 36.06 ? 131 GLY A C     1 
ATOM   682  O  O     . GLY C 3 31 ? -12.956 -7.551  -3.121  1.00 36.59 ? 131 GLY A O     1 
ATOM   683  N  N     . GLN C 3 32 ? -11.483 -9.091  -3.841  1.00 36.17 ? 132 GLN A N     1 
ATOM   684  C  CA    . GLN C 3 32 ? -11.249 -9.633  -2.510  1.00 36.32 ? 132 GLN A CA    1 
ATOM   685  C  C     . GLN C 3 32 ? -10.463 -8.668  -1.618  1.00 35.45 ? 132 GLN A C     1 
ATOM   686  O  O     . GLN C 3 32 ? -9.398  -8.174  -1.994  1.00 35.32 ? 132 GLN A O     1 
ATOM   687  C  CB    . GLN C 3 32 ? -10.522 -10.979 -2.594  1.00 38.62 ? 132 GLN A CB    1 
ATOM   688  C  CG    . GLN C 3 32 ? -10.333 -11.663 -1.227  1.00 42.53 ? 132 GLN A CG    1 
ATOM   689  C  CD    . GLN C 3 32 ? -9.424  -12.900 -1.261  1.00 44.47 ? 132 GLN A CD    1 
ATOM   690  O  OE1   . GLN C 3 32 ? -8.586  -13.063 -2.161  1.00 45.63 ? 132 GLN A OE1   1 
ATOM   691  N  NE2   . GLN C 3 32 ? -9.575  -13.767 -0.259  1.00 44.56 ? 132 GLN A NE2   1 
ATOM   692  N  N     . LYS C 3 33 ? -11.016 -8.410  -0.434  1.00 34.07 ? 133 LYS A N     1 
ATOM   693  C  CA    . LYS C 3 33 ? -10.418 -7.529  0.572   1.00 31.81 ? 133 LYS A CA    1 
ATOM   694  C  C     . LYS C 3 33 ? -10.475 -8.294  1.898   1.00 30.77 ? 133 LYS A C     1 
ATOM   695  O  O     . LYS C 3 33 ? -11.285 -7.987  2.767   1.00 30.51 ? 133 LYS A O     1 
ATOM   696  C  CB    . LYS C 3 33 ? -11.218 -6.230  0.661   1.00 31.30 ? 133 LYS A CB    1 
ATOM   697  C  CG    . LYS C 3 33 ? -11.140 -5.379  -0.589  1.00 31.47 ? 133 LYS A CG    1 
ATOM   698  C  CD    . LYS C 3 33 ? -11.824 -4.044  -0.380  1.00 33.47 ? 133 LYS A CD    1 
ATOM   699  C  CE    . LYS C 3 33 ? -11.515 -3.089  -1.523  1.00 34.81 ? 133 LYS A CE    1 
ATOM   700  N  NZ    . LYS C 3 33 ? -12.007 -3.612  -2.841  1.00 37.56 ? 133 LYS A NZ    1 
ATOM   701  N  N     . PRO C 3 34 ? -9.577  -9.281  2.081   1.00 30.64 ? 134 PRO A N     1 
ATOM   702  C  CA    . PRO C 3 34 ? -9.466  -10.150 3.262   1.00 29.93 ? 134 PRO A CA    1 
ATOM   703  C  C     . PRO C 3 34 ? -8.799  -9.615  4.530   1.00 29.16 ? 134 PRO A C     1 
ATOM   704  O  O     . PRO C 3 34 ? -8.486  -10.392 5.434   1.00 29.89 ? 134 PRO A O     1 
ATOM   705  C  CB    . PRO C 3 34 ? -8.691  -11.338 2.713   1.00 30.37 ? 134 PRO A CB    1 
ATOM   706  C  CG    . PRO C 3 34 ? -7.694  -10.655 1.820   1.00 30.49 ? 134 PRO A CG    1 
ATOM   707  C  CD    . PRO C 3 34 ? -8.515  -9.600  1.102   1.00 29.82 ? 134 PRO A CD    1 
ATOM   708  N  N     . PHE C 3 35 ? -8.550  -8.315  4.598   1.00 27.90 ? 135 PHE A N     1 
ATOM   709  C  CA    . PHE C 3 35 ? -7.909  -7.747  5.779   1.00 26.83 ? 135 PHE A CA    1 
ATOM   710  C  C     . PHE C 3 35 ? -8.769  -6.623  6.301   1.00 26.43 ? 135 PHE A C     1 
ATOM   711  O  O     . PHE C 3 35 ? -8.949  -5.604  5.642   1.00 27.10 ? 135 PHE A O     1 
ATOM   712  C  CB    . PHE C 3 35 ? -6.490  -7.259  5.450   1.00 26.65 ? 135 PHE A CB    1 
ATOM   713  C  CG    . PHE C 3 35 ? -5.614  -8.330  4.853   1.00 25.76 ? 135 PHE A CG    1 
ATOM   714  C  CD1   . PHE C 3 35 ? -5.041  -9.308  5.657   1.00 25.84 ? 135 PHE A CD1   1 
ATOM   715  C  CD2   . PHE C 3 35 ? -5.426  -8.402  3.479   1.00 25.08 ? 135 PHE A CD2   1 
ATOM   716  C  CE1   . PHE C 3 35 ? -4.300  -10.349 5.099   1.00 25.96 ? 135 PHE A CE1   1 
ATOM   717  C  CE2   . PHE C 3 35 ? -4.690  -9.435  2.915   1.00 24.90 ? 135 PHE A CE2   1 
ATOM   718  C  CZ    . PHE C 3 35 ? -4.126  -10.412 3.726   1.00 25.27 ? 135 PHE A CZ    1 
ATOM   719  N  N     . GLN C 3 36 ? -9.296  -6.810  7.502   1.00 26.02 ? 136 GLN A N     1 
ATOM   720  C  CA    . GLN C 3 36 ? -10.176 -5.818  8.089   1.00 25.77 ? 136 GLN A CA    1 
ATOM   721  C  C     . GLN C 3 36 ? -9.598  -5.038  9.272   1.00 25.44 ? 136 GLN A C     1 
ATOM   722  O  O     . GLN C 3 36 ? -8.911  -5.587  10.140  1.00 24.79 ? 136 GLN A O     1 
ATOM   723  C  CB    . GLN C 3 36 ? -11.483 -6.499  8.483   1.00 26.80 ? 136 GLN A CB    1 
ATOM   724  C  CG    . GLN C 3 36 ? -12.662 -5.580  8.708   1.00 26.42 ? 136 GLN A CG    1 
ATOM   725  C  CD    . GLN C 3 36 ? -13.863 -6.355  9.180   1.00 26.60 ? 136 GLN A CD    1 
ATOM   726  O  OE1   . GLN C 3 36 ? -13.744 -7.233  10.036  1.00 26.52 ? 136 GLN A OE1   1 
ATOM   727  N  NE2   . GLN C 3 36 ? -15.024 -6.059  8.612   1.00 26.72 ? 136 GLN A NE2   1 
ATOM   728  N  N     . CYS C 3 37 ? -9.855  -3.736  9.256   1.00 25.30 ? 137 CYS A N     1 
ATOM   729  C  CA    . CYS C 3 37 ? -9.422  -2.833  10.305  1.00 25.23 ? 137 CYS A CA    1 
ATOM   730  C  C     . CYS C 3 37 ? -10.415 -3.007  11.447  1.00 26.79 ? 137 CYS A C     1 
ATOM   731  O  O     . CYS C 3 37 ? -11.608 -2.757  11.283  1.00 26.75 ? 137 CYS A O     1 
ATOM   732  C  CB    . CYS C 3 37 ? -9.477  -1.400  9.786   1.00 23.82 ? 137 CYS A CB    1 
ATOM   733  S  SG    . CYS C 3 37 ? -9.224  -0.138  11.019  1.00 22.36 ? 137 CYS A SG    1 
ATOM   734  N  N     . ARG C 3 38 ? -9.934  -3.475  12.591  1.00 27.59 ? 138 ARG A N     1 
ATOM   735  C  CA    . ARG C 3 38 ? -10.818 -3.676  13.722  1.00 28.84 ? 138 ARG A CA    1 
ATOM   736  C  C     . ARG C 3 38 ? -11.346 -2.371  14.287  1.00 28.87 ? 138 ARG A C     1 
ATOM   737  O  O     . ARG C 3 38 ? -12.331 -2.368  15.018  1.00 29.82 ? 138 ARG A O     1 
ATOM   738  C  CB    . ARG C 3 38 ? -10.133 -4.502  14.811  1.00 30.28 ? 138 ARG A CB    1 
ATOM   739  C  CG    . ARG C 3 38 ? -8.655  -4.218  15.006  1.00 32.25 ? 138 ARG A CG    1 
ATOM   740  C  CD    . ARG C 3 38 ? -8.135  -4.866  16.291  1.00 33.76 ? 138 ARG A CD    1 
ATOM   741  N  NE    . ARG C 3 38 ? -8.060  -6.325  16.227  1.00 35.14 ? 138 ARG A NE    1 
ATOM   742  C  CZ    . ARG C 3 38 ? -8.175  -7.123  17.283  1.00 35.24 ? 138 ARG A CZ    1 
ATOM   743  N  NH1   . ARG C 3 38 ? -8.379  -6.609  18.487  1.00 34.38 ? 138 ARG A NH1   1 
ATOM   744  N  NH2   . ARG C 3 38 ? -8.075  -8.439  17.139  1.00 36.73 ? 138 ARG A NH2   1 
ATOM   745  N  N     . ILE C 3 39 ? -10.725 -1.254  13.915  1.00 28.28 ? 139 ILE A N     1 
ATOM   746  C  CA    . ILE C 3 39 ? -11.171 0.036   14.418  1.00 27.92 ? 139 ILE A CA    1 
ATOM   747  C  C     . ILE C 3 39 ? -12.405 0.555   13.674  1.00 28.66 ? 139 ILE A C     1 
ATOM   748  O  O     . ILE C 3 39 ? -13.420 0.883   14.293  1.00 28.66 ? 139 ILE A O     1 
ATOM   749  C  CB    . ILE C 3 39 ? -10.054 1.112   14.362  1.00 27.21 ? 139 ILE A CB    1 
ATOM   750  C  CG1   . ILE C 3 39 ? -8.704  0.527   14.797  1.00 26.71 ? 139 ILE A CG1   1 
ATOM   751  C  CG2   . ILE C 3 39 ? -10.431 2.310   15.240  1.00 25.80 ? 139 ILE A CG2   1 
ATOM   752  C  CD1   . ILE C 3 39 ? -8.719  -0.147  16.134  1.00 27.04 ? 139 ILE A CD1   1 
ATOM   753  N  N     . CYS C 3 40 ? -12.335 0.606   12.350  1.00 28.82 ? 140 CYS A N     1 
ATOM   754  C  CA    . CYS C 3 40 ? -13.462 1.114   11.572  1.00 29.15 ? 140 CYS A CA    1 
ATOM   755  C  C     . CYS C 3 40 ? -14.134 0.069   10.690  1.00 30.00 ? 140 CYS A C     1 
ATOM   756  O  O     . CYS C 3 40 ? -15.047 0.389   9.936   1.00 30.16 ? 140 CYS A O     1 
ATOM   757  C  CB    . CYS C 3 40 ? -13.011 2.275   10.701  1.00 28.19 ? 140 CYS A CB    1 
ATOM   758  S  SG    . CYS C 3 40 ? -11.904 1.739   9.401   1.00 25.78 ? 140 CYS A SG    1 
ATOM   759  N  N     . MET C 3 41 ? -13.654 -1.166  10.762  1.00 31.04 ? 141 MET A N     1 
ATOM   760  C  CA    . MET C 3 41 ? -14.195 -2.284  9.992   1.00 32.02 ? 141 MET A CA    1 
ATOM   761  C  C     . MET C 3 41 ? -13.977 -2.226  8.479   1.00 30.93 ? 141 MET A C     1 
ATOM   762  O  O     . MET C 3 41 ? -14.486 -3.082  7.762   1.00 31.16 ? 141 MET A O     1 
ATOM   763  C  CB    . MET C 3 41 ? -15.695 -2.485  10.270  1.00 35.73 ? 141 MET A CB    1 
ATOM   764  C  CG    . MET C 3 41 ? -16.162 -2.234  11.700  1.00 39.77 ? 141 MET A CG    1 
ATOM   765  S  SD    . MET C 3 41 ? -15.166 -3.033  12.969  1.00 46.75 ? 141 MET A SD    1 
ATOM   766  C  CE    . MET C 3 41 ? -15.052 -4.734  12.363  1.00 43.33 ? 141 MET A CE    1 
ATOM   767  N  N     . ARG C 3 42 ? -13.232 -1.241  7.982   1.00 29.66 ? 142 ARG A N     1 
ATOM   768  C  CA    . ARG C 3 42 ? -12.990 -1.146  6.542   1.00 27.84 ? 142 ARG A CA    1 
ATOM   769  C  C     . ARG C 3 42 ? -12.177 -2.347  6.087   1.00 27.22 ? 142 ARG A C     1 
ATOM   770  O  O     . ARG C 3 42 ? -11.365 -2.863  6.843   1.00 28.14 ? 142 ARG A O     1 
ATOM   771  C  CB    . ARG C 3 42 ? -12.257 0.149   6.182   1.00 27.03 ? 142 ARG A CB    1 
ATOM   772  C  CG    . ARG C 3 42 ? -12.123 0.354   4.687   1.00 25.79 ? 142 ARG A CG    1 
ATOM   773  C  CD    . ARG C 3 42 ? -11.713 1.770   4.324   1.00 25.44 ? 142 ARG A CD    1 
ATOM   774  N  NE    . ARG C 3 42 ? -11.497 1.855   2.886   1.00 25.50 ? 142 ARG A NE    1 
ATOM   775  C  CZ    . ARG C 3 42 ? -11.234 2.967   2.213   1.00 25.41 ? 142 ARG A CZ    1 
ATOM   776  N  NH1   . ARG C 3 42 ? -11.142 4.133   2.832   1.00 25.56 ? 142 ARG A NH1   1 
ATOM   777  N  NH2   . ARG C 3 42 ? -11.086 2.909   0.900   1.00 26.37 ? 142 ARG A NH2   1 
ATOM   778  N  N     . ASN C 3 43 ? -12.436 -2.823  4.875   1.00 26.34 ? 143 ASN A N     1 
ATOM   779  C  CA    . ASN C 3 43 ? -11.716 -3.975  4.343   1.00 24.98 ? 143 ASN A CA    1 
ATOM   780  C  C     . ASN C 3 43 ? -10.652 -3.512  3.381   1.00 23.66 ? 143 ASN A C     1 
ATOM   781  O  O     . ASN C 3 43 ? -10.848 -2.546  2.648   1.00 23.58 ? 143 ASN A O     1 
ATOM   782  C  CB    . ASN C 3 43 ? -12.665 -4.919  3.617   1.00 26.30 ? 143 ASN A CB    1 
ATOM   783  C  CG    . ASN C 3 43 ? -13.840 -5.309  4.464   1.00 27.54 ? 143 ASN A CG    1 
ATOM   784  O  OD1   . ASN C 3 43 ? -13.685 -5.973  5.489   1.00 27.25 ? 143 ASN A OD1   1 
ATOM   785  N  ND2   . ASN C 3 43 ? -15.028 -4.866  4.062   1.00 28.09 ? 143 ASN A ND2   1 
ATOM   786  N  N     . PHE C 3 44 ? -9.536  -4.225  3.381   1.00 22.43 ? 144 PHE A N     1 
ATOM   787  C  CA    . PHE C 3 44 ? -8.407  -3.908  2.527   1.00 21.93 ? 144 PHE A CA    1 
ATOM   788  C  C     . PHE C 3 44 ? -7.915  -5.133  1.786   1.00 21.96 ? 144 PHE A C     1 
ATOM   789  O  O     . PHE C 3 44 ? -8.000  -6.258  2.275   1.00 21.24 ? 144 PHE A O     1 
ATOM   790  C  CB    . PHE C 3 44 ? -7.274  -3.301  3.357   1.00 21.42 ? 144 PHE A CB    1 
ATOM   791  C  CG    . PHE C 3 44 ? -7.635  -1.994  3.991   1.00 20.32 ? 144 PHE A CG    1 
ATOM   792  C  CD1   . PHE C 3 44 ? -7.445  -0.803  3.303   1.00 20.78 ? 144 PHE A CD1   1 
ATOM   793  C  CD2   . PHE C 3 44 ? -8.219  -1.956  5.252   1.00 20.12 ? 144 PHE A CD2   1 
ATOM   794  C  CE1   . PHE C 3 44 ? -7.830  0.392   3.849   1.00 19.77 ? 144 PHE A CE1   1 
ATOM   795  C  CE2   . PHE C 3 44 ? -8.611  -0.762  5.810   1.00 18.78 ? 144 PHE A CE2   1 
ATOM   796  C  CZ    . PHE C 3 44 ? -8.417  0.414   5.107   1.00 20.20 ? 144 PHE A CZ    1 
ATOM   797  N  N     . SER C 3 45 ? -7.379  -4.891  0.601   1.00 22.39 ? 145 SER A N     1 
ATOM   798  C  CA    . SER C 3 45 ? -6.869  -5.946  -0.251  1.00 23.53 ? 145 SER A CA    1 
ATOM   799  C  C     . SER C 3 45 ? -5.490  -6.442  0.162   1.00 23.55 ? 145 SER A C     1 
ATOM   800  O  O     . SER C 3 45 ? -5.074  -7.522  -0.260  1.00 23.78 ? 145 SER A O     1 
ATOM   801  C  CB    . SER C 3 45 ? -6.803  -5.439  -1.687  1.00 23.42 ? 145 SER A CB    1 
ATOM   802  O  OG    . SER C 3 45 ? -6.111  -4.204  -1.735  1.00 23.95 ? 145 SER A OG    1 
ATOM   803  N  N     . ARG C 3 46 ? -4.778  -5.650  0.961   1.00 22.76 ? 146 ARG A N     1 
ATOM   804  C  CA    . ARG C 3 46 ? -3.428  -6.005  1.389   1.00 22.89 ? 146 ARG A CA    1 
ATOM   805  C  C     . ARG C 3 46 ? -3.201  -5.759  2.876   1.00 23.16 ? 146 ARG A C     1 
ATOM   806  O  O     . ARG C 3 46 ? -3.642  -4.748  3.430   1.00 23.58 ? 146 ARG A O     1 
ATOM   807  C  CB    . ARG C 3 46 ? -2.408  -5.211  0.589   1.00 22.96 ? 146 ARG A CB    1 
ATOM   808  C  CG    . ARG C 3 46 ? -2.673  -5.185  -0.899  1.00 23.17 ? 146 ARG A CG    1 
ATOM   809  C  CD    . ARG C 3 46 ? -1.444  -5.588  -1.648  1.00 24.09 ? 146 ARG A CD    1 
ATOM   810  N  NE    . ARG C 3 46 ? -0.294  -4.820  -1.189  1.00 24.50 ? 146 ARG A NE    1 
ATOM   811  C  CZ    . ARG C 3 46 ? 0.475   -4.083  -1.980  1.00 24.75 ? 146 ARG A CZ    1 
ATOM   812  N  NH1   . ARG C 3 46 ? 0.225   -4.001  -3.284  1.00 23.43 ? 146 ARG A NH1   1 
ATOM   813  N  NH2   . ARG C 3 46 ? 1.514   -3.447  -1.466  1.00 25.10 ? 146 ARG A NH2   1 
ATOM   814  N  N     . SER C 3 47 ? -2.496  -6.688  3.514   1.00 22.56 ? 147 SER A N     1 
ATOM   815  C  CA    . SER C 3 47 ? -2.212  -6.599  4.934   1.00 22.01 ? 147 SER A CA    1 
ATOM   816  C  C     . SER C 3 47 ? -1.340  -5.395  5.243   1.00 21.86 ? 147 SER A C     1 
ATOM   817  O  O     . SER C 3 47 ? -1.528  -4.738  6.265   1.00 21.63 ? 147 SER A O     1 
ATOM   818  C  CB    . SER C 3 47 ? -1.541  -7.887  5.430   1.00 21.63 ? 147 SER A CB    1 
ATOM   819  O  OG    . SER C 3 47 ? -0.283  -8.097  4.819   1.00 21.51 ? 147 SER A OG    1 
ATOM   820  N  N     . ASP C 3 48 ? -0.390  -5.106  4.355   1.00 22.05 ? 148 ASP A N     1 
ATOM   821  C  CA    . ASP C 3 48 ? 0.505   -3.975  4.553   1.00 21.77 ? 148 ASP A CA    1 
ATOM   822  C  C     . ASP C 3 48 ? -0.243  -2.657  4.453   1.00 21.09 ? 148 ASP A C     1 
ATOM   823  O  O     . ASP C 3 48 ? 0.050   -1.722  5.190   1.00 21.58 ? 148 ASP A O     1 
ATOM   824  C  CB    . ASP C 3 48 ? 1.708   -4.028  3.595   1.00 22.50 ? 148 ASP A CB    1 
ATOM   825  C  CG    . ASP C 3 48 ? 1.309   -4.151  2.129   1.00 23.53 ? 148 ASP A CG    1 
ATOM   826  O  OD1   . ASP C 3 48 ? 0.320   -4.841  1.813   1.00 25.06 ? 148 ASP A OD1   1 
ATOM   827  O  OD2   . ASP C 3 48 ? 2.003   -3.565  1.280   1.00 22.74 ? 148 ASP A OD2   1 
ATOM   828  N  N     . HIS C 3 49 ? -1.237  -2.596  3.571   1.00 21.17 ? 149 HIS A N     1 
ATOM   829  C  CA    . HIS C 3 49 ? -2.034  -1.385  3.420   1.00 20.74 ? 149 HIS A CA    1 
ATOM   830  C  C     . HIS C 3 49 ? -2.943  -1.193  4.623   1.00 20.72 ? 149 HIS A C     1 
ATOM   831  O  O     . HIS C 3 49 ? -3.306  -0.067  4.965   1.00 21.54 ? 149 HIS A O     1 
ATOM   832  C  CB    . HIS C 3 49 ? -2.842  -1.421  2.131   1.00 20.11 ? 149 HIS A CB    1 
ATOM   833  C  CG    . HIS C 3 49 ? -2.012  -1.211  0.903   1.00 21.36 ? 149 HIS A CG    1 
ATOM   834  N  ND1   . HIS C 3 49 ? -0.750  -0.666  0.945   1.00 20.74 ? 149 HIS A ND1   1 
ATOM   835  C  CD2   . HIS C 3 49 ? -2.269  -1.475  -0.404  1.00 20.79 ? 149 HIS A CD2   1 
ATOM   836  C  CE1   . HIS C 3 49 ? -0.258  -0.600  -0.283  1.00 21.40 ? 149 HIS A CE1   1 
ATOM   837  N  NE2   . HIS C 3 49 ? -1.165  -1.085  -1.116  1.00 21.23 ? 149 HIS A NE2   1 
ATOM   838  N  N     . LEU C 3 50 ? -3.298  -2.293  5.279   1.00 20.86 ? 150 LEU A N     1 
ATOM   839  C  CA    . LEU C 3 50 ? -4.133  -2.218  6.465   1.00 20.22 ? 150 LEU A CA    1 
ATOM   840  C  C     . LEU C 3 50 ? -3.285  -1.699  7.598   1.00 20.13 ? 150 LEU A C     1 
ATOM   841  O  O     . LEU C 3 50 ? -3.749  -0.896  8.395   1.00 21.99 ? 150 LEU A O     1 
ATOM   842  C  CB    . LEU C 3 50 ? -4.713  -3.581  6.838   1.00 19.99 ? 150 LEU A CB    1 
ATOM   843  C  CG    . LEU C 3 50 ? -5.287  -3.688  8.257   1.00 18.96 ? 150 LEU A CG    1 
ATOM   844  C  CD1   . LEU C 3 50 ? -6.432  -2.713  8.446   1.00 17.44 ? 150 LEU A CD1   1 
ATOM   845  C  CD2   . LEU C 3 50 ? -5.725  -5.118  8.528   1.00 17.97 ? 150 LEU A CD2   1 
ATOM   846  N  N     . THR C 3 51 ? -2.043  -2.155  7.671   1.00 19.77 ? 151 THR A N     1 
ATOM   847  C  CA    . THR C 3 51 ? -1.148  -1.698  8.724   1.00 20.61 ? 151 THR A CA    1 
ATOM   848  C  C     . THR C 3 51 ? -0.999  -0.177  8.720   1.00 20.35 ? 151 THR A C     1 
ATOM   849  O  O     . THR C 3 51 ? -1.199  0.472   9.747   1.00 21.14 ? 151 THR A O     1 
ATOM   850  C  CB    . THR C 3 51 ? 0.232   -2.380  8.617   1.00 20.85 ? 151 THR A CB    1 
ATOM   851  O  OG1   . THR C 3 51 ? 0.080   -3.771  8.909   1.00 22.19 ? 151 THR A OG1   1 
ATOM   852  C  CG2   . THR C 3 51 ? 1.237   -1.767  9.604   1.00 20.67 ? 151 THR A CG2   1 
ATOM   853  N  N     . THR C 3 52 ? -0.695  0.398   7.564   1.00 20.01 ? 152 THR A N     1 
ATOM   854  C  CA    . THR C 3 52 ? -0.532  1.843   7.473   1.00 19.44 ? 152 THR A CA    1 
ATOM   855  C  C     . THR C 3 52 ? -1.845  2.585   7.672   1.00 19.82 ? 152 THR A C     1 
ATOM   856  O  O     . THR C 3 52 ? -1.850  3.724   8.128   1.00 20.30 ? 152 THR A O     1 
ATOM   857  C  CB    . THR C 3 52 ? 0.108   2.262   6.150   1.00 19.19 ? 152 THR A CB    1 
ATOM   858  O  OG1   . THR C 3 52 ? -0.673  1.762   5.057   1.00 19.08 ? 152 THR A OG1   1 
ATOM   859  C  CG2   . THR C 3 52 ? 1.534   1.722   6.067   1.00 18.11 ? 152 THR A CG2   1 
ATOM   860  N  N     . HIS C 3 53 ? -2.957  1.939   7.334   1.00 20.01 ? 153 HIS A N     1 
ATOM   861  C  CA    . HIS C 3 53 ? -4.274  2.542   7.513   1.00 18.89 ? 153 HIS A CA    1 
ATOM   862  C  C     . HIS C 3 53 ? -4.578  2.697   8.997   1.00 18.78 ? 153 HIS A C     1 
ATOM   863  O  O     . HIS C 3 53 ? -5.114  3.710   9.415   1.00 18.59 ? 153 HIS A O     1 
ATOM   864  C  CB    . HIS C 3 53 ? -5.359  1.673   6.875   1.00 19.12 ? 153 HIS A CB    1 
ATOM   865  C  CG    . HIS C 3 53 ? -6.730  1.922   7.432   1.00 18.97 ? 153 HIS A CG    1 
ATOM   866  N  ND1   . HIS C 3 53 ? -7.531  2.960   7.012   1.00 18.04 ? 153 HIS A ND1   1 
ATOM   867  C  CD2   . HIS C 3 53 ? -7.422  1.287   8.412   1.00 18.38 ? 153 HIS A CD2   1 
ATOM   868  C  CE1   . HIS C 3 53 ? -8.655  2.961   7.707   1.00 17.36 ? 153 HIS A CE1   1 
ATOM   869  N  NE2   . HIS C 3 53 ? -8.614  1.957   8.562   1.00 18.06 ? 153 HIS A NE2   1 
ATOM   870  N  N     . ILE C 3 54 ? -4.270  1.667   9.781   1.00 19.32 ? 154 ILE A N     1 
ATOM   871  C  CA    . ILE C 3 54 ? -4.516  1.689   11.222  1.00 18.63 ? 154 ILE A CA    1 
ATOM   872  C  C     . ILE C 3 54 ? -3.831  2.864   11.922  1.00 18.28 ? 154 ILE A C     1 
ATOM   873  O  O     . ILE C 3 54 ? -4.315  3.357   12.941  1.00 16.41 ? 154 ILE A O     1 
ATOM   874  C  CB    . ILE C 3 54 ? -4.109  0.350   11.873  1.00 18.92 ? 154 ILE A CB    1 
ATOM   875  C  CG1   . ILE C 3 54 ? -4.997  -0.775  11.334  1.00 19.25 ? 154 ILE A CG1   1 
ATOM   876  C  CG2   . ILE C 3 54 ? -4.272  0.423   13.380  1.00 19.41 ? 154 ILE A CG2   1 
ATOM   877  C  CD1   . ILE C 3 54 ? -4.459  -2.160  11.602  1.00 18.52 ? 154 ILE A CD1   1 
ATOM   878  N  N     . ARG C 3 55 ? -2.722  3.330   11.354  1.00 18.91 ? 155 ARG A N     1 
ATOM   879  C  CA    . ARG C 3 55 ? -1.988  4.462   11.917  1.00 19.16 ? 155 ARG A CA    1 
ATOM   880  C  C     . ARG C 3 55 ? -2.770  5.763   11.774  1.00 19.78 ? 155 ARG A C     1 
ATOM   881  O  O     . ARG C 3 55 ? -2.433  6.760   12.397  1.00 19.75 ? 155 ARG A O     1 
ATOM   882  C  CB    . ARG C 3 55 ? -0.617  4.605   11.253  1.00 19.10 ? 155 ARG A CB    1 
ATOM   883  C  CG    . ARG C 3 55 ? 0.280   3.426   11.484  1.00 18.29 ? 155 ARG A CG    1 
ATOM   884  C  CD    . ARG C 3 55 ? 1.643   3.643   10.889  1.00 18.99 ? 155 ARG A CD    1 
ATOM   885  N  NE    . ARG C 3 55 ? 2.476   2.478   11.141  1.00 20.37 ? 155 ARG A NE    1 
ATOM   886  C  CZ    . ARG C 3 55 ? 3.357   1.986   10.284  1.00 20.78 ? 155 ARG A CZ    1 
ATOM   887  N  NH1   . ARG C 3 55 ? 3.544   2.569   9.111   1.00 21.33 ? 155 ARG A NH1   1 
ATOM   888  N  NH2   . ARG C 3 55 ? 3.984   0.856   10.570  1.00 21.41 ? 155 ARG A NH2   1 
ATOM   889  N  N     . THR C 3 56 ? -3.790  5.764   10.921  1.00 21.00 ? 156 THR A N     1 
ATOM   890  C  CA    . THR C 3 56 ? -4.612  6.954   10.753  1.00 21.45 ? 156 THR A CA    1 
ATOM   891  C  C     . THR C 3 56 ? -5.552  7.061   11.961  1.00 22.07 ? 156 THR A C     1 
ATOM   892  O  O     . THR C 3 56 ? -6.134  8.118   12.217  1.00 22.81 ? 156 THR A O     1 
ATOM   893  C  CB    . THR C 3 56 ? -5.432  6.916   9.454   1.00 20.78 ? 156 THR A CB    1 
ATOM   894  O  OG1   . THR C 3 56 ? -6.459  5.927   9.554   1.00 21.90 ? 156 THR A OG1   1 
ATOM   895  C  CG2   . THR C 3 56 ? -4.547  6.604   8.279   1.00 20.53 ? 156 THR A CG2   1 
ATOM   896  N  N     . HIS C 3 57 ? -5.678  5.962   12.703  1.00 22.18 ? 157 HIS A N     1 
ATOM   897  C  CA    . HIS C 3 57 ? -6.516  5.908   13.899  1.00 23.29 ? 157 HIS A CA    1 
ATOM   898  C  C     . HIS C 3 57 ? -5.694  6.135   15.176  1.00 23.73 ? 157 HIS A C     1 
ATOM   899  O  O     . HIS C 3 57 ? -6.096  6.902   16.048  1.00 25.43 ? 157 HIS A O     1 
ATOM   900  C  CB    . HIS C 3 57 ? -7.204  4.548   14.023  1.00 22.66 ? 157 HIS A CB    1 
ATOM   901  C  CG    . HIS C 3 57 ? -8.128  4.217   12.894  1.00 22.77 ? 157 HIS A CG    1 
ATOM   902  N  ND1   . HIS C 3 57 ? -9.177  5.029   12.527  1.00 21.54 ? 157 HIS A ND1   1 
ATOM   903  C  CD2   . HIS C 3 57 ? -8.200  3.122   12.102  1.00 22.45 ? 157 HIS A CD2   1 
ATOM   904  C  CE1   . HIS C 3 57 ? -9.863  4.445   11.559  1.00 22.21 ? 157 HIS A CE1   1 
ATOM   905  N  NE2   . HIS C 3 57 ? -9.291  3.287   11.283  1.00 22.12 ? 157 HIS A NE2   1 
ATOM   906  N  N     . THR C 3 58 ? -4.555  5.451   15.290  1.00 23.68 ? 158 THR A N     1 
ATOM   907  C  CA    . THR C 3 58 ? -3.693  5.553   16.471  1.00 22.85 ? 158 THR A CA    1 
ATOM   908  C  C     . THR C 3 58 ? -2.796  6.790   16.497  1.00 22.97 ? 158 THR A C     1 
ATOM   909  O  O     . THR C 3 58 ? -2.367  7.241   17.565  1.00 23.06 ? 158 THR A O     1 
ATOM   910  C  CB    . THR C 3 58 ? -2.786  4.317   16.600  1.00 22.43 ? 158 THR A CB    1 
ATOM   911  O  OG1   . THR C 3 58 ? -1.877  4.281   15.494  1.00 21.72 ? 158 THR A OG1   1 
ATOM   912  C  CG2   . THR C 3 58 ? -3.618  3.040   16.616  1.00 21.69 ? 158 THR A CG2   1 
ATOM   913  N  N     . GLY C 3 59 ? -2.502  7.323   15.320  1.00 22.43 ? 159 GLY A N     1 
ATOM   914  C  CA    . GLY C 3 59 ? -1.641  8.482   15.228  1.00 22.79 ? 159 GLY A CA    1 
ATOM   915  C  C     . GLY C 3 59 ? -0.177  8.088   15.255  1.00 22.73 ? 159 GLY A C     1 
ATOM   916  O  O     . GLY C 3 59 ? 0.681   8.943   15.415  1.00 22.56 ? 159 GLY A O     1 
ATOM   917  N  N     . GLU C 3 60 ? 0.110   6.795   15.114  1.00 23.28 ? 160 GLU A N     1 
ATOM   918  C  CA    . GLU C 3 60 ? 1.491   6.319   15.121  1.00 23.46 ? 160 GLU A CA    1 
ATOM   919  C  C     . GLU C 3 60 ? 2.188   6.811   13.864  1.00 23.72 ? 160 GLU A C     1 
ATOM   920  O  O     . GLU C 3 60 ? 1.701   6.596   12.750  1.00 24.34 ? 160 GLU A O     1 
ATOM   921  C  CB    . GLU C 3 60 ? 1.539   4.796   15.163  1.00 24.28 ? 160 GLU A CB    1 
ATOM   922  C  CG    . GLU C 3 60 ? 2.934   4.224   15.308  1.00 25.72 ? 160 GLU A CG    1 
ATOM   923  C  CD    . GLU C 3 60 ? 3.002   2.769   14.917  1.00 27.56 ? 160 GLU A CD    1 
ATOM   924  O  OE1   . GLU C 3 60 ? 1.942   2.142   14.748  1.00 29.44 ? 160 GLU A OE1   1 
ATOM   925  O  OE2   . GLU C 3 60 ? 4.117   2.243   14.753  1.00 30.96 ? 160 GLU A OE2   1 
ATOM   926  N  N     . LYS C 3 61 ? 3.309   7.500   14.055  1.00 22.87 ? 161 LYS A N     1 
ATOM   927  C  CA    . LYS C 3 61 ? 4.096   8.051   12.962  1.00 22.49 ? 161 LYS A CA    1 
ATOM   928  C  C     . LYS C 3 61 ? 5.549   7.686   13.224  1.00 22.64 ? 161 LYS A C     1 
ATOM   929  O  O     . LYS C 3 61 ? 6.317   8.486   13.757  1.00 22.74 ? 161 LYS A O     1 
ATOM   930  C  CB    . LYS C 3 61 ? 3.922   9.567   12.916  1.00 20.95 ? 161 LYS A CB    1 
ATOM   931  C  CG    . LYS C 3 61 ? 2.496   9.981   12.652  1.00 21.52 ? 161 LYS A CG    1 
ATOM   932  C  CD    . LYS C 3 61 ? 2.318   11.482  12.712  1.00 21.84 ? 161 LYS A CD    1 
ATOM   933  C  CE    . LYS C 3 61 ? 0.876   11.842  12.416  1.00 22.14 ? 161 LYS A CE    1 
ATOM   934  N  NZ    . LYS C 3 61 ? 0.738   13.254  11.996  1.00 22.65 ? 161 LYS A NZ    1 
ATOM   935  N  N     . PRO C 3 62 ? 5.961   6.485   12.793  1.00 22.43 ? 162 PRO A N     1 
ATOM   936  C  CA    . PRO C 3 62 ? 7.344   6.055   13.028  1.00 21.78 ? 162 PRO A CA    1 
ATOM   937  C  C     . PRO C 3 62 ? 8.448   6.632   12.156  1.00 21.12 ? 162 PRO A C     1 
ATOM   938  O  O     . PRO C 3 62 ? 9.625   6.372   12.413  1.00 20.97 ? 162 PRO A O     1 
ATOM   939  C  CB    . PRO C 3 62 ? 7.253   4.533   12.918  1.00 21.94 ? 162 PRO A CB    1 
ATOM   940  C  CG    . PRO C 3 62 ? 6.157   4.322   11.910  1.00 21.89 ? 162 PRO A CG    1 
ATOM   941  C  CD    . PRO C 3 62 ? 5.145   5.418   12.175  1.00 21.84 ? 162 PRO A CD    1 
ATOM   942  N  N     . PHE C 3 63 ? 8.093   7.464   11.180  1.00 20.03 ? 163 PHE A N     1 
ATOM   943  C  CA    . PHE C 3 63 ? 9.102   8.019   10.289  1.00 18.76 ? 163 PHE A CA    1 
ATOM   944  C  C     . PHE C 3 63 ? 9.338   9.519   10.435  1.00 18.49 ? 163 PHE A C     1 
ATOM   945  O  O     . PHE C 3 63 ? 8.515   10.335  10.049  1.00 18.69 ? 163 PHE A O     1 
ATOM   946  C  CB    . PHE C 3 63 ? 8.767   7.621   8.855   1.00 18.96 ? 163 PHE A CB    1 
ATOM   947  C  CG    . PHE C 3 63 ? 8.428   6.162   8.711   1.00 17.42 ? 163 PHE A CG    1 
ATOM   948  C  CD1   . PHE C 3 63 ? 9.420   5.201   8.719   1.00 17.21 ? 163 PHE A CD1   1 
ATOM   949  C  CD2   . PHE C 3 63 ? 7.107   5.748   8.627   1.00 17.83 ? 163 PHE A CD2   1 
ATOM   950  C  CE1   . PHE C 3 63 ? 9.102   3.847   8.653   1.00 17.61 ? 163 PHE A CE1   1 
ATOM   951  C  CE2   . PHE C 3 63 ? 6.776   4.396   8.559   1.00 17.13 ? 163 PHE A CE2   1 
ATOM   952  C  CZ    . PHE C 3 63 ? 7.773   3.446   8.572   1.00 17.61 ? 163 PHE A CZ    1 
ATOM   953  N  N     . ALA C 3 64 ? 10.493  9.864   10.994  1.00 18.40 ? 164 ALA A N     1 
ATOM   954  C  CA    . ALA C 3 64 ? 10.873  11.250  11.241  1.00 18.26 ? 164 ALA A CA    1 
ATOM   955  C  C     . ALA C 3 64 ? 11.805  11.831  10.183  1.00 18.22 ? 164 ALA A C     1 
ATOM   956  O  O     . ALA C 3 64 ? 12.777  11.200  9.774   1.00 18.03 ? 164 ALA A O     1 
ATOM   957  C  CB    . ALA C 3 64 ? 11.516  11.372  12.628  1.00 16.91 ? 164 ALA A CB    1 
ATOM   958  N  N     . CYS C 3 65 ? 11.502  13.047  9.747   1.00 18.45 ? 165 CYS A N     1 
ATOM   959  C  CA    . CYS C 3 65 ? 12.315  13.726  8.753   1.00 19.05 ? 165 CYS A CA    1 
ATOM   960  C  C     . CYS C 3 65 ? 13.673  14.035  9.376   1.00 19.74 ? 165 CYS A C     1 
ATOM   961  O  O     . CYS C 3 65 ? 13.754  14.525  10.501  1.00 20.51 ? 165 CYS A O     1 
ATOM   962  C  CB    . CYS C 3 65 ? 11.627  15.015  8.300   1.00 18.30 ? 165 CYS A CB    1 
ATOM   963  S  SG    . CYS C 3 65 ? 12.689  16.132  7.369   1.00 18.54 ? 165 CYS A SG    1 
ATOM   964  N  N     . ASP C 3 66 ? 14.741  13.714  8.656   1.00 19.86 ? 166 ASP A N     1 
ATOM   965  C  CA    . ASP C 3 66 ? 16.089  13.953  9.144   1.00 19.89 ? 166 ASP A CA    1 
ATOM   966  C  C     . ASP C 3 66 ? 16.412  15.430  9.341   1.00 19.29 ? 166 ASP A C     1 
ATOM   967  O  O     . ASP C 3 66 ? 17.196  15.787  10.224  1.00 18.38 ? 166 ASP A O     1 
ATOM   968  C  CB    . ASP C 3 66 ? 17.114  13.311  8.204   1.00 19.99 ? 166 ASP A CB    1 
ATOM   969  C  CG    . ASP C 3 66 ? 17.127  11.793  8.296   1.00 21.08 ? 166 ASP A CG    1 
ATOM   970  O  OD1   . ASP C 3 66 ? 16.865  11.216  9.380   1.00 20.33 ? 166 ASP A OD1   1 
ATOM   971  O  OD2   . ASP C 3 66 ? 17.431  11.170  7.265   1.00 23.06 ? 166 ASP A OD2   1 
ATOM   972  N  N     . ILE C 3 67 ? 15.802  16.290  8.533   1.00 18.59 ? 167 ILE A N     1 
ATOM   973  C  CA    . ILE C 3 67 ? 16.073  17.712  8.643   1.00 18.67 ? 167 ILE A CA    1 
ATOM   974  C  C     . ILE C 3 67 ? 15.306  18.426  9.746   1.00 19.91 ? 167 ILE A C     1 
ATOM   975  O  O     . ILE C 3 67 ? 15.901  19.155  10.531  1.00 21.76 ? 167 ILE A O     1 
ATOM   976  C  CB    . ILE C 3 67 ? 15.831  18.439  7.304   1.00 18.15 ? 167 ILE A CB    1 
ATOM   977  C  CG1   . ILE C 3 67 ? 16.660  17.790  6.196   1.00 16.82 ? 167 ILE A CG1   1 
ATOM   978  C  CG2   . ILE C 3 67 ? 16.155  19.939  7.425   1.00 17.79 ? 167 ILE A CG2   1 
ATOM   979  C  CD1   . ILE C 3 67 ? 18.122  17.768  6.453   1.00 15.33 ? 167 ILE A CD1   1 
ATOM   980  N  N     . CYS C 3 68 ? 13.999  18.214  9.834   1.00 20.32 ? 168 CYS A N     1 
ATOM   981  C  CA    . CYS C 3 68 ? 13.215  18.921  10.843  1.00 20.63 ? 168 CYS A CA    1 
ATOM   982  C  C     . CYS C 3 68 ? 12.634  18.052  11.943  1.00 20.51 ? 168 CYS A C     1 
ATOM   983  O  O     . CYS C 3 68 ? 12.056  18.572  12.902  1.00 20.41 ? 168 CYS A O     1 
ATOM   984  C  CB    . CYS C 3 68 ? 12.088  19.713  10.174  1.00 20.54 ? 168 CYS A CB    1 
ATOM   985  S  SG    . CYS C 3 68 ? 10.752  18.715  9.461   1.00 21.07 ? 168 CYS A SG    1 
ATOM   986  N  N     . GLY C 3 69 ? 12.745  16.737  11.787  1.00 20.19 ? 169 GLY A N     1 
ATOM   987  C  CA    . GLY C 3 69 ? 12.214  15.828  12.792  1.00 19.99 ? 169 GLY A CA    1 
ATOM   988  C  C     . GLY C 3 69 ? 10.720  15.554  12.709  1.00 19.87 ? 169 GLY A C     1 
ATOM   989  O  O     . GLY C 3 69 ? 10.199  14.771  13.501  1.00 19.91 ? 169 GLY A O     1 
ATOM   990  N  N     . ARG C 3 70 ? 10.027  16.180  11.757  1.00 20.05 ? 170 ARG A N     1 
ATOM   991  C  CA    . ARG C 3 70 ? 8.588   15.971  11.594  1.00 20.09 ? 170 ARG A CA    1 
ATOM   992  C  C     . ARG C 3 70 ? 8.282   14.492  11.336  1.00 20.32 ? 170 ARG A C     1 
ATOM   993  O  O     . ARG C 3 70 ? 8.963   13.857  10.544  1.00 20.89 ? 170 ARG A O     1 
ATOM   994  C  CB    . ARG C 3 70 ? 8.059   16.823  10.449  1.00 20.26 ? 170 ARG A CB    1 
ATOM   995  C  CG    . ARG C 3 70 ? 6.573   16.740  10.324  1.00 21.64 ? 170 ARG A CG    1 
ATOM   996  C  CD    . ARG C 3 70 ? 6.052   17.680  9.288   1.00 23.36 ? 170 ARG A CD    1 
ATOM   997  N  NE    . ARG C 3 70 ? 4.618   17.485  9.123   1.00 26.78 ? 170 ARG A NE    1 
ATOM   998  C  CZ    . ARG C 3 70 ? 3.828   18.268  8.395   1.00 28.35 ? 170 ARG A CZ    1 
ATOM   999  N  NH1   . ARG C 3 70 ? 4.332   19.313  7.749   1.00 29.19 ? 170 ARG A NH1   1 
ATOM   1000 N  NH2   . ARG C 3 70 ? 2.523   18.020  8.337   1.00 29.46 ? 170 ARG A NH2   1 
ATOM   1001 N  N     . LYS C 3 71 ? 7.268   13.950  12.013  1.00 21.19 ? 171 LYS A N     1 
ATOM   1002 C  CA    . LYS C 3 71 ? 6.903   12.534  11.879  1.00 20.92 ? 171 LYS A CA    1 
ATOM   1003 C  C     . LYS C 3 71 ? 5.807   12.240  10.878  1.00 20.46 ? 171 LYS A C     1 
ATOM   1004 O  O     . LYS C 3 71 ? 4.917   13.055  10.651  1.00 20.42 ? 171 LYS A O     1 
ATOM   1005 C  CB    . LYS C 3 71 ? 6.499   11.938  13.223  1.00 22.33 ? 171 LYS A CB    1 
ATOM   1006 C  CG    . LYS C 3 71 ? 7.523   12.116  14.317  1.00 25.26 ? 171 LYS A CG    1 
ATOM   1007 C  CD    . LYS C 3 71 ? 7.041   11.461  15.598  1.00 28.44 ? 171 LYS A CD    1 
ATOM   1008 C  CE    . LYS C 3 71 ? 7.886   11.894  16.785  1.00 31.16 ? 171 LYS A CE    1 
ATOM   1009 N  NZ    . LYS C 3 71 ? 9.343   11.797  16.468  1.00 33.33 ? 171 LYS A NZ    1 
ATOM   1010 N  N     . PHE C 3 72 ? 5.870   11.033  10.319  1.00 19.57 ? 172 PHE A N     1 
ATOM   1011 C  CA    . PHE C 3 72 ? 4.924   10.562  9.315   1.00 18.43 ? 172 PHE A CA    1 
ATOM   1012 C  C     . PHE C 3 72 ? 4.575   9.089   9.536   1.00 18.31 ? 172 PHE A C     1 
ATOM   1013 O  O     . PHE C 3 72 ? 5.398   8.310   10.020  1.00 18.03 ? 172 PHE A O     1 
ATOM   1014 C  CB    . PHE C 3 72 ? 5.510   10.761  7.911   1.00 17.15 ? 172 PHE A CB    1 
ATOM   1015 C  CG    . PHE C 3 72 ? 5.791   12.194  7.576   1.00 15.48 ? 172 PHE A CG    1 
ATOM   1016 C  CD1   . PHE C 3 72 ? 4.809   12.997  7.009   1.00 16.37 ? 172 PHE A CD1   1 
ATOM   1017 C  CD2   . PHE C 3 72 ? 7.024   12.755  7.869   1.00 15.35 ? 172 PHE A CD2   1 
ATOM   1018 C  CE1   . PHE C 3 72 ? 5.057   14.341  6.746   1.00 15.51 ? 172 PHE A CE1   1 
ATOM   1019 C  CE2   . PHE C 3 72 ? 7.284   14.095  7.613   1.00 13.67 ? 172 PHE A CE2   1 
ATOM   1020 C  CZ    . PHE C 3 72 ? 6.303   14.885  7.053   1.00 15.13 ? 172 PHE A CZ    1 
ATOM   1021 N  N     . ALA C 3 73 ? 3.340   8.724   9.192   1.00 18.51 ? 173 ALA A N     1 
ATOM   1022 C  CA    . ALA C 3 73 ? 2.841   7.360   9.342   1.00 18.24 ? 173 ALA A CA    1 
ATOM   1023 C  C     . ALA C 3 73 ? 3.499   6.411   8.355   1.00 18.39 ? 173 ALA A C     1 
ATOM   1024 O  O     . ALA C 3 73 ? 3.674   5.224   8.643   1.00 19.18 ? 173 ALA A O     1 
ATOM   1025 C  CB    . ALA C 3 73 ? 1.331   7.329   9.164   1.00 18.02 ? 173 ALA A CB    1 
ATOM   1026 N  N     . ARG C 3 74 ? 3.863   6.945   7.190   1.00 18.35 ? 174 ARG A N     1 
ATOM   1027 C  CA    . ARG C 3 74 ? 4.490   6.152   6.138   1.00 17.61 ? 174 ARG A CA    1 
ATOM   1028 C  C     . ARG C 3 74 ? 5.824   6.717   5.700   1.00 17.36 ? 174 ARG A C     1 
ATOM   1029 O  O     . ARG C 3 74 ? 6.032   7.926   5.696   1.00 17.38 ? 174 ARG A O     1 
ATOM   1030 C  CB    . ARG C 3 74 ? 3.566   6.045   4.919   1.00 16.50 ? 174 ARG A CB    1 
ATOM   1031 C  CG    . ARG C 3 74 ? 2.151   5.642   5.254   1.00 17.11 ? 174 ARG A CG    1 
ATOM   1032 C  CD    . ARG C 3 74 ? 1.426   5.032   4.062   1.00 17.76 ? 174 ARG A CD    1 
ATOM   1033 N  NE    . ARG C 3 74 ? 1.553   5.812   2.833   1.00 17.61 ? 174 ARG A NE    1 
ATOM   1034 C  CZ    . ARG C 3 74 ? 0.543   6.081   2.010   1.00 17.29 ? 174 ARG A CZ    1 
ATOM   1035 N  NH1   . ARG C 3 74 ? -0.678  5.650   2.282   1.00 16.90 ? 174 ARG A NH1   1 
ATOM   1036 N  NH2   . ARG C 3 74 ? 0.769   6.734   0.883   1.00 17.23 ? 174 ARG A NH2   1 
ATOM   1037 N  N     . SER C 3 75 ? 6.726   5.823   5.314   1.00 17.93 ? 175 SER A N     1 
ATOM   1038 C  CA    . SER C 3 75 ? 8.048   6.216   4.856   1.00 18.24 ? 175 SER A CA    1 
ATOM   1039 C  C     . SER C 3 75 ? 7.942   7.039   3.577   1.00 17.61 ? 175 SER A C     1 
ATOM   1040 O  O     . SER C 3 75 ? 8.690   7.991   3.406   1.00 18.00 ? 175 SER A O     1 
ATOM   1041 C  CB    . SER C 3 75 ? 8.929   4.991   4.621   1.00 17.73 ? 175 SER A CB    1 
ATOM   1042 O  OG    . SER C 3 75 ? 8.410   4.215   3.563   1.00 20.36 ? 175 SER A OG    1 
ATOM   1043 N  N     . ASP C 3 76 ? 6.973   6.722   2.717   1.00 17.22 ? 176 ASP A N     1 
ATOM   1044 C  CA    . ASP C 3 76 ? 6.824   7.471   1.470   1.00 17.71 ? 176 ASP A CA    1 
ATOM   1045 C  C     . ASP C 3 76 ? 6.348   8.895   1.701   1.00 17.82 ? 176 ASP A C     1 
ATOM   1046 O  O     . ASP C 3 76 ? 6.678   9.796   0.922   1.00 17.83 ? 176 ASP A O     1 
ATOM   1047 C  CB    . ASP C 3 76 ? 5.954   6.734   0.429   1.00 17.12 ? 176 ASP A CB    1 
ATOM   1048 C  CG    . ASP C 3 76 ? 4.522   6.553   0.867   1.00 17.04 ? 176 ASP A CG    1 
ATOM   1049 O  OD1   . ASP C 3 76 ? 4.286   5.874   1.882   1.00 17.64 ? 176 ASP A OD1   1 
ATOM   1050 O  OD2   . ASP C 3 76 ? 3.620   7.065   0.180   1.00 18.00 ? 176 ASP A OD2   1 
ATOM   1051 N  N     . GLU C 3 77 ? 5.605   9.110   2.783   1.00 17.75 ? 177 GLU A N     1 
ATOM   1052 C  CA    . GLU C 3 77 ? 5.138   10.453  3.108   1.00 18.69 ? 177 GLU A CA    1 
ATOM   1053 C  C     . GLU C 3 77 ? 6.335   11.236  3.616   1.00 19.23 ? 177 GLU A C     1 
ATOM   1054 O  O     . GLU C 3 77 ? 6.491   12.421  3.317   1.00 20.47 ? 177 GLU A O     1 
ATOM   1055 C  CB    . GLU C 3 77 ? 4.070   10.416  4.181   1.00 18.69 ? 177 GLU A CB    1 
ATOM   1056 C  CG    . GLU C 3 77 ? 2.810   9.695   3.766   1.00 20.90 ? 177 GLU A CG    1 
ATOM   1057 C  CD    . GLU C 3 77 ? 1.814   9.584   4.901   1.00 21.58 ? 177 GLU A CD    1 
ATOM   1058 O  OE1   . GLU C 3 77 ? 2.255   9.544   6.070   1.00 22.83 ? 177 GLU A OE1   1 
ATOM   1059 O  OE2   . GLU C 3 77 ? 0.597   9.533   4.626   1.00 22.17 ? 177 GLU A OE2   1 
ATOM   1060 N  N     . ARG C 3 78 ? 7.191   10.567  4.380   1.00 19.11 ? 178 ARG A N     1 
ATOM   1061 C  CA    . ARG C 3 78 ? 8.374   11.222  4.878   1.00 18.80 ? 178 ARG A CA    1 
ATOM   1062 C  C     . ARG C 3 78 ? 9.239   11.579  3.679   1.00 19.16 ? 178 ARG A C     1 
ATOM   1063 O  O     . ARG C 3 78 ? 9.746   12.693  3.596   1.00 19.70 ? 178 ARG A O     1 
ATOM   1064 C  CB    . ARG C 3 78 ? 9.150   10.324  5.834   1.00 19.79 ? 178 ARG A CB    1 
ATOM   1065 C  CG    . ARG C 3 78 ? 10.153  11.126  6.654   1.00 22.81 ? 178 ARG A CG    1 
ATOM   1066 C  CD    . ARG C 3 78 ? 11.564  10.627  6.518   1.00 24.31 ? 178 ARG A CD    1 
ATOM   1067 N  NE    . ARG C 3 78 ? 11.794  9.432   7.316   1.00 27.34 ? 178 ARG A NE    1 
ATOM   1068 C  CZ    . ARG C 3 78 ? 12.025  8.224   6.817   1.00 28.55 ? 178 ARG A CZ    1 
ATOM   1069 N  NH1   . ARG C 3 78 ? 12.064  8.028   5.497   1.00 29.69 ? 178 ARG A NH1   1 
ATOM   1070 N  NH2   . ARG C 3 78 ? 12.195  7.208   7.652   1.00 29.37 ? 178 ARG A NH2   1 
ATOM   1071 N  N     . LYS C 3 79 ? 9.394   10.635  2.748   1.00 19.29 ? 179 LYS A N     1 
ATOM   1072 C  CA    . LYS C 3 79 ? 10.190  10.862  1.542   1.00 19.12 ? 179 LYS A CA    1 
ATOM   1073 C  C     . LYS C 3 79 ? 9.665   12.068  0.766   1.00 19.05 ? 179 LYS A C     1 
ATOM   1074 O  O     . LYS C 3 79 ? 10.441  12.933  0.346   1.00 18.99 ? 179 LYS A O     1 
ATOM   1075 C  CB    . LYS C 3 79 ? 10.204  9.628   0.627   1.00 19.73 ? 179 LYS A CB    1 
ATOM   1076 C  CG    . LYS C 3 79 ? 10.890  9.914   -0.714  1.00 21.24 ? 179 LYS A CG    1 
ATOM   1077 C  CD    . LYS C 3 79 ? 10.832  8.761   -1.675  1.00 22.63 ? 179 LYS A CD    1 
ATOM   1078 C  CE    . LYS C 3 79 ? 11.754  7.654   -1.249  1.00 24.25 ? 179 LYS A CE    1 
ATOM   1079 N  NZ    . LYS C 3 79 ? 11.625  6.499   -2.172  1.00 27.31 ? 179 LYS A NZ    1 
ATOM   1080 N  N     . ARG C 3 80 ? 8.347   12.131  0.591   1.00 18.57 ? 180 ARG A N     1 
ATOM   1081 C  CA    . ARG C 3 80 ? 7.741   13.249  -0.117  1.00 18.23 ? 180 ARG A CA    1 
ATOM   1082 C  C     . ARG C 3 80 ? 8.019   14.554  0.628   1.00 17.81 ? 180 ARG A C     1 
ATOM   1083 O  O     . ARG C 3 80 ? 8.255   15.593  0.021   1.00 18.00 ? 180 ARG A O     1 
ATOM   1084 C  CB    . ARG C 3 80 ? 6.233   13.039  -0.264  1.00 18.26 ? 180 ARG A CB    1 
ATOM   1085 C  CG    . ARG C 3 80 ? 5.549   14.111  -1.100  1.00 18.78 ? 180 ARG A CG    1 
ATOM   1086 C  CD    . ARG C 3 80 ? 4.079   13.816  -1.289  1.00 18.71 ? 180 ARG A CD    1 
ATOM   1087 N  NE    . ARG C 3 80 ? 3.370   13.726  -0.014  1.00 18.99 ? 180 ARG A NE    1 
ATOM   1088 C  CZ    . ARG C 3 80 ? 2.070   13.480  0.103   1.00 18.42 ? 180 ARG A CZ    1 
ATOM   1089 N  NH1   . ARG C 3 80 ? 1.330   13.298  -0.980  1.00 18.72 ? 180 ARG A NH1   1 
ATOM   1090 N  NH2   . ARG C 3 80 ? 1.511   13.414  1.300   1.00 17.66 ? 180 ARG A NH2   1 
ATOM   1091 N  N     . HIS C 3 81 ? 8.012   14.489  1.950   1.00 17.35 ? 181 HIS A N     1 
ATOM   1092 C  CA    . HIS C 3 81 ? 8.257   15.669  2.746   1.00 17.77 ? 181 HIS A CA    1 
ATOM   1093 C  C     . HIS C 3 81 ? 9.697   16.176  2.684   1.00 18.71 ? 181 HIS A C     1 
ATOM   1094 O  O     . HIS C 3 81 ? 9.940   17.317  2.321   1.00 17.60 ? 181 HIS A O     1 
ATOM   1095 C  CB    . HIS C 3 81 ? 7.857   15.398  4.193   1.00 17.71 ? 181 HIS A CB    1 
ATOM   1096 C  CG    . HIS C 3 81 ? 8.386   16.402  5.167   1.00 17.45 ? 181 HIS A CG    1 
ATOM   1097 N  ND1   . HIS C 3 81 ? 7.714   17.561  5.478   1.00 16.65 ? 181 HIS A ND1   1 
ATOM   1098 C  CD2   . HIS C 3 81 ? 9.542   16.437  5.866   1.00 18.00 ? 181 HIS A CD2   1 
ATOM   1099 C  CE1   . HIS C 3 81 ? 8.438   18.271  6.320   1.00 17.40 ? 181 HIS A CE1   1 
ATOM   1100 N  NE2   . HIS C 3 81 ? 9.552   17.616  6.573   1.00 17.99 ? 181 HIS A NE2   1 
ATOM   1101 N  N     . THR C 3 82 ? 10.639  15.329  3.076   1.00 19.91 ? 182 THR A N     1 
ATOM   1102 C  CA    . THR C 3 82 ? 12.050  15.686  3.115   1.00 21.36 ? 182 THR A CA    1 
ATOM   1103 C  C     . THR C 3 82 ? 12.525  16.616  2.001   1.00 22.51 ? 182 THR A C     1 
ATOM   1104 O  O     . THR C 3 82 ? 13.288  17.554  2.251   1.00 23.37 ? 182 THR A O     1 
ATOM   1105 C  CB    . THR C 3 82 ? 12.941  14.429  3.106   1.00 22.31 ? 182 THR A CB    1 
ATOM   1106 O  OG1   . THR C 3 82 ? 12.502  13.526  4.131   1.00 22.99 ? 182 THR A OG1   1 
ATOM   1107 C  CG2   . THR C 3 82 ? 14.400  14.802  3.361   1.00 21.60 ? 182 THR A CG2   1 
ATOM   1108 N  N     . LYS C 3 83 ? 12.036  16.386  0.787   1.00 22.59 ? 183 LYS A N     1 
ATOM   1109 C  CA    . LYS C 3 83 ? 12.450  17.183  -0.353  1.00 22.39 ? 183 LYS A CA    1 
ATOM   1110 C  C     . LYS C 3 83 ? 12.032  18.634  -0.327  1.00 22.80 ? 183 LYS A C     1 
ATOM   1111 O  O     . LYS C 3 83 ? 12.496  19.410  -1.151  1.00 24.54 ? 183 LYS A O     1 
ATOM   1112 C  CB    . LYS C 3 83 ? 11.999  16.537  -1.659  1.00 23.78 ? 183 LYS A CB    1 
ATOM   1113 C  CG    . LYS C 3 83 ? 10.515  16.591  -1.891  1.00 25.42 ? 183 LYS A CG    1 
ATOM   1114 C  CD    . LYS C 3 83 ? 10.120  15.975  -3.220  1.00 26.77 ? 183 LYS A CD    1 
ATOM   1115 C  CE    . LYS C 3 83 ? 8.617   16.056  -3.425  1.00 28.10 ? 183 LYS A CE    1 
ATOM   1116 N  NZ    . LYS C 3 83 ? 8.024   17.149  -2.591  1.00 29.49 ? 183 LYS A NZ    1 
ATOM   1117 N  N     . ILE C 3 84 ? 11.173  19.022  0.604   1.00 22.02 ? 184 ILE A N     1 
ATOM   1118 C  CA    . ILE C 3 84 ? 10.751  20.410  0.663   1.00 22.05 ? 184 ILE A CA    1 
ATOM   1119 C  C     . ILE C 3 84 ? 11.858  21.281  1.272   1.00 23.00 ? 184 ILE A C     1 
ATOM   1120 O  O     . ILE C 3 84 ? 11.871  22.497  1.089   1.00 23.07 ? 184 ILE A O     1 
ATOM   1121 C  CB    . ILE C 3 84 ? 9.418   20.591  1.476   1.00 22.05 ? 184 ILE A CB    1 
ATOM   1122 C  CG1   . ILE C 3 84 ? 9.655   20.429  2.983   1.00 20.07 ? 184 ILE A CG1   1 
ATOM   1123 C  CG2   . ILE C 3 84 ? 8.347   19.612  0.981   1.00 20.94 ? 184 ILE A CG2   1 
ATOM   1124 C  CD1   . ILE C 3 84 ? 8.486   20.856  3.803   1.00 18.95 ? 184 ILE A CD1   1 
ATOM   1125 N  N     . HIS C 3 85 ? 12.814  20.648  1.951   1.00 24.10 ? 185 HIS A N     1 
ATOM   1126 C  CA    . HIS C 3 85 ? 13.904  21.373  2.607   1.00 25.47 ? 185 HIS A CA    1 
ATOM   1127 C  C     . HIS C 3 85 ? 14.972  21.795  1.617   1.00 27.78 ? 185 HIS A C     1 
ATOM   1128 O  O     . HIS C 3 85 ? 15.908  22.517  1.976   1.00 27.99 ? 185 HIS A O     1 
ATOM   1129 C  CB    . HIS C 3 85 ? 14.544  20.521  3.681   1.00 23.08 ? 185 HIS A CB    1 
ATOM   1130 C  CG    . HIS C 3 85 ? 13.608  20.172  4.782   1.00 21.19 ? 185 HIS A CG    1 
ATOM   1131 N  ND1   . HIS C 3 85 ? 12.964  21.124  5.538   1.00 19.73 ? 185 HIS A ND1   1 
ATOM   1132 C  CD2   . HIS C 3 85 ? 13.202  18.971  5.257   1.00 20.10 ? 185 HIS A CD2   1 
ATOM   1133 C  CE1   . HIS C 3 85 ? 12.212  20.526  6.443   1.00 20.18 ? 185 HIS A CE1   1 
ATOM   1134 N  NE2   . HIS C 3 85 ? 12.336  19.223  6.295   1.00 19.67 ? 185 HIS A NE2   1 
ATOM   1135 N  N     . LEU C 3 86 ? 14.824  21.333  0.406   1.00 30.47 ? 186 LEU A N     1 
ATOM   1136 C  CA    . LEU C 3 86 ? 15.766  21.690  -0.600  1.00 33.85 ? 186 LEU A CA    1 
ATOM   1137 C  C     . LEU C 3 86 ? 15.452  23.077  -1.070  1.00 36.92 ? 186 LEU A C     1 
ATOM   1138 O  O     . LEU C 3 86 ? 14.526  23.734  -0.623  1.00 37.35 ? 186 LEU A O     1 
ATOM   1139 C  CB    . LEU C 3 86 ? 15.628  20.777  -1.842  1.00 32.35 ? 186 LEU A CB    1 
ATOM   1140 C  CG    . LEU C 3 86 ? 15.918  19.285  -1.737  1.00 31.77 ? 186 LEU A CG    1 
ATOM   1141 C  CD1   . LEU C 3 86 ? 15.770  18.668  -3.119  1.00 31.75 ? 186 LEU A CD1   1 
ATOM   1142 C  CD2   . LEU C 3 86 ? 17.306  19.076  -1.203  1.00 30.61 ? 186 LEU A CD2   1 
ATOM   1143 N  N     . ARG C 3 87 ? 16.371  23.529  -1.938  1.00 40.51 ? 187 ARG A N     1 
ATOM   1144 C  CA    . ARG C 3 87 ? 16.335  24.796  -2.661  1.00 44.10 ? 187 ARG A CA    1 
ATOM   1145 C  C     . ARG C 3 87 ? 17.630  24.887  -3.484  1.00 44.71 ? 187 ARG A C     1 
ATOM   1146 O  O     . ARG C 3 87 ? 18.717  25.070  -2.913  1.00 45.99 ? 187 ARG A O     1 
ATOM   1147 C  CB    . ARG C 3 87 ? 16.236  25.939  -1.649  1.00 46.77 ? 187 ARG A CB    1 
ATOM   1148 C  CG    . ARG C 3 87 ? 16.006  27.284  -2.297  1.00 51.31 ? 187 ARG A CG    1 
ATOM   1149 C  CD    . ARG C 3 87 ? 14.854  27.304  -3.352  1.00 54.22 ? 187 ARG A CD    1 
ATOM   1150 N  NE    . ARG C 3 87 ? 15.018  28.274  -4.468  1.00 57.32 ? 187 ARG A NE    1 
ATOM   1151 C  CZ    . ARG C 3 87 ? 16.102  29.024  -4.754  1.00 59.01 ? 187 ARG A CZ    1 
ATOM   1152 N  NH1   . ARG C 3 87 ? 17.216  28.992  -4.026  1.00 60.31 ? 187 ARG A NH1   1 
ATOM   1153 N  NH2   . ARG C 3 87 ? 16.099  29.814  -5.828  1.00 60.39 ? 187 ARG A NH2   1 
HETATM 1154 ZN ZN    . ZN  D 4 .  ? -5.825  -8.491  -14.982 1.00 43.71 ? 201 ZN  A ZN    1 
HETATM 1155 ZN ZN    . ZN  E 4 .  ? -9.843  1.612   10.129  1.00 26.47 ? 202 ZN  A ZN    1 
HETATM 1156 ZN ZN    . ZN  F 4 .  ? 11.509  17.945  7.453   1.00 21.84 ? 203 ZN  A ZN    1 
HETATM 1157 O  O     . HOH G 5 .  ? -1.986  4.048   4.155   1.00 16.25 ? 316 HOH B O     1 
HETATM 1158 O  O     . HOH G 5 .  ? -5.583  0.116   0.630   1.00 20.47 ? 318 HOH B O     1 
HETATM 1159 O  O     . HOH G 5 .  ? -8.183  -2.310  -0.645  1.00 33.39 ? 320 HOH B O     1 
HETATM 1160 O  O     . HOH G 5 .  ? -8.400  -2.662  -3.280  1.00 28.24 ? 321 HOH B O     1 
HETATM 1161 O  O     . HOH G 5 .  ? -10.586 -0.743  -3.534  1.00 44.09 ? 322 HOH B O     1 
HETATM 1162 O  O     . HOH G 5 .  ? -9.505  0.186   -6.740  1.00 38.81 ? 323 HOH B O     1 
HETATM 1163 O  O     . HOH G 5 .  ? -7.780  -2.122  -7.470  1.00 40.46 ? 324 HOH B O     1 
HETATM 1164 O  O     . HOH G 5 .  ? -6.896  -5.814  -5.316  1.00 42.86 ? 327 HOH B O     1 
HETATM 1165 O  O     . HOH G 5 .  ? -2.140  -4.772  -4.740  1.00 24.64 ? 329 HOH B O     1 
HETATM 1166 O  O     . HOH G 5 .  ? 10.818  -13.972 -3.708  1.00 37.70 ? 335 HOH B O     1 
HETATM 1167 O  O     . HOH G 5 .  ? 15.067  -13.252 -0.054  1.00 34.06 ? 336 HOH B O     1 
HETATM 1168 O  O     . HOH G 5 .  ? 15.246  -15.813 0.768   1.00 33.42 ? 337 HOH B O     1 
HETATM 1169 O  O     . HOH G 5 .  ? 14.781  -16.819 3.383   1.00 27.77 ? 338 HOH B O     1 
HETATM 1170 O  O     . HOH G 5 .  ? 14.849  -15.854 5.796   1.00 19.39 ? 339 HOH B O     1 
HETATM 1171 O  O     . HOH G 5 .  ? 15.446  -11.281 6.964   1.00 37.22 ? 340 HOH B O     1 
HETATM 1172 O  O     . HOH G 5 .  ? 13.437  -9.671  9.051   1.00 55.19 ? 341 HOH B O     1 
HETATM 1173 O  O     . HOH G 5 .  ? -8.602  6.653   5.518   1.00 20.76 ? 361 HOH B O     1 
HETATM 1174 O  O     . HOH G 5 .  ? -10.264 -0.236  1.443   1.00 26.87 ? 367 HOH B O     1 
HETATM 1175 O  O     . HOH G 5 .  ? -10.365 3.919   -3.252  1.00 34.86 ? 369 HOH B O     1 
HETATM 1176 O  O     . HOH G 5 .  ? -6.433  5.423   -3.669  1.00 44.10 ? 370 HOH B O     1 
HETATM 1177 O  O     . HOH G 5 .  ? -5.560  3.434   -6.107  1.00 41.69 ? 371 HOH B O     1 
HETATM 1178 O  O     . HOH G 5 .  ? 10.343  -3.156  -5.802  1.00 28.97 ? 376 HOH B O     1 
HETATM 1179 O  O     . HOH G 5 .  ? 12.456  -3.752  -10.075 1.00 34.12 ? 377 HOH B O     1 
HETATM 1180 O  O     . HOH G 5 .  ? 3.062   9.931   0.235   1.00 17.85 ? 386 HOH B O     1 
HETATM 1181 O  O     . HOH G 5 .  ? 1.473   2.844   1.626   1.00 29.40 ? 412 HOH B O     1 
HETATM 1182 O  O     . HOH G 5 .  ? 17.166  -6.759  1.816   1.00 33.51 ? 414 HOH B O     1 
HETATM 1183 O  O     . HOH H 5 .  ? 3.248   -14.409 -3.130  1.00 47.85 ? 332 HOH C O     1 
HETATM 1184 O  O     . HOH H 5 .  ? 5.947   -14.071 -3.600  1.00 34.03 ? 333 HOH C O     1 
HETATM 1185 O  O     . HOH H 5 .  ? 7.202   -16.991 -4.268  1.00 42.13 ? 334 HOH C O     1 
HETATM 1186 O  O     . HOH H 5 .  ? 7.242   -11.095 6.565   1.00 37.58 ? 342 HOH C O     1 
HETATM 1187 O  O     . HOH H 5 .  ? 6.002   -14.003 7.044   1.00 34.48 ? 343 HOH C O     1 
HETATM 1188 O  O     . HOH H 5 .  ? 0.114   -10.694 4.131   1.00 33.51 ? 344 HOH C O     1 
HETATM 1189 O  O     . HOH H 5 .  ? 3.641   -11.617 -1.902  1.00 43.47 ? 347 HOH C O     1 
HETATM 1190 O  O     . HOH H 5 .  ? 2.031   -6.901  6.090   1.00 27.17 ? 348 HOH C O     1 
HETATM 1191 O  O     . HOH H 5 .  ? 0.139   -7.723  9.668   1.00 46.40 ? 350 HOH C O     1 
HETATM 1192 O  O     . HOH H 5 .  ? -3.596  -8.291  8.473   1.00 38.86 ? 352 HOH C O     1 
HETATM 1193 O  O     . HOH H 5 .  ? -2.387  -10.595 7.485   1.00 37.80 ? 353 HOH C O     1 
HETATM 1194 O  O     . HOH H 5 .  ? -1.491  3.900   -7.917  1.00 53.26 ? 372 HOH C O     1 
HETATM 1195 O  O     . HOH H 5 .  ? 2.342   3.294   -8.526  1.00 25.32 ? 373 HOH C O     1 
HETATM 1196 O  O     . HOH H 5 .  ? 6.557   1.402   -7.791  1.00 32.61 ? 374 HOH C O     1 
HETATM 1197 O  O     . HOH H 5 .  ? 9.447   1.057   -8.347  1.00 51.95 ? 375 HOH C O     1 
HETATM 1198 O  O     . HOH H 5 .  ? 12.249  4.645   1.393   1.00 34.75 ? 380 HOH C O     1 
HETATM 1199 O  O     . HOH H 5 .  ? 7.117   6.864   -2.834  1.00 35.16 ? 381 HOH C O     1 
HETATM 1200 O  O     . HOH H 5 .  ? 8.518   7.847   -5.099  1.00 22.15 ? 382 HOH C O     1 
HETATM 1201 O  O     . HOH H 5 .  ? 3.883   10.014  -2.410  1.00 23.94 ? 385 HOH C O     1 
HETATM 1202 O  O     . HOH H 5 .  ? 2.000   11.938  -3.701  1.00 24.62 ? 387 HOH C O     1 
HETATM 1203 O  O     . HOH H 5 .  ? -0.181  14.141  -6.423  1.00 30.49 ? 388 HOH C O     1 
HETATM 1204 O  O     . HOH I 5 .  ? 11.738  10.700  16.633  1.00 37.96 ? 301 HOH A O     1 
HETATM 1205 O  O     . HOH I 5 .  ? 12.565  8.585   15.063  1.00 36.81 ? 302 HOH A O     1 
HETATM 1206 O  O     . HOH I 5 .  ? 12.112  7.838   12.243  1.00 28.39 ? 303 HOH A O     1 
HETATM 1207 O  O     . HOH I 5 .  ? 10.607  4.147   11.854  1.00 49.79 ? 304 HOH A O     1 
HETATM 1208 O  O     . HOH I 5 .  ? 8.489   8.740   14.898  1.00 37.97 ? 305 HOH A O     1 
HETATM 1209 O  O     . HOH I 5 .  ? 4.175   7.915   17.000  1.00 39.14 ? 306 HOH A O     1 
HETATM 1210 O  O     . HOH I 5 .  ? 0.358   7.152   19.161  1.00 25.94 ? 307 HOH A O     1 
HETATM 1211 O  O     . HOH I 5 .  ? 0.333   11.453  15.837  1.00 34.04 ? 308 HOH A O     1 
HETATM 1212 O  O     . HOH I 5 .  ? 3.808   13.818  15.795  1.00 43.51 ? 309 HOH A O     1 
HETATM 1213 O  O     . HOH I 5 .  ? 6.124   15.396  14.186  1.00 15.23 ? 310 HOH A O     1 
HETATM 1214 O  O     . HOH I 5 .  ? 5.598   18.034  13.508  1.00 46.91 ? 311 HOH A O     1 
HETATM 1215 O  O     . HOH I 5 .  ? 3.844   15.190  12.322  1.00 54.03 ? 312 HOH A O     1 
HETATM 1216 O  O     . HOH I 5 .  ? 1.641   10.867  8.390   1.00 14.11 ? 313 HOH A O     1 
HETATM 1217 O  O     . HOH I 5 .  ? -1.134  8.337   6.310   1.00 18.68 ? 314 HOH A O     1 
HETATM 1218 O  O     . HOH I 5 .  ? -1.269  5.687   6.355   1.00 26.08 ? 315 HOH A O     1 
HETATM 1219 O  O     . HOH I 5 .  ? -4.499  1.439   3.146   1.00 21.48 ? 317 HOH A O     1 
HETATM 1220 O  O     . HOH I 5 .  ? -5.179  -2.709  0.401   1.00 14.00 ? 319 HOH A O     1 
HETATM 1221 O  O     . HOH I 5 .  ? -10.373 -4.044  -6.635  1.00 54.02 ? 325 HOH A O     1 
HETATM 1222 O  O     . HOH I 5 .  ? -9.222  -6.590  -4.053  1.00 43.87 ? 326 HOH A O     1 
HETATM 1223 O  O     . HOH I 5 .  ? -4.457  -6.591  -4.649  1.00 33.02 ? 328 HOH A O     1 
HETATM 1224 O  O     . HOH I 5 .  ? 0.795   -7.345  -8.355  1.00 30.96 ? 330 HOH A O     1 
HETATM 1225 O  O     . HOH I 5 .  ? 0.817   -12.696 -4.620  1.00 45.63 ? 331 HOH A O     1 
HETATM 1226 O  O     . HOH I 5 .  ? -1.699  -8.954  1.781   1.00 25.29 ? 345 HOH A O     1 
HETATM 1227 O  O     . HOH I 5 .  ? -0.046  -8.916  -0.495  1.00 31.06 ? 346 HOH A O     1 
HETATM 1228 O  O     . HOH I 5 .  ? 2.424   -4.583  7.572   1.00 24.23 ? 349 HOH A O     1 
HETATM 1229 O  O     . HOH I 5 .  ? -1.940  -5.997  8.405   1.00 37.40 ? 351 HOH A O     1 
HETATM 1230 O  O     . HOH I 5 .  ? -1.353  -4.173  11.331  1.00 41.50 ? 354 HOH A O     1 
HETATM 1231 O  O     . HOH I 5 .  ? -0.573  -0.072  12.331  1.00 30.83 ? 355 HOH A O     1 
HETATM 1232 O  O     . HOH I 5 .  ? 2.451   -0.125  13.106  1.00 30.13 ? 356 HOH A O     1 
HETATM 1233 O  O     . HOH I 5 .  ? -0.662  1.902   14.855  1.00 30.21 ? 357 HOH A O     1 
HETATM 1234 O  O     . HOH I 5 .  ? -0.796  8.494   12.117  1.00 27.31 ? 358 HOH A O     1 
HETATM 1235 O  O     . HOH I 5 .  ? -4.371  10.170  12.843  1.00 67.11 ? 359 HOH A O     1 
HETATM 1236 O  O     . HOH I 5 .  ? -8.762  6.895   9.109   1.00 37.11 ? 360 HOH A O     1 
HETATM 1237 O  O     . HOH I 5 .  ? -10.916 5.029   5.350   1.00 35.94 ? 362 HOH A O     1 
HETATM 1238 O  O     . HOH I 5 .  ? -11.813 4.383   8.017   1.00 35.99 ? 363 HOH A O     1 
HETATM 1239 O  O     . HOH I 5 .  ? -16.153 0.202   7.432   1.00 35.96 ? 364 HOH A O     1 
HETATM 1240 O  O     . HOH I 5 .  ? -17.210 -3.919  7.015   1.00 27.89 ? 365 HOH A O     1 
HETATM 1241 O  O     . HOH I 5 .  ? -14.879 -1.312  3.375   1.00 41.56 ? 366 HOH A O     1 
HETATM 1242 O  O     . HOH I 5 .  ? -11.127 5.273   -0.796  1.00 30.44 ? 368 HOH A O     1 
HETATM 1243 O  O     . HOH I 5 .  ? 9.012   5.450   -1.530  1.00 25.08 ? 378 HOH A O     1 
HETATM 1244 O  O     . HOH I 5 .  ? 9.344   4.983   1.050   1.00 30.87 ? 379 HOH A O     1 
HETATM 1245 O  O     . HOH I 5 .  ? 6.986   9.586   -1.699  1.00 23.15 ? 383 HOH A O     1 
HETATM 1246 O  O     . HOH I 5 .  ? 8.291   11.648  -3.007  1.00 25.04 ? 384 HOH A O     1 
HETATM 1247 O  O     . HOH I 5 .  ? 4.721   14.099  2.813   1.00 19.46 ? 389 HOH A O     1 
HETATM 1248 O  O     . HOH I 5 .  ? 2.308   13.932  4.113   1.00 25.49 ? 390 HOH A O     1 
HETATM 1249 O  O     . HOH I 5 .  ? 6.759   20.372  7.553   1.00 27.14 ? 391 HOH A O     1 
HETATM 1250 O  O     . HOH I 5 .  ? 8.731   20.601  9.724   1.00 41.00 ? 392 HOH A O     1 
HETATM 1251 O  O     . HOH I 5 .  ? 10.405  22.986  8.184   1.00 35.18 ? 393 HOH A O     1 
HETATM 1252 O  O     . HOH I 5 .  ? 13.510  22.191  11.361  1.00 40.08 ? 394 HOH A O     1 
HETATM 1253 O  O     . HOH I 5 .  ? 16.309  21.338  11.875  1.00 39.60 ? 395 HOH A O     1 
HETATM 1254 O  O     . HOH I 5 .  ? 13.211  23.843  5.183   1.00 22.67 ? 396 HOH A O     1 
HETATM 1255 O  O     . HOH I 5 .  ? 13.225  24.904  2.752   1.00 29.65 ? 397 HOH A O     1 
HETATM 1256 O  O     . HOH I 5 .  ? 11.410  23.713  -1.494  1.00 39.94 ? 398 HOH A O     1 
HETATM 1257 O  O     . HOH I 5 .  ? 11.791  21.101  -2.816  1.00 28.38 ? 399 HOH A O     1 
HETATM 1258 O  O     . HOH I 5 .  ? 12.770  21.228  -5.550  1.00 42.11 ? 400 HOH A O     1 
HETATM 1259 O  O     . HOH I 5 .  ? 14.813  22.981  -4.902  1.00 41.17 ? 401 HOH A O     1 
HETATM 1260 O  O     . HOH I 5 .  ? 18.162  24.095  1.432   1.00 25.14 ? 402 HOH A O     1 
HETATM 1261 O  O     . HOH I 5 .  ? 14.491  12.488  6.273   1.00 24.16 ? 403 HOH A O     1 
HETATM 1262 O  O     . HOH I 5 .  ? 14.975  11.585  11.181  1.00 23.98 ? 404 HOH A O     1 
HETATM 1263 O  O     . HOH I 5 .  ? 14.671  13.082  13.403  1.00 30.85 ? 405 HOH A O     1 
HETATM 1264 O  O     . HOH I 5 .  ? 11.178  13.796  15.593  1.00 35.67 ? 406 HOH A O     1 
HETATM 1265 O  O     . HOH I 5 .  ? 5.653   3.306   5.561   1.00 20.85 ? 407 HOH A O     1 
HETATM 1266 O  O     . HOH I 5 .  ? 5.187   1.098   7.292   1.00 23.42 ? 408 HOH A O     1 
HETATM 1267 O  O     . HOH I 5 .  ? 4.692   -0.841  4.373   1.00 21.88 ? 409 HOH A O     1 
HETATM 1268 O  O     . HOH I 5 .  ? 3.047   -1.081  2.056   1.00 29.35 ? 410 HOH A O     1 
HETATM 1269 O  O     . HOH I 5 .  ? 0.805   0.634   3.039   1.00 19.18 ? 411 HOH A O     1 
HETATM 1270 O  O     . HOH I 5 .  ? 4.277   3.311   1.398   1.00 26.07 ? 413 HOH A O     1 
HETATM 1271 O  O     . HOH I 5 .  ? 6.440   -19.311 -10.437 1.00 47.22 ? 415 HOH A O     1 
HETATM 1272 O  O     . HOH I 5 .  ? -0.330  -16.939 -9.884  1.00 40.82 ? 416 HOH A O     1 
HETATM 1273 O  O     . HOH I 5 .  ? -9.065  -13.423 -4.789  1.00 33.89 ? 417 HOH A O     1 
HETATM 1274 O  O     . HOH I 5 .  ? -12.009 -8.339  5.404   1.00 33.17 ? 418 HOH A O     1 
HETATM 1275 O  O     . HOH I 5 .  ? -11.194 -9.960  7.639   1.00 40.01 ? 419 HOH A O     1 
HETATM 1276 O  O     . HOH I 5 .  ? -10.929 -8.185  16.191  1.00 34.09 ? 420 HOH A O     1 
HETATM 1277 O  O     . HOH I 5 .  ? -12.423 -3.489  17.395  1.00 28.77 ? 421 HOH A O     1 
# 
loop_
_pdbx_poly_seq_scheme.asym_id 
_pdbx_poly_seq_scheme.entity_id 
_pdbx_poly_seq_scheme.seq_id 
_pdbx_poly_seq_scheme.mon_id 
_pdbx_poly_seq_scheme.ndb_seq_num 
_pdbx_poly_seq_scheme.pdb_seq_num 
_pdbx_poly_seq_scheme.auth_seq_num 
_pdbx_poly_seq_scheme.pdb_mon_id 
_pdbx_poly_seq_scheme.auth_mon_id 
_pdbx_poly_seq_scheme.pdb_strand_id 
_pdbx_poly_seq_scheme.pdb_ins_code 
_pdbx_poly_seq_scheme.hetero 
A 1 1  DA  1  1   1   DA  A   B . n 
A 1 2  DG  2  2   2   DG  G   B . n 
A 1 3  DC  3  3   3   DC  C   B . n 
A 1 4  DG  4  4   4   DG  G   B . n 
A 1 5  DT  5  5   5   DT  T   B . n 
A 1 6  DG  6  6   6   DG  G   B . n 
A 1 7  DG  7  7   7   DG  G   B . n 
A 1 8  DG  8  8   8   DG  G   B . n 
A 1 9  DA  9  9   9   DA  A   B . n 
A 1 10 DC  10 10  10  DC  C   B . n 
A 1 11 DC  11 11  11  DC  C   B . n 
B 2 1  DT  1  51  51  DT  T   C . n 
B 2 2  DG  2  52  52  DG  G   C . n 
B 2 3  DG  3  53  53  DG  G   C . n 
B 2 4  DT  4  54  54  DT  T   C . n 
B 2 5  DC  5  55  55  DC  C   C . n 
B 2 6  DC  6  56  56  DC  C   C . n 
B 2 7  DC  7  57  57  DC  C   C . n 
B 2 8  DA  8  58  58  DA  A   C . n 
B 2 9  DC  9  59  59  DC  C   C . n 
B 2 10 DG  10 60  60  DG  G   C . n 
B 2 11 DC  11 61  61  DC  C   C . n 
C 3 1  MET 1  101 ?   ?   ?   A . n 
C 3 2  GLU 2  102 ?   ?   ?   A . n 
C 3 3  ARG 3  103 103 ARG ARG A . n 
C 3 4  PRO 4  104 104 PRO PRO A . n 
C 3 5  TYR 5  105 105 TYR TYR A . n 
C 3 6  ALA 6  106 106 ALA ALA A . n 
C 3 7  CYS 7  107 107 CYS CYS A . n 
C 3 8  PRO 8  108 108 PRO PRO A . n 
C 3 9  VAL 9  109 109 VAL VAL A . n 
C 3 10 GLU 10 110 110 GLU GLU A . n 
C 3 11 SER 11 111 111 SER SER A . n 
C 3 12 CYS 12 112 112 CYS CYS A . n 
C 3 13 ASP 13 113 113 ASP ASP A . n 
C 3 14 ARG 14 114 114 ARG ARG A . n 
C 3 15 ARG 15 115 115 ARG ARG A . n 
C 3 16 PHE 16 116 116 PHE PHE A . n 
C 3 17 SER 17 117 117 SER SER A . n 
C 3 18 ARG 18 118 118 ARG ARG A . n 
C 3 19 SER 19 119 119 SER SER A . n 
C 3 20 ALA 20 120 120 ALA ALA A . n 
C 3 21 ASP 21 121 121 ASP ASP A . n 
C 3 22 LEU 22 122 122 LEU LEU A . n 
C 3 23 THR 23 123 123 THR THR A . n 
C 3 24 ARG 24 124 124 ARG ARG A . n 
C 3 25 HIS 25 125 125 HIS HIS A . n 
C 3 26 ILE 26 126 126 ILE ILE A . n 
C 3 27 ARG 27 127 127 ARG ARG A . n 
C 3 28 ILE 28 128 128 ILE ILE A . n 
C 3 29 HIS 29 129 129 HIS HIS A . n 
C 3 30 THR 30 130 130 THR THR A . n 
C 3 31 GLY 31 131 131 GLY GLY A . n 
C 3 32 GLN 32 132 132 GLN GLN A . n 
C 3 33 LYS 33 133 133 LYS LYS A . n 
C 3 34 PRO 34 134 134 PRO PRO A . n 
C 3 35 PHE 35 135 135 PHE PHE A . n 
C 3 36 GLN 36 136 136 GLN GLN A . n 
C 3 37 CYS 37 137 137 CYS CYS A . n 
C 3 38 ARG 38 138 138 ARG ARG A . n 
C 3 39 ILE 39 139 139 ILE ILE A . n 
C 3 40 CYS 40 140 140 CYS CYS A . n 
C 3 41 MET 41 141 141 MET MET A . n 
C 3 42 ARG 42 142 142 ARG ARG A . n 
C 3 43 ASN 43 143 143 ASN ASN A . n 
C 3 44 PHE 44 144 144 PHE PHE A . n 
C 3 45 SER 45 145 145 SER SER A . n 
C 3 46 ARG 46 146 146 ARG ARG A . n 
C 3 47 SER 47 147 147 SER SER A . n 
C 3 48 ASP 48 148 148 ASP ASP A . n 
C 3 49 HIS 49 149 149 HIS HIS A . n 
C 3 50 LEU 50 150 150 LEU LEU A . n 
C 3 51 THR 51 151 151 THR THR A . n 
C 3 52 THR 52 152 152 THR THR A . n 
C 3 53 HIS 53 153 153 HIS HIS A . n 
C 3 54 ILE 54 154 154 ILE ILE A . n 
C 3 55 ARG 55 155 155 ARG ARG A . n 
C 3 56 THR 56 156 156 THR THR A . n 
C 3 57 HIS 57 157 157 HIS HIS A . n 
C 3 58 THR 58 158 158 THR THR A . n 
C 3 59 GLY 59 159 159 GLY GLY A . n 
C 3 60 GLU 60 160 160 GLU GLU A . n 
C 3 61 LYS 61 161 161 LYS LYS A . n 
C 3 62 PRO 62 162 162 PRO PRO A . n 
C 3 63 PHE 63 163 163 PHE PHE A . n 
C 3 64 ALA 64 164 164 ALA ALA A . n 
C 3 65 CYS 65 165 165 CYS CYS A . n 
C 3 66 ASP 66 166 166 ASP ASP A . n 
C 3 67 ILE 67 167 167 ILE ILE A . n 
C 3 68 CYS 68 168 168 CYS CYS A . n 
C 3 69 GLY 69 169 169 GLY GLY A . n 
C 3 70 ARG 70 170 170 ARG ARG A . n 
C 3 71 LYS 71 171 171 LYS LYS A . n 
C 3 72 PHE 72 172 172 PHE PHE A . n 
C 3 73 ALA 73 173 173 ALA ALA A . n 
C 3 74 ARG 74 174 174 ARG ARG A . n 
C 3 75 SER 75 175 175 SER SER A . n 
C 3 76 ASP 76 176 176 ASP ASP A . n 
C 3 77 GLU 77 177 177 GLU GLU A . n 
C 3 78 ARG 78 178 178 ARG ARG A . n 
C 3 79 LYS 79 179 179 LYS LYS A . n 
C 3 80 ARG 80 180 180 ARG ARG A . n 
C 3 81 HIS 81 181 181 HIS HIS A . n 
C 3 82 THR 82 182 182 THR THR A . n 
C 3 83 LYS 83 183 183 LYS LYS A . n 
C 3 84 ILE 84 184 184 ILE ILE A . n 
C 3 85 HIS 85 185 185 HIS HIS A . n 
C 3 86 LEU 86 186 186 LEU LEU A . n 
C 3 87 ARG 87 187 187 ARG ARG A . n 
C 3 88 GLN 88 188 ?   ?   ?   A . n 
C 3 89 LYS 89 189 ?   ?   ?   A . n 
C 3 90 ASP 90 190 ?   ?   ?   A . n 
# 
loop_
_pdbx_nonpoly_scheme.asym_id 
_pdbx_nonpoly_scheme.entity_id 
_pdbx_nonpoly_scheme.mon_id 
_pdbx_nonpoly_scheme.ndb_seq_num 
_pdbx_nonpoly_scheme.pdb_seq_num 
_pdbx_nonpoly_scheme.auth_seq_num 
_pdbx_nonpoly_scheme.pdb_mon_id 
_pdbx_nonpoly_scheme.auth_mon_id 
_pdbx_nonpoly_scheme.pdb_strand_id 
_pdbx_nonpoly_scheme.pdb_ins_code 
D 4 ZN  1  201 201 ZN  ZN  A . 
E 4 ZN  1  202 202 ZN  ZN  A . 
F 4 ZN  1  203 203 ZN  ZN  A . 
G 5 HOH 1  316 316 HOH HOH B . 
G 5 HOH 2  318 318 HOH HOH B . 
G 5 HOH 3  320 320 HOH HOH B . 
G 5 HOH 4  321 321 HOH HOH B . 
G 5 HOH 5  322 322 HOH HOH B . 
G 5 HOH 6  323 323 HOH HOH B . 
G 5 HOH 7  324 324 HOH HOH B . 
G 5 HOH 8  327 327 HOH HOH B . 
G 5 HOH 9  329 329 HOH HOH B . 
G 5 HOH 10 335 335 HOH HOH B . 
G 5 HOH 11 336 336 HOH HOH B . 
G 5 HOH 12 337 337 HOH HOH B . 
G 5 HOH 13 338 338 HOH HOH B . 
G 5 HOH 14 339 339 HOH HOH B . 
G 5 HOH 15 340 340 HOH HOH B . 
G 5 HOH 16 341 341 HOH HOH B . 
G 5 HOH 17 361 361 HOH HOH B . 
G 5 HOH 18 367 367 HOH HOH B . 
G 5 HOH 19 369 369 HOH HOH B . 
G 5 HOH 20 370 370 HOH HOH B . 
G 5 HOH 21 371 371 HOH HOH B . 
G 5 HOH 22 376 376 HOH HOH B . 
G 5 HOH 23 377 377 HOH HOH B . 
G 5 HOH 24 386 386 HOH HOH B . 
G 5 HOH 25 412 412 HOH HOH B . 
G 5 HOH 26 414 414 HOH HOH B . 
H 5 HOH 1  332 332 HOH HOH C . 
H 5 HOH 2  333 333 HOH HOH C . 
H 5 HOH 3  334 334 HOH HOH C . 
H 5 HOH 4  342 342 HOH HOH C . 
H 5 HOH 5  343 343 HOH HOH C . 
H 5 HOH 6  344 344 HOH HOH C . 
H 5 HOH 7  347 347 HOH HOH C . 
H 5 HOH 8  348 348 HOH HOH C . 
H 5 HOH 9  350 350 HOH HOH C . 
H 5 HOH 10 352 352 HOH HOH C . 
H 5 HOH 11 353 353 HOH HOH C . 
H 5 HOH 12 372 372 HOH HOH C . 
H 5 HOH 13 373 373 HOH HOH C . 
H 5 HOH 14 374 374 HOH HOH C . 
H 5 HOH 15 375 375 HOH HOH C . 
H 5 HOH 16 380 380 HOH HOH C . 
H 5 HOH 17 381 381 HOH HOH C . 
H 5 HOH 18 382 382 HOH HOH C . 
H 5 HOH 19 385 385 HOH HOH C . 
H 5 HOH 20 387 387 HOH HOH C . 
H 5 HOH 21 388 388 HOH HOH C . 
I 5 HOH 1  301 301 HOH HOH A . 
I 5 HOH 2  302 302 HOH HOH A . 
I 5 HOH 3  303 303 HOH HOH A . 
I 5 HOH 4  304 304 HOH HOH A . 
I 5 HOH 5  305 305 HOH HOH A . 
I 5 HOH 6  306 306 HOH HOH A . 
I 5 HOH 7  307 307 HOH HOH A . 
I 5 HOH 8  308 308 HOH HOH A . 
I 5 HOH 9  309 309 HOH HOH A . 
I 5 HOH 10 310 310 HOH HOH A . 
I 5 HOH 11 311 311 HOH HOH A . 
I 5 HOH 12 312 312 HOH HOH A . 
I 5 HOH 13 313 313 HOH HOH A . 
I 5 HOH 14 314 314 HOH HOH A . 
I 5 HOH 15 315 315 HOH HOH A . 
I 5 HOH 16 317 317 HOH HOH A . 
I 5 HOH 17 319 319 HOH HOH A . 
I 5 HOH 18 325 325 HOH HOH A . 
I 5 HOH 19 326 326 HOH HOH A . 
I 5 HOH 20 328 328 HOH HOH A . 
I 5 HOH 21 330 330 HOH HOH A . 
I 5 HOH 22 331 331 HOH HOH A . 
I 5 HOH 23 345 345 HOH HOH A . 
I 5 HOH 24 346 346 HOH HOH A . 
I 5 HOH 25 349 349 HOH HOH A . 
I 5 HOH 26 351 351 HOH HOH A . 
I 5 HOH 27 354 354 HOH HOH A . 
I 5 HOH 28 355 355 HOH HOH A . 
I 5 HOH 29 356 356 HOH HOH A . 
I 5 HOH 30 357 357 HOH HOH A . 
I 5 HOH 31 358 358 HOH HOH A . 
I 5 HOH 32 359 359 HOH HOH A . 
I 5 HOH 33 360 360 HOH HOH A . 
I 5 HOH 34 362 362 HOH HOH A . 
I 5 HOH 35 363 363 HOH HOH A . 
I 5 HOH 36 364 364 HOH HOH A . 
I 5 HOH 37 365 365 HOH HOH A . 
I 5 HOH 38 366 366 HOH HOH A . 
I 5 HOH 39 368 368 HOH HOH A . 
I 5 HOH 40 378 378 HOH HOH A . 
I 5 HOH 41 379 379 HOH HOH A . 
I 5 HOH 42 383 383 HOH HOH A . 
I 5 HOH 43 384 384 HOH HOH A . 
I 5 HOH 44 389 389 HOH HOH A . 
I 5 HOH 45 390 390 HOH HOH A . 
I 5 HOH 46 391 391 HOH HOH A . 
I 5 HOH 47 392 392 HOH HOH A . 
I 5 HOH 48 393 393 HOH HOH A . 
I 5 HOH 49 394 394 HOH HOH A . 
I 5 HOH 50 395 395 HOH HOH A . 
I 5 HOH 51 396 396 HOH HOH A . 
I 5 HOH 52 397 397 HOH HOH A . 
I 5 HOH 53 398 398 HOH HOH A . 
I 5 HOH 54 399 399 HOH HOH A . 
I 5 HOH 55 400 400 HOH HOH A . 
I 5 HOH 56 401 401 HOH HOH A . 
I 5 HOH 57 402 402 HOH HOH A . 
I 5 HOH 58 403 403 HOH HOH A . 
I 5 HOH 59 404 404 HOH HOH A . 
I 5 HOH 60 405 405 HOH HOH A . 
I 5 HOH 61 406 406 HOH HOH A . 
I 5 HOH 62 407 407 HOH HOH A . 
I 5 HOH 63 408 408 HOH HOH A . 
I 5 HOH 64 409 409 HOH HOH A . 
I 5 HOH 65 410 410 HOH HOH A . 
I 5 HOH 66 411 411 HOH HOH A . 
I 5 HOH 67 413 413 HOH HOH A . 
I 5 HOH 68 415 415 HOH HOH A . 
I 5 HOH 69 416 416 HOH HOH A . 
I 5 HOH 70 417 417 HOH HOH A . 
I 5 HOH 71 418 418 HOH HOH A . 
I 5 HOH 72 419 419 HOH HOH A . 
I 5 HOH 73 420 420 HOH HOH A . 
I 5 HOH 74 421 421 HOH HOH A . 
# 
_pdbx_struct_assembly.id                   1 
_pdbx_struct_assembly.details              author_defined_assembly 
_pdbx_struct_assembly.method_details       ? 
_pdbx_struct_assembly.oligomeric_details   trimeric 
_pdbx_struct_assembly.oligomeric_count     3 
# 
_pdbx_struct_assembly_gen.assembly_id       1 
_pdbx_struct_assembly_gen.oper_expression   1 
_pdbx_struct_assembly_gen.asym_id_list      A,B,C,D,E,F,G,H,I 
# 
_pdbx_struct_oper_list.id                   1 
_pdbx_struct_oper_list.type                 'identity operation' 
_pdbx_struct_oper_list.name                 1_555 
_pdbx_struct_oper_list.symmetry_operation   x,y,z 
_pdbx_struct_oper_list.matrix[1][1]         1.0000000000 
_pdbx_struct_oper_list.matrix[1][2]         0.0000000000 
_pdbx_struct_oper_list.matrix[1][3]         0.0000000000 
_pdbx_struct_oper_list.vector[1]            0.0000000000 
_pdbx_struct_oper_list.matrix[2][1]         0.0000000000 
_pdbx_struct_oper_list.matrix[2][2]         1.0000000000 
_pdbx_struct_oper_list.matrix[2][3]         0.0000000000 
_pdbx_struct_oper_list.vector[2]            0.0000000000 
_pdbx_struct_oper_list.matrix[3][1]         0.0000000000 
_pdbx_struct_oper_list.matrix[3][2]         0.0000000000 
_pdbx_struct_oper_list.matrix[3][3]         1.0000000000 
_pdbx_struct_oper_list.vector[3]            0.0000000000 
# 
loop_
_pdbx_struct_conn_angle.id 
_pdbx_struct_conn_angle.ptnr1_label_atom_id 
_pdbx_struct_conn_angle.ptnr1_label_alt_id 
_pdbx_struct_conn_angle.ptnr1_label_asym_id 
_pdbx_struct_conn_angle.ptnr1_label_comp_id 
_pdbx_struct_conn_angle.ptnr1_label_seq_id 
_pdbx_struct_conn_angle.ptnr1_auth_atom_id 
_pdbx_struct_conn_angle.ptnr1_auth_asym_id 
_pdbx_struct_conn_angle.ptnr1_auth_comp_id 
_pdbx_struct_conn_angle.ptnr1_auth_seq_id 
_pdbx_struct_conn_angle.ptnr1_PDB_ins_code 
_pdbx_struct_conn_angle.ptnr1_symmetry 
_pdbx_struct_conn_angle.ptnr2_label_atom_id 
_pdbx_struct_conn_angle.ptnr2_label_alt_id 
_pdbx_struct_conn_angle.ptnr2_label_asym_id 
_pdbx_struct_conn_angle.ptnr2_label_comp_id 
_pdbx_struct_conn_angle.ptnr2_label_seq_id 
_pdbx_struct_conn_angle.ptnr2_auth_atom_id 
_pdbx_struct_conn_angle.ptnr2_auth_asym_id 
_pdbx_struct_conn_angle.ptnr2_auth_comp_id 
_pdbx_struct_conn_angle.ptnr2_auth_seq_id 
_pdbx_struct_conn_angle.ptnr2_PDB_ins_code 
_pdbx_struct_conn_angle.ptnr2_symmetry 
_pdbx_struct_conn_angle.ptnr3_label_atom_id 
_pdbx_struct_conn_angle.ptnr3_label_alt_id 
_pdbx_struct_conn_angle.ptnr3_label_asym_id 
_pdbx_struct_conn_angle.ptnr3_label_comp_id 
_pdbx_struct_conn_angle.ptnr3_label_seq_id 
_pdbx_struct_conn_angle.ptnr3_auth_atom_id 
_pdbx_struct_conn_angle.ptnr3_auth_asym_id 
_pdbx_struct_conn_angle.ptnr3_auth_comp_id 
_pdbx_struct_conn_angle.ptnr3_auth_seq_id 
_pdbx_struct_conn_angle.ptnr3_PDB_ins_code 
_pdbx_struct_conn_angle.ptnr3_symmetry 
_pdbx_struct_conn_angle.value 
_pdbx_struct_conn_angle.value_esd 
1  SG  ? C CYS 7  ? A CYS 107 ? 1_555 ZN ? D ZN . ? A ZN 201 ? 1_555 SG  ? C CYS 12 ? A CYS 112 ? 1_555 109.8 ? 
2  SG  ? C CYS 7  ? A CYS 107 ? 1_555 ZN ? D ZN . ? A ZN 201 ? 1_555 NE2 ? C HIS 25 ? A HIS 125 ? 1_555 98.6  ? 
3  SG  ? C CYS 12 ? A CYS 112 ? 1_555 ZN ? D ZN . ? A ZN 201 ? 1_555 NE2 ? C HIS 25 ? A HIS 125 ? 1_555 121.2 ? 
4  SG  ? C CYS 7  ? A CYS 107 ? 1_555 ZN ? D ZN . ? A ZN 201 ? 1_555 NE2 ? C HIS 29 ? A HIS 129 ? 1_555 104.1 ? 
5  SG  ? C CYS 12 ? A CYS 112 ? 1_555 ZN ? D ZN . ? A ZN 201 ? 1_555 NE2 ? C HIS 29 ? A HIS 129 ? 1_555 119.4 ? 
6  NE2 ? C HIS 25 ? A HIS 125 ? 1_555 ZN ? D ZN . ? A ZN 201 ? 1_555 NE2 ? C HIS 29 ? A HIS 129 ? 1_555 100.6 ? 
7  SG  ? C CYS 37 ? A CYS 137 ? 1_555 ZN ? E ZN . ? A ZN 202 ? 1_555 SG  ? C CYS 40 ? A CYS 140 ? 1_555 118.5 ? 
8  SG  ? C CYS 37 ? A CYS 137 ? 1_555 ZN ? E ZN . ? A ZN 202 ? 1_555 NE2 ? C HIS 53 ? A HIS 153 ? 1_555 107.3 ? 
9  SG  ? C CYS 40 ? A CYS 140 ? 1_555 ZN ? E ZN . ? A ZN 202 ? 1_555 NE2 ? C HIS 53 ? A HIS 153 ? 1_555 107.8 ? 
10 SG  ? C CYS 37 ? A CYS 137 ? 1_555 ZN ? E ZN . ? A ZN 202 ? 1_555 NE2 ? C HIS 57 ? A HIS 157 ? 1_555 111.1 ? 
11 SG  ? C CYS 40 ? A CYS 140 ? 1_555 ZN ? E ZN . ? A ZN 202 ? 1_555 NE2 ? C HIS 57 ? A HIS 157 ? 1_555 112.5 ? 
12 NE2 ? C HIS 53 ? A HIS 153 ? 1_555 ZN ? E ZN . ? A ZN 202 ? 1_555 NE2 ? C HIS 57 ? A HIS 157 ? 1_555 97.4  ? 
13 SG  ? C CYS 65 ? A CYS 165 ? 1_555 ZN ? F ZN . ? A ZN 203 ? 1_555 SG  ? C CYS 68 ? A CYS 168 ? 1_555 119.9 ? 
14 SG  ? C CYS 65 ? A CYS 165 ? 1_555 ZN ? F ZN . ? A ZN 203 ? 1_555 NE2 ? C HIS 81 ? A HIS 181 ? 1_555 110.4 ? 
15 SG  ? C CYS 68 ? A CYS 168 ? 1_555 ZN ? F ZN . ? A ZN 203 ? 1_555 NE2 ? C HIS 81 ? A HIS 181 ? 1_555 96.3  ? 
16 SG  ? C CYS 65 ? A CYS 165 ? 1_555 ZN ? F ZN . ? A ZN 203 ? 1_555 NE2 ? C HIS 85 ? A HIS 185 ? 1_555 107.5 ? 
17 SG  ? C CYS 68 ? A CYS 168 ? 1_555 ZN ? F ZN . ? A ZN 203 ? 1_555 NE2 ? C HIS 85 ? A HIS 185 ? 1_555 116.8 ? 
18 NE2 ? C HIS 81 ? A HIS 181 ? 1_555 ZN ? F ZN . ? A ZN 203 ? 1_555 NE2 ? C HIS 85 ? A HIS 185 ? 1_555 104.2 ? 
# 
loop_
_pdbx_audit_revision_history.ordinal 
_pdbx_audit_revision_history.data_content_type 
_pdbx_audit_revision_history.major_revision 
_pdbx_audit_revision_history.minor_revision 
_pdbx_audit_revision_history.revision_date 
1 'Structure model' 1 0 1998-06-10 
2 'Structure model' 1 1 2008-05-22 
3 'Structure model' 1 2 2011-07-13 
4 'Structure model' 1 3 2023-08-02 
# 
_pdbx_audit_revision_details.ordinal             1 
_pdbx_audit_revision_details.revision_ordinal    1 
_pdbx_audit_revision_details.data_content_type   'Structure model' 
_pdbx_audit_revision_details.provider            repository 
_pdbx_audit_revision_details.type                'Initial release' 
_pdbx_audit_revision_details.description         ? 
_pdbx_audit_revision_details.details             ? 
# 
loop_
_pdbx_audit_revision_group.ordinal 
_pdbx_audit_revision_group.revision_ordinal 
_pdbx_audit_revision_group.data_content_type 
_pdbx_audit_revision_group.group 
1 2 'Structure model' 'Version format compliance' 
2 3 'Structure model' 'Version format compliance' 
3 4 'Structure model' 'Database references'       
4 4 'Structure model' 'Derived calculations'      
5 4 'Structure model' 'Refinement description'    
# 
loop_
_pdbx_audit_revision_category.ordinal 
_pdbx_audit_revision_category.revision_ordinal 
_pdbx_audit_revision_category.data_content_type 
_pdbx_audit_revision_category.category 
1 4 'Structure model' database_2                    
2 4 'Structure model' pdbx_initial_refinement_model 
3 4 'Structure model' struct_conn                   
4 4 'Structure model' struct_ref_seq_dif            
5 4 'Structure model' struct_site                   
# 
loop_
_pdbx_audit_revision_item.ordinal 
_pdbx_audit_revision_item.revision_ordinal 
_pdbx_audit_revision_item.data_content_type 
_pdbx_audit_revision_item.item 
1  4 'Structure model' '_database_2.pdbx_DOI'                
2  4 'Structure model' '_database_2.pdbx_database_accession' 
3  4 'Structure model' '_struct_conn.ptnr1_auth_comp_id'     
4  4 'Structure model' '_struct_conn.ptnr1_auth_seq_id'      
5  4 'Structure model' '_struct_conn.ptnr1_label_asym_id'    
6  4 'Structure model' '_struct_conn.ptnr1_label_atom_id'    
7  4 'Structure model' '_struct_conn.ptnr1_label_comp_id'    
8  4 'Structure model' '_struct_conn.ptnr1_label_seq_id'     
9  4 'Structure model' '_struct_conn.ptnr2_auth_comp_id'     
10 4 'Structure model' '_struct_conn.ptnr2_auth_seq_id'      
11 4 'Structure model' '_struct_conn.ptnr2_label_asym_id'    
12 4 'Structure model' '_struct_conn.ptnr2_label_atom_id'    
13 4 'Structure model' '_struct_conn.ptnr2_label_comp_id'    
14 4 'Structure model' '_struct_conn.ptnr2_label_seq_id'     
15 4 'Structure model' '_struct_ref_seq_dif.details'         
16 4 'Structure model' '_struct_site.pdbx_auth_asym_id'      
17 4 'Structure model' '_struct_site.pdbx_auth_comp_id'      
18 4 'Structure model' '_struct_site.pdbx_auth_seq_id'       
# 
loop_
_software.name 
_software.classification 
_software.version 
_software.citation_id 
_software.pdbx_ordinal 
X-PLOR    'model building' .   ? 1 
X-PLOR    refinement       3.8 ? 2 
DENZO     'data reduction' .   ? 3 
SCALEPACK 'data scaling'   .   ? 4 
X-PLOR    phasing          .   ? 5 
# 
_pdbx_validate_rmsd_angle.id                         1 
_pdbx_validate_rmsd_angle.PDB_model_num              1 
_pdbx_validate_rmsd_angle.auth_atom_id_1             "C3'" 
_pdbx_validate_rmsd_angle.auth_asym_id_1             C 
_pdbx_validate_rmsd_angle.auth_comp_id_1             DG 
_pdbx_validate_rmsd_angle.auth_seq_id_1              52 
_pdbx_validate_rmsd_angle.PDB_ins_code_1             ? 
_pdbx_validate_rmsd_angle.label_alt_id_1             ? 
_pdbx_validate_rmsd_angle.auth_atom_id_2             "C2'" 
_pdbx_validate_rmsd_angle.auth_asym_id_2             C 
_pdbx_validate_rmsd_angle.auth_comp_id_2             DG 
_pdbx_validate_rmsd_angle.auth_seq_id_2              52 
_pdbx_validate_rmsd_angle.PDB_ins_code_2             ? 
_pdbx_validate_rmsd_angle.label_alt_id_2             ? 
_pdbx_validate_rmsd_angle.auth_atom_id_3             "C1'" 
_pdbx_validate_rmsd_angle.auth_asym_id_3             C 
_pdbx_validate_rmsd_angle.auth_comp_id_3             DG 
_pdbx_validate_rmsd_angle.auth_seq_id_3              52 
_pdbx_validate_rmsd_angle.PDB_ins_code_3             ? 
_pdbx_validate_rmsd_angle.label_alt_id_3             ? 
_pdbx_validate_rmsd_angle.angle_value                96.59 
_pdbx_validate_rmsd_angle.angle_target_value         102.40 
_pdbx_validate_rmsd_angle.angle_deviation            -5.81 
_pdbx_validate_rmsd_angle.angle_standard_deviation   0.80 
_pdbx_validate_rmsd_angle.linker_flag                N 
# 
_pdbx_validate_planes.id              1 
_pdbx_validate_planes.PDB_model_num   1 
_pdbx_validate_planes.auth_comp_id    DC 
_pdbx_validate_planes.auth_asym_id    B 
_pdbx_validate_planes.auth_seq_id     3 
_pdbx_validate_planes.PDB_ins_code    ? 
_pdbx_validate_planes.label_alt_id    ? 
_pdbx_validate_planes.rmsd            0.060 
_pdbx_validate_planes.type            'SIDE CHAIN' 
# 
loop_
_pdbx_unobs_or_zero_occ_residues.id 
_pdbx_unobs_or_zero_occ_residues.PDB_model_num 
_pdbx_unobs_or_zero_occ_residues.polymer_flag 
_pdbx_unobs_or_zero_occ_residues.occupancy_flag 
_pdbx_unobs_or_zero_occ_residues.auth_asym_id 
_pdbx_unobs_or_zero_occ_residues.auth_comp_id 
_pdbx_unobs_or_zero_occ_residues.auth_seq_id 
_pdbx_unobs_or_zero_occ_residues.PDB_ins_code 
_pdbx_unobs_or_zero_occ_residues.label_asym_id 
_pdbx_unobs_or_zero_occ_residues.label_comp_id 
_pdbx_unobs_or_zero_occ_residues.label_seq_id 
1 1 Y 1 A MET 101 ? C MET 1  
2 1 Y 1 A GLU 102 ? C GLU 2  
3 1 Y 1 A GLN 188 ? C GLN 88 
4 1 Y 1 A LYS 189 ? C LYS 89 
5 1 Y 1 A ASP 190 ? C ASP 90 
# 
loop_
_ndb_struct_conf_na.entry_id 
_ndb_struct_conf_na.feature 
1A1K 'double helix'        
1A1K 'b-form double helix' 
# 
loop_
_ndb_struct_na_base_pair.model_number 
_ndb_struct_na_base_pair.i_label_asym_id 
_ndb_struct_na_base_pair.i_label_comp_id 
_ndb_struct_na_base_pair.i_label_seq_id 
_ndb_struct_na_base_pair.i_symmetry 
_ndb_struct_na_base_pair.j_label_asym_id 
_ndb_struct_na_base_pair.j_label_comp_id 
_ndb_struct_na_base_pair.j_label_seq_id 
_ndb_struct_na_base_pair.j_symmetry 
_ndb_struct_na_base_pair.shear 
_ndb_struct_na_base_pair.stretch 
_ndb_struct_na_base_pair.stagger 
_ndb_struct_na_base_pair.buckle 
_ndb_struct_na_base_pair.propeller 
_ndb_struct_na_base_pair.opening 
_ndb_struct_na_base_pair.pair_number 
_ndb_struct_na_base_pair.pair_name 
_ndb_struct_na_base_pair.i_auth_asym_id 
_ndb_struct_na_base_pair.i_auth_seq_id 
_ndb_struct_na_base_pair.i_PDB_ins_code 
_ndb_struct_na_base_pair.j_auth_asym_id 
_ndb_struct_na_base_pair.j_auth_seq_id 
_ndb_struct_na_base_pair.j_PDB_ins_code 
_ndb_struct_na_base_pair.hbond_type_28 
_ndb_struct_na_base_pair.hbond_type_12 
1 A DG 2  1_555 B DC 11 1_555 -0.429 -0.206 -0.035 -4.770 -3.669  2.120  1  B_DG2:DC61_C  B 2  ? C 61 ? 19 1 
1 A DC 3  1_555 B DG 10 1_555 0.296  -0.288 -0.267 10.222 -5.364  1.303  2  B_DC3:DG60_C  B 3  ? C 60 ? 19 1 
1 A DG 4  1_555 B DC 9  1_555 -0.390 -0.227 -0.233 -5.664 -5.418  0.564  3  B_DG4:DC59_C  B 4  ? C 59 ? 19 1 
1 A DT 5  1_555 B DA 8  1_555 0.002  -0.315 -0.107 2.953  -2.346  4.819  4  B_DT5:DA58_C  B 5  ? C 58 ? 20 1 
1 A DG 6  1_555 B DC 7  1_555 -0.620 -0.299 0.169  6.332  -4.765  3.659  5  B_DG6:DC57_C  B 6  ? C 57 ? 19 1 
1 A DG 7  1_555 B DC 6  1_555 -0.507 -0.076 0.189  7.577  -7.006  -1.364 6  B_DG7:DC56_C  B 7  ? C 56 ? 19 1 
1 A DG 8  1_555 B DC 5  1_555 -0.306 -0.255 -0.045 3.443  -10.295 2.162  7  B_DG8:DC55_C  B 8  ? C 55 ? 19 1 
1 A DA 9  1_555 B DT 4  1_555 -0.016 -0.324 0.119  3.236  -6.652  2.893  8  B_DA9:DT54_C  B 9  ? C 54 ? 20 1 
1 A DC 10 1_555 B DG 3  1_555 -0.008 -0.231 0.491  0.415  -9.422  0.666  9  B_DC10:DG53_C B 10 ? C 53 ? 19 1 
1 A DC 11 1_555 B DG 2  1_555 0.170  -0.078 0.020  4.353  -2.967  0.630  10 B_DC11:DG52_C B 11 ? C 52 ? 19 1 
# 
loop_
_ndb_struct_na_base_pair_step.model_number 
_ndb_struct_na_base_pair_step.i_label_asym_id_1 
_ndb_struct_na_base_pair_step.i_label_comp_id_1 
_ndb_struct_na_base_pair_step.i_label_seq_id_1 
_ndb_struct_na_base_pair_step.i_symmetry_1 
_ndb_struct_na_base_pair_step.j_label_asym_id_1 
_ndb_struct_na_base_pair_step.j_label_comp_id_1 
_ndb_struct_na_base_pair_step.j_label_seq_id_1 
_ndb_struct_na_base_pair_step.j_symmetry_1 
_ndb_struct_na_base_pair_step.i_label_asym_id_2 
_ndb_struct_na_base_pair_step.i_label_comp_id_2 
_ndb_struct_na_base_pair_step.i_label_seq_id_2 
_ndb_struct_na_base_pair_step.i_symmetry_2 
_ndb_struct_na_base_pair_step.j_label_asym_id_2 
_ndb_struct_na_base_pair_step.j_label_comp_id_2 
_ndb_struct_na_base_pair_step.j_label_seq_id_2 
_ndb_struct_na_base_pair_step.j_symmetry_2 
_ndb_struct_na_base_pair_step.shift 
_ndb_struct_na_base_pair_step.slide 
_ndb_struct_na_base_pair_step.rise 
_ndb_struct_na_base_pair_step.tilt 
_ndb_struct_na_base_pair_step.roll 
_ndb_struct_na_base_pair_step.twist 
_ndb_struct_na_base_pair_step.x_displacement 
_ndb_struct_na_base_pair_step.y_displacement 
_ndb_struct_na_base_pair_step.helical_rise 
_ndb_struct_na_base_pair_step.inclination 
_ndb_struct_na_base_pair_step.tip 
_ndb_struct_na_base_pair_step.helical_twist 
_ndb_struct_na_base_pair_step.step_number 
_ndb_struct_na_base_pair_step.step_name 
_ndb_struct_na_base_pair_step.i_auth_asym_id_1 
_ndb_struct_na_base_pair_step.i_auth_seq_id_1 
_ndb_struct_na_base_pair_step.i_PDB_ins_code_1 
_ndb_struct_na_base_pair_step.j_auth_asym_id_1 
_ndb_struct_na_base_pair_step.j_auth_seq_id_1 
_ndb_struct_na_base_pair_step.j_PDB_ins_code_1 
_ndb_struct_na_base_pair_step.i_auth_asym_id_2 
_ndb_struct_na_base_pair_step.i_auth_seq_id_2 
_ndb_struct_na_base_pair_step.i_PDB_ins_code_2 
_ndb_struct_na_base_pair_step.j_auth_asym_id_2 
_ndb_struct_na_base_pair_step.j_auth_seq_id_2 
_ndb_struct_na_base_pair_step.j_PDB_ins_code_2 
1 A DG 2  1_555 B DC 11 1_555 A DC 3  1_555 B DG 10 1_555 0.741  -0.276 2.890 2.166  6.652 24.788 -2.267 -1.128 2.776 15.115 
-4.922 25.741 1 BB_DG2DC3:DG60DC61_CC   B 2  ? C 61 ? B 3  ? C 60 ? 
1 A DC 3  1_555 B DG 10 1_555 A DG 4  1_555 B DC 9  1_555 -0.769 -0.323 3.567 -4.071 9.708 35.951 -1.898 0.614  3.432 15.328 6.427 
37.412 2 BB_DC3DG4:DC59DG60_CC   B 3  ? C 60 ? B 4  ? C 59 ? 
1 A DG 4  1_555 B DC 9  1_555 A DT 5  1_555 B DA 8  1_555 0.398  -0.444 3.133 0.468  6.105 25.763 -2.498 -0.753 2.957 13.450 
-1.031 26.468 3 BB_DG4DT5:DA58DC59_CC   B 4  ? C 59 ? B 5  ? C 58 ? 
1 A DT 5  1_555 B DA 8  1_555 A DG 6  1_555 B DC 7  1_555 -0.954 0.036  3.303 -5.847 3.492 32.906 -0.529 0.659  3.403 6.084  
10.186 33.585 4 BB_DT5DG6:DC57DA58_CC   B 5  ? C 58 ? B 6  ? C 57 ? 
1 A DG 6  1_555 B DC 7  1_555 A DG 7  1_555 B DC 6  1_555 -0.734 -0.738 3.261 -1.537 3.168 34.030 -1.750 1.008  3.210 5.395  2.618 
34.206 5 BB_DG6DG7:DC56DC57_CC   B 6  ? C 57 ? B 7  ? C 56 ? 
1 A DG 7  1_555 B DC 6  1_555 A DG 8  1_555 B DC 5  1_555 -0.027 -0.511 3.438 -1.164 5.525 34.578 -1.714 -0.137 3.318 9.220  1.942 
35.022 6 BB_DG7DG8:DC55DC56_CC   B 7  ? C 56 ? B 8  ? C 55 ? 
1 A DG 8  1_555 B DC 5  1_555 A DA 9  1_555 B DT 4  1_555 0.524  -0.551 3.142 -0.046 2.230 36.342 -1.178 -0.845 3.103 3.572  0.074 
36.408 7 BB_DG8DA9:DT54DC55_CC   B 8  ? C 55 ? B 9  ? C 54 ? 
1 A DA 9  1_555 B DT 4  1_555 A DC 10 1_555 B DG 3  1_555 -0.382 -0.541 3.379 -4.980 3.432 30.475 -1.692 -0.275 3.319 6.450  9.359 
31.055 8 BB_DA9DC10:DG53DT54_CC  B 9  ? C 54 ? B 10 ? C 53 ? 
1 A DC 10 1_555 B DG 3  1_555 A DC 11 1_555 B DG 2  1_555 0.305  -0.624 3.228 5.523  0.166 35.189 -1.045 0.300  3.234 0.272  
-9.066 35.606 9 BB_DC10DC11:DG52DG53_CC B 10 ? C 53 ? B 11 ? C 52 ? 
# 
loop_
_pdbx_entity_nonpoly.entity_id 
_pdbx_entity_nonpoly.name 
_pdbx_entity_nonpoly.comp_id 
4 'ZINC ION' ZN  
5 water      HOH 
# 
_pdbx_initial_refinement_model.id               1 
_pdbx_initial_refinement_model.entity_id_list   ? 
_pdbx_initial_refinement_model.type             'experimental model' 
_pdbx_initial_refinement_model.source_name      PDB 
_pdbx_initial_refinement_model.accession_code   1AAY 
_pdbx_initial_refinement_model.details          'PDB ENTRY 1AAY, WITHOUT WATERS AND WITHOUT SIDE CHAINS FOR RESIDUES 18 - 24' 
# 
